data_8VL7
#
_entry.id   8VL7
#
_cell.length_a   55.827
_cell.length_b   56.336
_cell.length_c   162.853
_cell.angle_alpha   93.12
_cell.angle_beta   98.22
_cell.angle_gamma   99.92
#
_symmetry.space_group_name_H-M   'P 1'
#
loop_
_entity.id
_entity.type
_entity.pdbx_description
1 polymer 'Three-prime repair exonuclease 1'
2 non-polymer (2P)-2-[3-bromo-2-(2-hydroxyethoxy)phenyl]-5-hydroxy-1-methyl-N-(1,2-oxazol-4-yl)-6-oxo-1,6-dihydropyrimidine-4-carboxamide
3 non-polymer GLYCEROL
4 non-polymer 'MAGNESIUM ION'
5 non-polymer 'UNKNOWN ATOM OR ION'
6 non-polymer 'TETRAETHYLENE GLYCOL'
7 non-polymer DI(HYDROXYETHYL)ETHER
8 water water
#
_entity_poly.entity_id   1
_entity_poly.type   'polypeptide(L)'
_entity_poly.pdbx_seq_one_letter_code
;GSQALPPGPMQTLIFFDMEATGLPFSQPKVTELCLLAVHRCALESPPTSQGPPPTVPPPPRVVDKLSLCVAPGKACSPAA
SEITGLSTAVLAAHGRQCFDDNLANLLLAFLRRQPQPWCLVAHNGDRYDFPLLQAELAMLGLTSALDGAFCVDSITALKA
LERASSPSEHGPRKSYSLGSIYTRLYGQSPPDSHTAEGDVLALLSICQWRPQALLRWVDAHARPFGTIRPMYG
;
_entity_poly.pdbx_strand_id   A,B,C,D,E,F,G,H
#
loop_
_chem_comp.id
_chem_comp.type
_chem_comp.name
_chem_comp.formula
A1ACJ non-polymer (2P)-2-[3-bromo-2-(2-hydroxyethoxy)phenyl]-5-hydroxy-1-methyl-N-(1,2-oxazol-4-yl)-6-oxo-1,6-dihydropyrimidine-4-carboxamide 'C17 H15 Br N4 O6'
GOL non-polymer GLYCEROL 'C3 H8 O3'
MG non-polymer 'MAGNESIUM ION' 'Mg 2'
PEG non-polymer DI(HYDROXYETHYL)ETHER 'C4 H10 O3'
PG4 non-polymer 'TETRAETHYLENE GLYCOL' 'C8 H18 O5'
UNX non-polymer 'UNKNOWN ATOM OR ION' ?
#
# COMPACT_ATOMS: atom_id res chain seq x y z
N GLY A 8 -3.66 14.65 -15.98
CA GLY A 8 -2.75 13.73 -16.71
C GLY A 8 -3.43 12.39 -17.00
N PRO A 9 -2.67 11.26 -17.08
CA PRO A 9 -3.27 9.96 -17.38
C PRO A 9 -4.27 9.49 -16.32
N MET A 10 -5.48 9.11 -16.75
CA MET A 10 -6.49 8.51 -15.82
C MET A 10 -5.93 7.14 -15.40
N GLN A 11 -5.95 6.83 -14.11
CA GLN A 11 -5.44 5.55 -13.58
C GLN A 11 -6.58 4.51 -13.57
N THR A 12 -7.80 4.93 -13.35
CA THR A 12 -8.99 4.04 -13.31
C THR A 12 -10.06 4.55 -14.27
N LEU A 13 -10.52 3.70 -15.19
CA LEU A 13 -11.75 3.92 -15.96
C LEU A 13 -12.88 3.18 -15.27
N ILE A 14 -13.92 3.90 -14.85
CA ILE A 14 -15.12 3.29 -14.22
C ILE A 14 -16.24 3.35 -15.25
N PHE A 15 -16.42 2.25 -15.96
CA PHE A 15 -17.55 2.09 -16.90
C PHE A 15 -18.82 2.12 -16.07
N PHE A 16 -19.76 2.94 -16.48
CA PHE A 16 -20.89 3.34 -15.62
C PHE A 16 -22.16 3.36 -16.45
N ASP A 17 -23.22 2.77 -15.92
CA ASP A 17 -24.57 2.94 -16.49
C ASP A 17 -25.61 2.92 -15.37
N MET A 18 -26.60 3.78 -15.53
CA MET A 18 -27.84 3.73 -14.74
C MET A 18 -29.00 3.53 -15.70
N GLU A 19 -30.06 2.93 -15.21
CA GLU A 19 -31.40 2.86 -15.83
C GLU A 19 -32.35 3.67 -14.96
N ALA A 20 -33.43 4.17 -15.53
CA ALA A 20 -34.32 5.15 -14.88
C ALA A 20 -35.76 4.81 -15.17
N THR A 21 -36.67 5.54 -14.52
CA THR A 21 -38.13 5.34 -14.62
C THR A 21 -38.65 5.85 -15.98
N GLY A 22 -37.89 6.69 -16.66
CA GLY A 22 -38.35 7.33 -17.92
C GLY A 22 -37.30 8.26 -18.49
N LEU A 23 -37.64 9.01 -19.54
CA LEU A 23 -36.71 9.93 -20.25
C LEU A 23 -36.63 11.23 -19.45
N PRO A 24 -35.61 12.09 -19.69
CA PRO A 24 -35.38 13.25 -18.82
C PRO A 24 -36.59 14.18 -18.61
N PHE A 25 -37.44 14.38 -19.62
CA PHE A 25 -38.62 15.28 -19.49
C PHE A 25 -39.55 14.79 -18.37
N SER A 26 -39.46 13.51 -18.01
CA SER A 26 -40.30 12.87 -16.97
C SER A 26 -39.75 13.12 -15.56
N GLN A 27 -38.61 13.81 -15.44
CA GLN A 27 -37.85 13.97 -14.16
C GLN A 27 -37.73 12.59 -13.52
N PRO A 28 -36.97 11.66 -14.15
CA PRO A 28 -36.95 10.28 -13.74
C PRO A 28 -36.10 10.04 -12.48
N LYS A 29 -36.29 8.85 -11.92
CA LYS A 29 -35.56 8.33 -10.75
C LYS A 29 -34.77 7.09 -11.18
N VAL A 30 -33.60 6.91 -10.60
CA VAL A 30 -32.72 5.73 -10.84
C VAL A 30 -33.46 4.47 -10.40
N THR A 31 -33.49 3.42 -11.24
CA THR A 31 -33.97 2.05 -10.93
C THR A 31 -32.79 1.06 -10.79
N GLU A 32 -31.64 1.34 -11.39
CA GLU A 32 -30.51 0.37 -11.46
C GLU A 32 -29.23 1.11 -11.75
N LEU A 33 -28.11 0.64 -11.23
CA LEU A 33 -26.80 1.22 -11.58
C LEU A 33 -25.74 0.14 -11.58
N CYS A 34 -24.78 0.29 -12.47
CA CYS A 34 -23.60 -0.60 -12.50
C CYS A 34 -22.33 0.21 -12.68
N LEU A 35 -21.33 -0.09 -11.87
CA LEU A 35 -19.96 0.47 -11.98
C LEU A 35 -19.04 -0.72 -12.22
N LEU A 36 -18.19 -0.60 -13.23
CA LEU A 36 -17.12 -1.58 -13.49
C LEU A 36 -15.81 -0.81 -13.61
N ALA A 37 -14.95 -0.94 -12.58
CA ALA A 37 -13.64 -0.26 -12.49
C ALA A 37 -12.53 -1.14 -13.08
N VAL A 38 -11.84 -0.60 -14.08
CA VAL A 38 -10.74 -1.25 -14.83
C VAL A 38 -9.50 -0.37 -14.66
N HIS A 39 -8.36 -0.95 -14.26
CA HIS A 39 -7.08 -0.20 -14.25
C HIS A 39 -6.66 0.09 -15.70
N ARG A 40 -6.09 1.27 -15.90
CA ARG A 40 -5.52 1.71 -17.20
C ARG A 40 -4.76 0.56 -17.90
N CYS A 41 -3.96 -0.22 -17.17
CA CYS A 41 -3.06 -1.24 -17.79
C CYS A 41 -3.89 -2.36 -18.42
N ALA A 42 -5.13 -2.54 -17.97
CA ALA A 42 -6.03 -3.59 -18.49
C ALA A 42 -6.43 -3.24 -19.93
N LEU A 43 -6.47 -1.95 -20.25
CA LEU A 43 -6.79 -1.44 -21.61
C LEU A 43 -5.50 -1.19 -22.39
N GLU A 44 -4.48 -0.59 -21.74
CA GLU A 44 -3.20 -0.18 -22.37
C GLU A 44 -2.46 -1.43 -22.88
N SER A 45 -2.36 -2.48 -22.05
CA SER A 45 -1.49 -3.66 -22.26
C SER A 45 -2.25 -4.96 -21.94
N PRO A 46 -3.34 -5.27 -22.69
CA PRO A 46 -4.08 -6.51 -22.46
C PRO A 46 -3.20 -7.75 -22.58
N PRO A 47 -3.56 -8.89 -21.94
CA PRO A 47 -2.76 -10.11 -22.01
C PRO A 47 -2.54 -10.61 -23.45
N THR A 48 -1.30 -11.00 -23.77
CA THR A 48 -0.86 -11.49 -25.11
C THR A 48 -1.12 -13.00 -25.21
N PRO A 53 -7.40 -14.07 -32.64
CA PRO A 53 -8.26 -13.30 -31.72
C PRO A 53 -9.71 -13.76 -31.76
N PRO A 54 -10.47 -13.70 -30.64
CA PRO A 54 -11.92 -13.92 -30.67
C PRO A 54 -12.61 -12.73 -31.38
N THR A 55 -13.87 -12.87 -31.75
CA THR A 55 -14.62 -11.79 -32.46
C THR A 55 -14.76 -10.59 -31.51
N VAL A 56 -14.93 -10.85 -30.21
CA VAL A 56 -15.11 -9.81 -29.14
C VAL A 56 -14.04 -10.02 -28.08
N PRO A 57 -13.24 -8.99 -27.72
CA PRO A 57 -12.21 -9.16 -26.69
C PRO A 57 -12.84 -9.58 -25.37
N PRO A 58 -12.15 -10.41 -24.55
CA PRO A 58 -12.66 -10.79 -23.24
C PRO A 58 -12.51 -9.64 -22.25
N PRO A 59 -13.33 -9.56 -21.19
CA PRO A 59 -13.09 -8.60 -20.12
C PRO A 59 -11.77 -8.94 -19.42
N PRO A 60 -11.02 -7.96 -18.88
CA PRO A 60 -9.86 -8.26 -18.05
C PRO A 60 -10.22 -9.17 -16.86
N ARG A 61 -9.28 -10.00 -16.43
CA ARG A 61 -9.39 -10.85 -15.21
C ARG A 61 -9.59 -9.98 -13.96
N VAL A 62 -8.83 -8.90 -13.85
CA VAL A 62 -8.81 -8.00 -12.66
C VAL A 62 -9.79 -6.86 -12.92
N VAL A 63 -10.97 -6.90 -12.28
CA VAL A 63 -12.01 -5.85 -12.34
C VAL A 63 -12.61 -5.71 -10.94
N ASP A 64 -13.15 -4.55 -10.65
CA ASP A 64 -14.06 -4.34 -9.51
C ASP A 64 -15.43 -4.05 -10.11
N LYS A 65 -16.49 -4.63 -9.53
CA LYS A 65 -17.85 -4.50 -10.06
C LYS A 65 -18.83 -4.23 -8.94
N LEU A 66 -19.75 -3.28 -9.17
CA LEU A 66 -20.91 -3.01 -8.30
C LEU A 66 -22.15 -2.85 -9.18
N SER A 67 -23.21 -3.60 -8.88
CA SER A 67 -24.49 -3.59 -9.61
C SER A 67 -25.61 -3.63 -8.59
N LEU A 68 -26.49 -2.64 -8.60
CA LEU A 68 -27.50 -2.43 -7.55
C LEU A 68 -28.80 -2.06 -8.22
N CYS A 69 -29.90 -2.54 -7.65
CA CYS A 69 -31.26 -2.09 -7.98
C CYS A 69 -31.69 -1.06 -6.94
N VAL A 70 -32.47 -0.07 -7.38
CA VAL A 70 -32.94 1.06 -6.53
C VAL A 70 -34.47 1.21 -6.65
N ALA A 71 -35.16 1.36 -5.51
CA ALA A 71 -36.59 1.75 -5.42
C ALA A 71 -36.75 3.22 -5.81
N PRO A 72 -37.36 3.53 -6.98
CA PRO A 72 -37.40 4.90 -7.49
C PRO A 72 -38.42 5.84 -6.82
N GLY A 73 -39.42 5.30 -6.12
CA GLY A 73 -40.48 6.09 -5.44
C GLY A 73 -41.57 6.55 -6.39
N LYS A 74 -41.56 6.14 -7.67
CA LYS A 74 -42.65 6.45 -8.63
C LYS A 74 -42.68 5.37 -9.73
N ALA A 75 -43.73 5.36 -10.55
CA ALA A 75 -43.93 4.37 -11.62
C ALA A 75 -42.89 4.56 -12.72
N CYS A 76 -42.42 3.46 -13.30
CA CYS A 76 -41.66 3.42 -14.57
C CYS A 76 -42.66 3.61 -15.71
N SER A 77 -42.27 4.33 -16.75
CA SER A 77 -42.99 4.38 -18.04
C SER A 77 -43.09 2.98 -18.64
N PRO A 78 -44.12 2.70 -19.46
CA PRO A 78 -44.20 1.42 -20.16
C PRO A 78 -42.96 1.11 -21.01
N ALA A 79 -42.40 2.09 -21.71
CA ALA A 79 -41.18 1.91 -22.54
C ALA A 79 -39.98 1.56 -21.64
N ALA A 80 -39.80 2.24 -20.51
CA ALA A 80 -38.70 1.93 -19.55
C ALA A 80 -38.81 0.49 -19.08
N SER A 81 -39.99 0.06 -18.61
CA SER A 81 -40.20 -1.31 -18.09
C SER A 81 -39.90 -2.32 -19.18
N GLU A 82 -40.41 -2.08 -20.40
CA GLU A 82 -40.21 -2.99 -21.55
C GLU A 82 -38.73 -3.12 -21.86
N ILE A 83 -37.98 -2.02 -21.92
CA ILE A 83 -36.55 -2.02 -22.32
C ILE A 83 -35.71 -2.66 -21.22
N THR A 84 -35.99 -2.39 -19.96
CA THR A 84 -35.11 -2.78 -18.80
C THR A 84 -35.59 -4.05 -18.10
N GLY A 85 -36.88 -4.41 -18.24
CA GLY A 85 -37.50 -5.55 -17.56
C GLY A 85 -37.69 -5.28 -16.07
N LEU A 86 -37.65 -4.02 -15.64
CA LEU A 86 -37.86 -3.59 -14.23
C LEU A 86 -39.18 -2.84 -14.13
N SER A 87 -39.83 -2.93 -12.98
CA SER A 87 -41.01 -2.11 -12.63
C SER A 87 -40.96 -1.77 -11.14
N THR A 88 -41.62 -0.70 -10.73
CA THR A 88 -41.61 -0.20 -9.34
C THR A 88 -42.22 -1.27 -8.42
N ALA A 89 -43.26 -1.98 -8.89
CA ALA A 89 -43.92 -3.08 -8.15
C ALA A 89 -42.93 -4.23 -7.90
N VAL A 90 -42.19 -4.65 -8.92
CA VAL A 90 -41.20 -5.78 -8.80
C VAL A 90 -40.08 -5.32 -7.85
N LEU A 91 -39.58 -4.09 -8.00
CA LEU A 91 -38.47 -3.58 -7.14
C LEU A 91 -38.94 -3.57 -5.66
N ALA A 92 -40.20 -3.20 -5.39
CA ALA A 92 -40.79 -3.22 -4.03
C ALA A 92 -40.96 -4.67 -3.54
N ALA A 93 -41.30 -5.61 -4.42
CA ALA A 93 -41.44 -7.05 -4.09
C ALA A 93 -40.10 -7.59 -3.58
N HIS A 94 -38.98 -7.11 -4.15
CA HIS A 94 -37.60 -7.52 -3.81
C HIS A 94 -37.04 -6.66 -2.67
N GLY A 95 -37.87 -5.84 -2.03
CA GLY A 95 -37.49 -5.04 -0.84
C GLY A 95 -36.38 -4.04 -1.14
N ARG A 96 -36.32 -3.47 -2.35
CA ARG A 96 -35.25 -2.48 -2.70
C ARG A 96 -35.44 -1.20 -1.89
N GLN A 97 -34.34 -0.53 -1.56
CA GLN A 97 -34.30 0.75 -0.81
C GLN A 97 -34.14 1.90 -1.80
N CYS A 98 -34.60 3.09 -1.41
CA CYS A 98 -34.55 4.29 -2.26
C CYS A 98 -33.08 4.69 -2.42
N PHE A 99 -32.80 5.63 -3.32
CA PHE A 99 -31.48 6.28 -3.42
C PHE A 99 -31.29 7.12 -2.14
N ASP A 100 -30.34 6.75 -1.27
CA ASP A 100 -30.22 7.33 0.10
C ASP A 100 -28.74 7.56 0.43
N ASP A 101 -28.46 8.13 1.62
CA ASP A 101 -27.09 8.43 2.12
C ASP A 101 -26.24 7.15 2.10
N ASN A 102 -26.82 6.01 2.49
CA ASN A 102 -26.07 4.73 2.54
C ASN A 102 -25.59 4.40 1.10
N LEU A 103 -26.44 4.59 0.10
CA LEU A 103 -26.07 4.31 -1.31
C LEU A 103 -24.94 5.24 -1.73
N ALA A 104 -25.06 6.55 -1.44
CA ALA A 104 -24.05 7.56 -1.79
C ALA A 104 -22.71 7.17 -1.15
N ASN A 105 -22.76 6.67 0.09
CA ASN A 105 -21.55 6.26 0.85
C ASN A 105 -20.93 5.02 0.19
N LEU A 106 -21.76 4.07 -0.20
CA LEU A 106 -21.36 2.82 -0.91
C LEU A 106 -20.61 3.16 -2.21
N LEU A 107 -21.16 4.05 -3.05
CA LEU A 107 -20.55 4.49 -4.34
C LEU A 107 -19.17 5.12 -4.07
N LEU A 108 -19.07 6.00 -3.07
CA LEU A 108 -17.80 6.68 -2.72
C LEU A 108 -16.77 5.64 -2.22
N ALA A 109 -17.19 4.66 -1.42
CA ALA A 109 -16.29 3.61 -0.84
C ALA A 109 -15.78 2.71 -1.96
N PHE A 110 -16.63 2.41 -2.95
CA PHE A 110 -16.23 1.67 -4.18
C PHE A 110 -15.21 2.50 -4.98
N LEU A 111 -15.44 3.78 -5.20
CA LEU A 111 -14.46 4.62 -5.96
C LEU A 111 -13.13 4.68 -5.16
N ARG A 112 -13.20 4.71 -3.83
CA ARG A 112 -11.98 4.84 -2.97
C ARG A 112 -11.15 3.57 -3.00
N ARG A 113 -11.67 2.45 -3.51
CA ARG A 113 -10.85 1.23 -3.75
C ARG A 113 -9.94 1.45 -4.96
N GLN A 114 -10.22 2.45 -5.80
CA GLN A 114 -9.52 2.64 -7.10
C GLN A 114 -8.47 3.74 -6.96
N PRO A 115 -7.28 3.60 -7.61
CA PRO A 115 -6.33 4.71 -7.69
C PRO A 115 -6.82 5.87 -8.59
N GLN A 116 -6.53 7.09 -8.14
CA GLN A 116 -6.87 8.34 -8.85
C GLN A 116 -5.78 8.66 -9.86
N PRO A 117 -6.08 9.41 -10.93
CA PRO A 117 -7.41 9.97 -11.17
C PRO A 117 -8.44 8.89 -11.57
N TRP A 118 -9.70 9.13 -11.19
CA TRP A 118 -10.90 8.33 -11.53
C TRP A 118 -11.57 8.97 -12.73
N CYS A 119 -11.97 8.17 -13.74
CA CYS A 119 -12.81 8.67 -14.84
C CYS A 119 -14.02 7.75 -15.02
N LEU A 120 -15.20 8.24 -14.66
CA LEU A 120 -16.50 7.59 -14.99
C LEU A 120 -16.70 7.69 -16.50
N VAL A 121 -17.00 6.57 -17.14
CA VAL A 121 -17.27 6.50 -18.60
C VAL A 121 -18.69 5.94 -18.76
N ALA A 122 -19.60 6.74 -19.31
CA ALA A 122 -21.01 6.37 -19.53
C ALA A 122 -21.42 6.74 -20.94
N HIS A 123 -22.18 5.86 -21.56
CA HIS A 123 -22.71 6.00 -22.93
C HIS A 123 -23.90 6.94 -22.89
N ASN A 124 -23.81 8.07 -23.57
CA ASN A 124 -24.80 9.18 -23.50
C ASN A 124 -24.81 9.77 -22.09
N GLY A 125 -23.67 9.68 -21.39
CA GLY A 125 -23.49 10.13 -19.99
C GLY A 125 -23.93 11.57 -19.79
N ASP A 126 -23.66 12.45 -20.75
CA ASP A 126 -23.92 13.91 -20.63
C ASP A 126 -25.44 14.20 -20.61
N ARG A 127 -26.25 13.37 -21.28
CA ARG A 127 -27.72 13.59 -21.37
C ARG A 127 -28.46 12.78 -20.30
N TYR A 128 -27.93 11.62 -19.91
CA TYR A 128 -28.65 10.63 -19.06
C TYR A 128 -27.94 10.47 -17.71
N ASP A 129 -26.93 9.61 -17.66
CA ASP A 129 -26.46 8.99 -16.38
C ASP A 129 -25.85 10.06 -15.47
N PHE A 130 -25.00 10.94 -16.00
CA PHE A 130 -24.24 11.91 -15.18
C PHE A 130 -25.20 12.90 -14.54
N PRO A 131 -26.03 13.63 -15.33
CA PRO A 131 -26.97 14.59 -14.73
C PRO A 131 -28.01 13.96 -13.81
N LEU A 132 -28.45 12.73 -14.08
CA LEU A 132 -29.40 12.06 -13.16
C LEU A 132 -28.67 11.72 -11.85
N LEU A 133 -27.43 11.23 -11.92
CA LEU A 133 -26.63 10.90 -10.71
C LEU A 133 -26.47 12.17 -9.87
N GLN A 134 -26.15 13.30 -10.52
CA GLN A 134 -26.03 14.61 -9.85
C GLN A 134 -27.39 15.03 -9.25
N ALA A 135 -28.52 14.79 -9.93
CA ALA A 135 -29.88 15.09 -9.43
C ALA A 135 -30.14 14.31 -8.13
N GLU A 136 -29.89 13.00 -8.13
CA GLU A 136 -30.14 12.10 -6.97
C GLU A 136 -29.28 12.56 -5.77
N LEU A 137 -27.99 12.88 -6.00
CA LEU A 137 -27.05 13.32 -4.94
C LEU A 137 -27.51 14.69 -4.39
N ALA A 138 -28.01 15.58 -5.25
CA ALA A 138 -28.46 16.95 -4.86
C ALA A 138 -29.73 16.87 -4.02
N MET A 139 -30.63 15.94 -4.31
CA MET A 139 -31.89 15.79 -3.55
C MET A 139 -31.61 15.24 -2.14
N LEU A 140 -30.42 14.68 -1.90
CA LEU A 140 -29.98 14.18 -0.58
C LEU A 140 -29.16 15.24 0.17
N GLY A 141 -28.89 16.38 -0.48
CA GLY A 141 -27.95 17.39 0.06
C GLY A 141 -26.51 16.93 -0.02
N LEU A 142 -26.17 16.08 -1.00
CA LEU A 142 -24.80 15.53 -1.14
C LEU A 142 -24.18 15.99 -2.47
N THR A 143 -24.27 17.29 -2.78
CA THR A 143 -23.84 17.87 -4.09
C THR A 143 -22.34 17.65 -4.32
N SER A 144 -21.52 17.52 -3.27
CA SER A 144 -20.04 17.49 -3.43
C SER A 144 -19.50 16.05 -3.44
N ALA A 145 -20.36 15.03 -3.24
CA ALA A 145 -19.97 13.64 -2.88
C ALA A 145 -18.92 13.07 -3.85
N LEU A 146 -19.11 13.22 -5.16
CA LEU A 146 -18.27 12.52 -6.17
C LEU A 146 -17.50 13.54 -7.04
N ASP A 147 -17.27 14.76 -6.56
CA ASP A 147 -16.69 15.84 -7.41
C ASP A 147 -15.17 15.66 -7.52
N GLY A 148 -14.59 14.74 -6.73
CA GLY A 148 -13.22 14.22 -6.93
C GLY A 148 -13.07 13.43 -8.24
N ALA A 149 -14.16 12.91 -8.82
CA ALA A 149 -14.07 12.07 -10.05
C ALA A 149 -14.02 12.95 -11.30
N PHE A 150 -13.53 12.39 -12.39
CA PHE A 150 -13.62 12.96 -13.76
C PHE A 150 -14.67 12.12 -14.51
N CYS A 151 -15.14 12.59 -15.65
CA CYS A 151 -16.15 11.84 -16.43
C CYS A 151 -15.97 12.12 -17.90
N VAL A 152 -16.41 11.16 -18.71
CA VAL A 152 -16.35 11.20 -20.19
C VAL A 152 -17.63 10.53 -20.68
N ASP A 153 -18.31 11.15 -21.64
CA ASP A 153 -19.44 10.54 -22.37
C ASP A 153 -18.83 9.74 -23.51
N SER A 154 -18.92 8.42 -23.49
CA SER A 154 -18.31 7.56 -24.55
C SER A 154 -18.83 7.94 -25.94
N ILE A 155 -20.04 8.50 -26.07
CA ILE A 155 -20.53 8.98 -27.40
C ILE A 155 -19.59 10.07 -27.90
N THR A 156 -19.30 11.08 -27.06
CA THR A 156 -18.40 12.21 -27.39
C THR A 156 -17.02 11.66 -27.77
N ALA A 157 -16.50 10.73 -26.97
CA ALA A 157 -15.19 10.06 -27.20
C ALA A 157 -15.20 9.31 -28.54
N LEU A 158 -16.19 8.45 -28.79
CA LEU A 158 -16.20 7.56 -29.98
C LEU A 158 -16.42 8.40 -31.24
N LYS A 159 -17.30 9.40 -31.17
CA LYS A 159 -17.54 10.39 -32.26
C LYS A 159 -16.23 11.08 -32.63
N ALA A 160 -15.45 11.51 -31.65
CA ALA A 160 -14.18 12.27 -31.82
C ALA A 160 -13.15 11.37 -32.50
N LEU A 161 -13.00 10.14 -32.02
CA LEU A 161 -12.10 9.10 -32.59
C LEU A 161 -12.52 8.81 -34.03
N GLU A 162 -13.82 8.76 -34.31
CA GLU A 162 -14.36 8.31 -35.63
C GLU A 162 -14.16 9.44 -36.65
N ARG A 163 -14.41 10.68 -36.24
CA ARG A 163 -14.17 11.93 -37.02
C ARG A 163 -12.69 12.01 -37.41
N ALA A 164 -11.79 11.70 -36.48
CA ALA A 164 -10.31 11.72 -36.66
C ALA A 164 -9.84 10.51 -37.49
N SER A 165 -10.71 9.54 -37.73
CA SER A 165 -10.38 8.30 -38.48
C SER A 165 -11.38 8.09 -39.63
N SER A 166 -11.99 9.17 -40.14
CA SER A 166 -12.84 9.13 -41.36
C SER A 166 -12.80 10.48 -42.09
N PRO A 167 -13.09 10.51 -43.41
CA PRO A 167 -13.33 11.77 -44.10
C PRO A 167 -14.39 12.57 -43.34
N SER A 168 -14.48 13.88 -43.53
CA SER A 168 -15.51 14.75 -42.89
C SER A 168 -16.90 14.25 -43.30
N GLU A 169 -17.83 14.21 -42.35
CA GLU A 169 -19.18 13.63 -42.51
C GLU A 169 -20.01 14.56 -43.40
N HIS A 170 -20.85 13.99 -44.27
CA HIS A 170 -21.87 14.70 -45.08
C HIS A 170 -23.17 13.87 -45.13
N GLY A 171 -24.34 14.51 -45.23
CA GLY A 171 -25.66 13.85 -45.21
C GLY A 171 -26.02 13.32 -43.82
N PRO A 172 -27.10 12.52 -43.68
CA PRO A 172 -27.52 12.01 -42.38
C PRO A 172 -26.43 11.19 -41.68
N ARG A 173 -26.28 11.36 -40.37
CA ARG A 173 -25.23 10.73 -39.53
C ARG A 173 -25.71 9.35 -39.04
N LYS A 174 -24.78 8.48 -38.65
CA LYS A 174 -25.06 7.11 -38.15
C LYS A 174 -25.61 7.20 -36.72
N SER A 175 -26.33 6.18 -36.26
CA SER A 175 -26.79 6.07 -34.85
C SER A 175 -25.58 5.85 -33.95
N TYR A 176 -25.56 6.47 -32.78
CA TYR A 176 -24.57 6.20 -31.71
C TYR A 176 -25.27 5.60 -30.50
N SER A 177 -26.37 4.90 -30.73
CA SER A 177 -26.93 3.97 -29.74
C SER A 177 -25.84 2.95 -29.39
N LEU A 178 -25.90 2.39 -28.19
CA LEU A 178 -24.93 1.38 -27.74
C LEU A 178 -24.97 0.17 -28.68
N GLY A 179 -26.17 -0.33 -28.98
CA GLY A 179 -26.40 -1.43 -29.93
C GLY A 179 -25.82 -1.14 -31.32
N SER A 180 -25.99 0.08 -31.84
CA SER A 180 -25.56 0.44 -33.22
C SER A 180 -24.03 0.36 -33.30
N ILE A 181 -23.33 0.95 -32.32
CA ILE A 181 -21.84 0.98 -32.28
C ILE A 181 -21.33 -0.46 -32.16
N TYR A 182 -21.91 -1.23 -31.23
CA TYR A 182 -21.47 -2.62 -30.95
C TYR A 182 -21.54 -3.46 -32.24
N THR A 183 -22.68 -3.40 -32.91
CA THR A 183 -22.97 -4.14 -34.17
C THR A 183 -21.98 -3.72 -35.27
N ARG A 184 -21.71 -2.42 -35.44
CA ARG A 184 -20.76 -1.91 -36.46
C ARG A 184 -19.39 -2.53 -36.27
N LEU A 185 -18.95 -2.68 -35.00
CA LEU A 185 -17.60 -3.17 -34.64
C LEU A 185 -17.55 -4.70 -34.68
N TYR A 186 -18.55 -5.41 -34.16
CA TYR A 186 -18.45 -6.86 -33.82
C TYR A 186 -19.43 -7.70 -34.64
N GLY A 187 -20.39 -7.09 -35.35
CA GLY A 187 -21.21 -7.81 -36.34
C GLY A 187 -22.24 -8.71 -35.68
N GLN A 188 -22.59 -8.40 -34.44
CA GLN A 188 -23.65 -9.10 -33.67
C GLN A 188 -24.13 -8.17 -32.56
N SER A 189 -25.33 -8.42 -32.04
CA SER A 189 -25.93 -7.70 -30.89
C SER A 189 -25.15 -8.01 -29.63
N PRO A 190 -25.07 -7.07 -28.66
CA PRO A 190 -24.48 -7.37 -27.35
C PRO A 190 -25.17 -8.57 -26.71
N PRO A 191 -24.47 -9.36 -25.87
CA PRO A 191 -25.10 -10.49 -25.18
C PRO A 191 -26.35 -10.08 -24.38
N ASP A 192 -26.31 -8.92 -23.73
CA ASP A 192 -27.35 -8.45 -22.77
C ASP A 192 -27.62 -6.97 -23.05
N SER A 193 -28.86 -6.64 -23.41
CA SER A 193 -29.30 -5.29 -23.84
C SER A 193 -30.40 -4.76 -22.92
N HIS A 194 -30.65 -5.42 -21.78
N HIS A 194 -30.67 -5.41 -21.78
CA HIS A 194 -31.80 -5.15 -20.88
CA HIS A 194 -31.82 -5.07 -20.90
C HIS A 194 -31.37 -4.81 -19.45
C HIS A 194 -31.38 -4.85 -19.43
N THR A 195 -30.08 -4.92 -19.10
CA THR A 195 -29.60 -4.59 -17.73
C THR A 195 -28.48 -3.54 -17.76
N ALA A 196 -28.37 -2.76 -16.69
CA ALA A 196 -27.26 -1.80 -16.45
C ALA A 196 -25.89 -2.53 -16.57
N GLU A 197 -25.76 -3.72 -15.97
CA GLU A 197 -24.52 -4.52 -16.05
C GLU A 197 -24.23 -4.91 -17.51
N GLY A 198 -25.25 -5.37 -18.25
CA GLY A 198 -25.10 -5.71 -19.66
C GLY A 198 -24.58 -4.53 -20.46
N ASP A 199 -25.15 -3.35 -20.23
CA ASP A 199 -24.79 -2.10 -20.96
C ASP A 199 -23.33 -1.73 -20.64
N VAL A 200 -22.91 -1.88 -19.39
CA VAL A 200 -21.51 -1.59 -18.95
C VAL A 200 -20.55 -2.61 -19.60
N LEU A 201 -20.91 -3.90 -19.67
CA LEU A 201 -20.01 -4.91 -20.29
C LEU A 201 -19.90 -4.64 -21.79
N ALA A 202 -20.99 -4.22 -22.43
CA ALA A 202 -20.99 -3.94 -23.89
C ALA A 202 -20.11 -2.71 -24.15
N LEU A 203 -20.23 -1.68 -23.33
CA LEU A 203 -19.38 -0.45 -23.42
C LEU A 203 -17.91 -0.84 -23.22
N LEU A 204 -17.59 -1.64 -22.19
CA LEU A 204 -16.21 -2.16 -22.01
C LEU A 204 -15.74 -2.78 -23.34
N SER A 205 -16.51 -3.69 -23.94
CA SER A 205 -16.10 -4.33 -25.22
C SER A 205 -15.82 -3.29 -26.31
N ILE A 206 -16.69 -2.28 -26.43
CA ILE A 206 -16.54 -1.20 -27.46
C ILE A 206 -15.24 -0.45 -27.19
N CYS A 207 -14.93 -0.15 -25.93
CA CYS A 207 -13.76 0.68 -25.53
C CYS A 207 -12.46 -0.16 -25.63
N GLN A 208 -12.55 -1.49 -25.69
CA GLN A 208 -11.38 -2.37 -25.91
C GLN A 208 -11.05 -2.50 -27.41
N TRP A 209 -11.80 -1.85 -28.31
CA TRP A 209 -11.55 -1.90 -29.79
C TRP A 209 -10.25 -1.15 -30.14
N ARG A 210 -10.16 0.13 -29.78
CA ARG A 210 -8.94 0.95 -29.98
C ARG A 210 -8.56 1.58 -28.65
N PRO A 211 -8.16 0.76 -27.65
CA PRO A 211 -8.00 1.25 -26.28
C PRO A 211 -6.94 2.34 -26.15
N GLN A 212 -5.86 2.29 -26.93
CA GLN A 212 -4.77 3.28 -26.83
C GLN A 212 -5.29 4.66 -27.30
N ALA A 213 -5.98 4.73 -28.44
CA ALA A 213 -6.54 6.00 -28.97
C ALA A 213 -7.62 6.50 -27.99
N LEU A 214 -8.41 5.60 -27.41
CA LEU A 214 -9.46 6.01 -26.44
C LEU A 214 -8.81 6.64 -25.20
N LEU A 215 -7.77 6.02 -24.63
CA LEU A 215 -7.09 6.53 -23.41
C LEU A 215 -6.46 7.90 -23.67
N ARG A 216 -5.83 8.12 -24.83
CA ARG A 216 -5.27 9.44 -25.18
C ARG A 216 -6.39 10.49 -25.13
N TRP A 217 -7.52 10.21 -25.76
CA TRP A 217 -8.65 11.17 -25.81
C TRP A 217 -9.16 11.45 -24.39
N VAL A 218 -9.37 10.40 -23.61
CA VAL A 218 -9.85 10.49 -22.21
C VAL A 218 -8.89 11.37 -21.40
N ASP A 219 -7.59 11.06 -21.48
CA ASP A 219 -6.51 11.79 -20.76
C ASP A 219 -6.66 13.28 -21.07
N ALA A 220 -7.00 13.62 -22.32
CA ALA A 220 -7.01 15.00 -22.85
C ALA A 220 -8.31 15.72 -22.51
N HIS A 221 -9.46 15.01 -22.44
CA HIS A 221 -10.81 15.63 -22.51
C HIS A 221 -11.69 15.29 -21.31
N ALA A 222 -11.19 14.51 -20.34
CA ALA A 222 -11.94 14.15 -19.12
C ALA A 222 -12.32 15.42 -18.36
N ARG A 223 -13.58 15.54 -17.94
CA ARG A 223 -14.16 16.72 -17.27
C ARG A 223 -14.33 16.41 -15.78
N PRO A 224 -14.04 17.35 -14.85
CA PRO A 224 -14.45 17.17 -13.46
C PRO A 224 -15.96 16.93 -13.38
N PHE A 225 -16.36 15.93 -12.60
CA PHE A 225 -17.78 15.52 -12.46
C PHE A 225 -18.59 16.69 -11.88
N GLY A 226 -17.95 17.54 -11.07
CA GLY A 226 -18.58 18.69 -10.41
C GLY A 226 -19.10 19.72 -11.40
N THR A 227 -18.62 19.71 -12.65
CA THR A 227 -19.11 20.60 -13.74
C THR A 227 -20.43 20.06 -14.35
N ILE A 228 -20.83 18.84 -14.01
CA ILE A 228 -22.14 18.28 -14.47
C ILE A 228 -23.23 18.87 -13.60
N ARG A 229 -24.17 19.61 -14.20
CA ARG A 229 -25.36 20.18 -13.50
C ARG A 229 -26.38 19.07 -13.34
N PRO A 230 -27.12 19.00 -12.21
CA PRO A 230 -28.20 18.03 -12.04
C PRO A 230 -29.27 18.12 -13.14
N MET A 231 -29.83 16.97 -13.52
CA MET A 231 -30.86 16.89 -14.58
C MET A 231 -32.03 17.80 -14.21
N TYR A 232 -32.37 17.89 -12.92
CA TYR A 232 -33.45 18.74 -12.38
C TYR A 232 -33.17 19.02 -10.90
N GLY A 233 -33.87 20.00 -10.33
CA GLY A 233 -33.83 20.33 -8.90
C GLY A 233 -35.10 19.87 -8.19
N GLY B 1 -34.16 -12.57 32.18
CA GLY B 1 -33.53 -11.89 31.01
C GLY B 1 -34.54 -11.66 29.88
N SER B 2 -34.34 -10.65 29.06
CA SER B 2 -35.14 -10.44 27.82
C SER B 2 -34.49 -11.29 26.71
N GLN B 3 -35.27 -12.17 26.10
CA GLN B 3 -34.80 -13.20 25.14
C GLN B 3 -34.63 -12.54 23.76
N ALA B 4 -33.69 -13.04 22.96
CA ALA B 4 -33.50 -12.63 21.55
C ALA B 4 -34.83 -12.85 20.81
N LEU B 5 -35.23 -11.91 19.95
CA LEU B 5 -36.35 -12.11 19.00
C LEU B 5 -35.89 -13.17 18.01
N PRO B 6 -36.65 -14.25 17.76
CA PRO B 6 -36.32 -15.16 16.67
C PRO B 6 -36.19 -14.36 15.36
N PRO B 7 -35.15 -14.57 14.54
CA PRO B 7 -34.98 -13.76 13.33
C PRO B 7 -36.14 -13.99 12.33
N GLY B 8 -36.75 -15.18 12.36
CA GLY B 8 -37.78 -15.58 11.40
C GLY B 8 -37.15 -15.92 10.04
N PRO B 9 -37.94 -15.95 8.96
CA PRO B 9 -37.43 -16.37 7.65
C PRO B 9 -36.35 -15.41 7.15
N MET B 10 -35.26 -15.95 6.60
CA MET B 10 -34.18 -15.14 6.00
C MET B 10 -34.79 -14.33 4.85
N GLN B 11 -34.55 -13.02 4.82
CA GLN B 11 -35.13 -12.12 3.78
C GLN B 11 -34.14 -11.95 2.63
N THR B 12 -32.84 -12.07 2.87
CA THR B 12 -31.78 -11.91 1.85
C THR B 12 -30.80 -13.09 1.99
N LEU B 13 -30.59 -13.82 0.90
CA LEU B 13 -29.46 -14.76 0.79
C LEU B 13 -28.33 -14.04 0.05
N ILE B 14 -27.17 -13.92 0.70
CA ILE B 14 -25.95 -13.35 0.07
C ILE B 14 -25.00 -14.49 -0.25
N PHE B 15 -25.01 -14.89 -1.52
CA PHE B 15 -24.08 -15.90 -2.07
C PHE B 15 -22.72 -15.24 -2.09
N PHE B 16 -21.71 -15.94 -1.57
CA PHE B 16 -20.44 -15.37 -1.10
C PHE B 16 -19.28 -16.30 -1.42
N ASP B 17 -18.23 -15.76 -2.01
CA ASP B 17 -16.96 -16.49 -2.15
C ASP B 17 -15.80 -15.51 -2.04
N MET B 18 -14.70 -15.97 -1.45
CA MET B 18 -13.40 -15.31 -1.55
C MET B 18 -12.38 -16.30 -2.12
N GLU B 19 -11.33 -15.76 -2.72
CA GLU B 19 -10.12 -16.48 -3.16
C GLU B 19 -8.99 -15.91 -2.33
N ALA B 20 -7.92 -16.67 -2.13
CA ALA B 20 -6.83 -16.32 -1.20
C ALA B 20 -5.47 -16.66 -1.82
N THR B 21 -4.41 -16.34 -1.09
CA THR B 21 -2.99 -16.54 -1.49
C THR B 21 -2.62 -18.01 -1.38
N GLY B 22 -3.40 -18.80 -0.64
CA GLY B 22 -3.08 -20.22 -0.38
C GLY B 22 -4.03 -20.84 0.61
N LEU B 23 -3.67 -22.02 1.12
CA LEU B 23 -4.52 -22.88 1.96
C LEU B 23 -4.44 -22.39 3.40
N PRO B 24 -5.46 -22.69 4.23
CA PRO B 24 -5.51 -22.18 5.60
C PRO B 24 -4.22 -22.35 6.43
N PHE B 25 -3.48 -23.45 6.26
CA PHE B 25 -2.23 -23.74 7.03
C PHE B 25 -1.21 -22.61 6.78
N SER B 26 -1.23 -21.97 5.59
CA SER B 26 -0.27 -20.90 5.18
C SER B 26 -0.58 -19.56 5.87
N GLN B 27 -1.67 -19.46 6.64
CA GLN B 27 -2.24 -18.16 7.14
C GLN B 27 -2.49 -17.26 5.94
N PRO B 28 -3.41 -17.65 5.04
CA PRO B 28 -3.58 -16.96 3.76
C PRO B 28 -4.23 -15.58 3.91
N LYS B 29 -4.16 -14.76 2.86
CA LYS B 29 -4.80 -13.41 2.80
C LYS B 29 -5.76 -13.37 1.60
N VAL B 30 -6.78 -12.52 1.68
CA VAL B 30 -7.83 -12.44 0.63
C VAL B 30 -7.22 -11.82 -0.62
N THR B 31 -7.50 -12.38 -1.80
CA THR B 31 -7.12 -11.78 -3.11
C THR B 31 -8.36 -11.32 -3.88
N GLU B 32 -9.52 -11.91 -3.63
CA GLU B 32 -10.77 -11.61 -4.37
C GLU B 32 -11.97 -11.95 -3.49
N LEU B 33 -13.06 -11.20 -3.64
CA LEU B 33 -14.33 -11.53 -2.99
C LEU B 33 -15.49 -11.15 -3.92
N CYS B 34 -16.59 -11.86 -3.79
CA CYS B 34 -17.84 -11.57 -4.50
C CYS B 34 -19.02 -11.84 -3.56
N LEU B 35 -19.91 -10.86 -3.45
CA LEU B 35 -21.23 -10.98 -2.77
C LEU B 35 -22.32 -10.83 -3.83
N LEU B 36 -23.30 -11.71 -3.83
CA LEU B 36 -24.48 -11.56 -4.71
C LEU B 36 -25.71 -11.75 -3.84
N ALA B 37 -26.46 -10.67 -3.66
CA ALA B 37 -27.60 -10.61 -2.74
C ALA B 37 -28.87 -10.84 -3.54
N VAL B 38 -29.62 -11.85 -3.11
CA VAL B 38 -30.90 -12.29 -3.71
C VAL B 38 -31.93 -12.16 -2.61
N HIS B 39 -33.04 -11.51 -2.90
CA HIS B 39 -34.26 -11.54 -2.05
C HIS B 39 -34.89 -12.93 -2.05
N ARG B 40 -35.46 -13.30 -0.91
CA ARG B 40 -36.17 -14.58 -0.69
C ARG B 40 -37.15 -14.85 -1.84
N CYS B 41 -37.92 -13.85 -2.26
CA CYS B 41 -38.99 -14.01 -3.28
C CYS B 41 -38.40 -14.51 -4.61
N ALA B 42 -37.14 -14.18 -4.89
CA ALA B 42 -36.42 -14.62 -6.13
C ALA B 42 -36.20 -16.14 -6.10
N LEU B 43 -36.24 -16.76 -4.92
CA LEU B 43 -36.09 -18.23 -4.75
C LEU B 43 -37.44 -18.89 -4.36
N GLU B 44 -38.26 -18.24 -3.53
CA GLU B 44 -39.59 -18.78 -3.10
C GLU B 44 -40.57 -18.73 -4.28
N SER B 45 -40.47 -17.71 -5.15
CA SER B 45 -41.45 -17.35 -6.22
C SER B 45 -40.73 -16.99 -7.51
N PRO B 46 -39.95 -17.91 -8.12
CA PRO B 46 -39.16 -17.62 -9.32
C PRO B 46 -39.71 -16.47 -10.19
N PRO B 53 -38.86 -25.19 -19.94
CA PRO B 53 -37.99 -24.70 -18.87
C PRO B 53 -36.52 -24.97 -19.19
N PRO B 54 -35.63 -23.96 -19.10
CA PRO B 54 -34.24 -24.12 -19.56
C PRO B 54 -33.46 -25.16 -18.72
N THR B 55 -32.29 -25.56 -19.20
CA THR B 55 -31.41 -26.58 -18.57
C THR B 55 -30.75 -25.95 -17.32
N VAL B 56 -30.16 -24.76 -17.46
CA VAL B 56 -29.62 -23.95 -16.31
C VAL B 56 -30.50 -22.72 -16.14
N PRO B 57 -31.17 -22.54 -14.98
CA PRO B 57 -32.07 -21.42 -14.82
C PRO B 57 -31.25 -20.14 -14.86
N PRO B 58 -31.78 -19.05 -15.46
CA PRO B 58 -31.05 -17.78 -15.49
C PRO B 58 -31.00 -17.20 -14.08
N PRO B 59 -30.03 -16.31 -13.79
CA PRO B 59 -30.07 -15.53 -12.56
C PRO B 59 -31.35 -14.70 -12.46
N PRO B 60 -31.86 -14.41 -11.26
CA PRO B 60 -32.96 -13.47 -11.13
C PRO B 60 -32.59 -12.11 -11.74
N ARG B 61 -33.56 -11.42 -12.34
CA ARG B 61 -33.37 -10.08 -12.96
C ARG B 61 -32.89 -9.12 -11.86
N VAL B 62 -33.53 -9.15 -10.71
CA VAL B 62 -33.24 -8.21 -9.59
C VAL B 62 -32.24 -8.89 -8.65
N VAL B 63 -31.01 -8.42 -8.69
CA VAL B 63 -29.92 -8.86 -7.79
C VAL B 63 -29.06 -7.64 -7.49
N ASP B 64 -28.37 -7.70 -6.36
CA ASP B 64 -27.24 -6.80 -6.04
C ASP B 64 -25.95 -7.60 -6.11
N LYS B 65 -24.90 -7.06 -6.72
CA LYS B 65 -23.63 -7.78 -6.85
C LYS B 65 -22.46 -6.84 -6.51
N LEU B 66 -21.47 -7.37 -5.82
CA LEU B 66 -20.19 -6.69 -5.50
C LEU B 66 -19.06 -7.67 -5.74
N SER B 67 -18.10 -7.31 -6.59
CA SER B 67 -16.92 -8.13 -6.91
C SER B 67 -15.67 -7.24 -6.82
N LEU B 68 -14.70 -7.60 -5.97
CA LEU B 68 -13.51 -6.74 -5.71
C LEU B 68 -12.28 -7.62 -5.66
N CYS B 69 -11.17 -7.12 -6.21
CA CYS B 69 -9.83 -7.70 -6.03
C CYS B 69 -9.11 -6.97 -4.88
N VAL B 70 -8.27 -7.70 -4.16
CA VAL B 70 -7.60 -7.24 -2.91
C VAL B 70 -6.10 -7.51 -3.02
N ALA B 71 -5.25 -6.51 -2.73
CA ALA B 71 -3.79 -6.67 -2.55
C ALA B 71 -3.55 -7.47 -1.27
N PRO B 72 -3.01 -8.71 -1.33
CA PRO B 72 -2.90 -9.56 -0.14
C PRO B 72 -1.72 -9.20 0.77
N GLY B 73 -0.69 -8.52 0.24
CA GLY B 73 0.51 -8.14 1.02
C GLY B 73 1.44 -9.32 1.30
N LYS B 74 1.34 -10.38 0.50
CA LYS B 74 2.27 -11.53 0.48
C LYS B 74 2.08 -12.28 -0.83
N ALA B 75 3.03 -13.14 -1.19
CA ALA B 75 3.03 -13.88 -2.46
C ALA B 75 1.89 -14.91 -2.40
N CYS B 76 1.23 -15.12 -3.53
CA CYS B 76 0.34 -16.28 -3.76
C CYS B 76 1.22 -17.53 -3.87
N SER B 77 0.75 -18.67 -3.36
CA SER B 77 1.28 -20.01 -3.74
C SER B 77 1.15 -20.21 -5.24
N PRO B 78 2.10 -20.91 -5.91
CA PRO B 78 1.97 -21.20 -7.33
C PRO B 78 0.65 -21.88 -7.71
N ALA B 79 0.18 -22.80 -6.88
CA ALA B 79 -1.08 -23.54 -7.11
C ALA B 79 -2.25 -22.55 -7.04
N ALA B 80 -2.28 -21.67 -6.05
CA ALA B 80 -3.34 -20.65 -5.86
C ALA B 80 -3.41 -19.74 -7.09
N SER B 81 -2.26 -19.23 -7.56
CA SER B 81 -2.16 -18.37 -8.78
C SER B 81 -2.63 -19.10 -10.03
N GLU B 82 -2.23 -20.36 -10.23
CA GLU B 82 -2.63 -21.13 -11.43
C GLU B 82 -4.16 -21.35 -11.38
N ILE B 83 -4.71 -21.65 -10.20
CA ILE B 83 -6.15 -21.98 -10.01
C ILE B 83 -7.00 -20.72 -10.23
N THR B 84 -6.58 -19.55 -9.73
CA THR B 84 -7.42 -18.31 -9.67
C THR B 84 -7.08 -17.34 -10.79
N GLY B 85 -5.93 -17.49 -11.45
CA GLY B 85 -5.43 -16.54 -12.47
C GLY B 85 -5.09 -15.20 -11.85
N LEU B 86 -4.86 -15.13 -10.54
CA LEU B 86 -4.36 -13.92 -9.84
C LEU B 86 -2.97 -14.19 -9.27
N SER B 87 -2.13 -13.15 -9.22
CA SER B 87 -0.84 -13.13 -8.48
C SER B 87 -0.70 -11.76 -7.79
N THR B 88 0.13 -11.69 -6.76
CA THR B 88 0.37 -10.45 -5.99
C THR B 88 0.93 -9.39 -6.95
N ALA B 89 1.82 -9.77 -7.86
CA ALA B 89 2.49 -8.85 -8.81
C ALA B 89 1.45 -8.23 -9.77
N VAL B 90 0.51 -9.03 -10.30
CA VAL B 90 -0.53 -8.52 -11.25
C VAL B 90 -1.52 -7.62 -10.48
N LEU B 91 -1.94 -8.06 -9.30
CA LEU B 91 -2.81 -7.24 -8.42
C LEU B 91 -2.15 -5.89 -8.14
N ALA B 92 -0.83 -5.85 -7.88
CA ALA B 92 -0.05 -4.59 -7.68
C ALA B 92 0.01 -3.78 -8.99
N ALA B 93 0.15 -4.43 -10.15
CA ALA B 93 0.12 -3.75 -11.47
C ALA B 93 -1.25 -3.10 -11.71
N HIS B 94 -2.32 -3.60 -11.09
CA HIS B 94 -3.69 -3.05 -11.22
C HIS B 94 -4.02 -2.09 -10.06
N GLY B 95 -3.02 -1.66 -9.30
CA GLY B 95 -3.14 -0.67 -8.22
C GLY B 95 -4.13 -1.10 -7.14
N ARG B 96 -4.26 -2.40 -6.89
CA ARG B 96 -5.23 -2.91 -5.88
C ARG B 96 -4.75 -2.50 -4.50
N GLN B 97 -5.69 -2.25 -3.60
CA GLN B 97 -5.44 -1.83 -2.20
C GLN B 97 -5.66 -3.02 -1.28
N CYS B 98 -4.99 -3.01 -0.13
CA CYS B 98 -5.06 -4.11 0.86
C CYS B 98 -6.45 -4.10 1.49
N PHE B 99 -6.78 -5.17 2.23
CA PHE B 99 -8.01 -5.26 3.05
C PHE B 99 -7.92 -4.20 4.13
N ASP B 100 -8.75 -3.14 4.07
CA ASP B 100 -8.63 -1.93 4.94
C ASP B 100 -10.02 -1.54 5.44
N ASP B 101 -10.09 -0.54 6.32
CA ASP B 101 -11.34 -0.01 6.93
C ASP B 101 -12.34 0.36 5.83
N ASN B 102 -11.85 0.95 4.74
CA ASN B 102 -12.72 1.37 3.63
C ASN B 102 -13.42 0.12 3.06
N LEU B 103 -12.69 -0.97 2.83
CA LEU B 103 -13.28 -2.25 2.34
C LEU B 103 -14.36 -2.76 3.32
N ALA B 104 -14.10 -2.76 4.63
CA ALA B 104 -15.09 -3.18 5.64
C ALA B 104 -16.34 -2.28 5.55
N ASN B 105 -16.15 -0.97 5.42
CA ASN B 105 -17.27 0.02 5.30
C ASN B 105 -18.10 -0.33 4.07
N LEU B 106 -17.44 -0.67 2.97
N LEU B 106 -17.43 -0.66 2.97
CA LEU B 106 -18.09 -0.96 1.68
CA LEU B 106 -18.04 -0.97 1.65
C LEU B 106 -18.92 -2.24 1.78
C LEU B 106 -18.91 -2.24 1.77
N LEU B 107 -18.37 -3.30 2.42
CA LEU B 107 -19.13 -4.57 2.66
C LEU B 107 -20.39 -4.28 3.50
N LEU B 108 -20.28 -3.49 4.57
CA LEU B 108 -21.44 -3.23 5.46
C LEU B 108 -22.49 -2.36 4.74
N ALA B 109 -22.05 -1.38 3.95
CA ALA B 109 -22.95 -0.47 3.18
C ALA B 109 -23.75 -1.30 2.18
N PHE B 110 -23.09 -2.25 1.54
CA PHE B 110 -23.69 -3.20 0.57
C PHE B 110 -24.73 -4.06 1.29
N LEU B 111 -24.37 -4.62 2.44
CA LEU B 111 -25.29 -5.48 3.22
C LEU B 111 -26.47 -4.65 3.70
N ARG B 112 -26.26 -3.37 4.00
CA ARG B 112 -27.32 -2.49 4.53
C ARG B 112 -28.32 -2.12 3.41
N ARG B 113 -28.01 -2.35 2.14
CA ARG B 113 -29.01 -2.19 1.04
C ARG B 113 -30.01 -3.35 1.05
N GLN B 114 -29.75 -4.41 1.80
CA GLN B 114 -30.55 -5.66 1.73
C GLN B 114 -31.43 -5.72 2.96
N PRO B 115 -32.69 -6.19 2.83
CA PRO B 115 -33.53 -6.44 4.00
C PRO B 115 -33.04 -7.61 4.87
N GLN B 116 -33.16 -7.41 6.18
CA GLN B 116 -32.72 -8.36 7.21
C GLN B 116 -33.87 -9.32 7.53
N PRO B 117 -33.60 -10.55 8.04
CA PRO B 117 -32.25 -11.02 8.30
C PRO B 117 -31.45 -11.36 7.03
N TRP B 118 -30.13 -11.11 7.10
CA TRP B 118 -29.09 -11.47 6.10
C TRP B 118 -28.59 -12.90 6.38
N CYS B 119 -28.54 -13.75 5.36
CA CYS B 119 -27.80 -15.03 5.48
C CYS B 119 -26.74 -15.12 4.39
N LEU B 120 -25.47 -15.03 4.78
CA LEU B 120 -24.31 -15.38 3.92
C LEU B 120 -24.33 -16.88 3.61
N VAL B 121 -24.19 -17.22 2.34
CA VAL B 121 -24.15 -18.62 1.85
C VAL B 121 -22.85 -18.79 1.06
N ALA B 122 -21.94 -19.60 1.58
CA ALA B 122 -20.65 -19.89 0.92
C ALA B 122 -20.42 -21.39 0.83
N HIS B 123 -19.87 -21.84 -0.29
CA HIS B 123 -19.44 -23.25 -0.49
C HIS B 123 -18.09 -23.48 0.22
N ASN B 124 -18.07 -24.39 1.19
CA ASN B 124 -16.91 -24.61 2.09
C ASN B 124 -16.67 -23.34 2.92
N GLY B 125 -17.72 -22.57 3.19
CA GLY B 125 -17.68 -21.36 4.03
C GLY B 125 -17.02 -21.62 5.38
N ASP B 126 -17.35 -22.72 6.04
CA ASP B 126 -16.88 -22.99 7.44
C ASP B 126 -15.36 -23.20 7.45
N ARG B 127 -14.79 -23.83 6.42
CA ARG B 127 -13.35 -24.19 6.37
C ARG B 127 -12.56 -23.02 5.78
N TYR B 128 -13.14 -22.25 4.85
CA TYR B 128 -12.42 -21.28 4.02
C TYR B 128 -12.94 -19.85 4.28
N ASP B 129 -14.04 -19.46 3.63
CA ASP B 129 -14.37 -18.04 3.40
C ASP B 129 -14.79 -17.35 4.71
N PHE B 130 -15.59 -18.02 5.54
CA PHE B 130 -16.12 -17.41 6.79
C PHE B 130 -14.96 -17.12 7.75
N PRO B 131 -14.10 -18.09 8.13
CA PRO B 131 -13.01 -17.82 9.06
C PRO B 131 -11.93 -16.90 8.51
N LEU B 132 -11.70 -16.89 7.18
CA LEU B 132 -10.72 -15.94 6.59
C LEU B 132 -11.28 -14.51 6.72
N LEU B 133 -12.56 -14.30 6.38
CA LEU B 133 -13.21 -12.97 6.51
C LEU B 133 -13.11 -12.52 7.98
N GLN B 134 -13.40 -13.39 8.93
CA GLN B 134 -13.27 -13.07 10.38
C GLN B 134 -11.81 -12.71 10.72
N ALA B 135 -10.81 -13.40 10.15
CA ALA B 135 -9.37 -13.10 10.39
C ALA B 135 -9.03 -11.72 9.83
N GLU B 136 -9.44 -11.43 8.59
CA GLU B 136 -9.18 -10.13 7.93
C GLU B 136 -9.80 -9.00 8.78
N LEU B 137 -11.03 -9.18 9.25
CA LEU B 137 -11.73 -8.14 10.07
C LEU B 137 -11.03 -8.00 11.44
N ALA B 138 -10.57 -9.11 12.03
CA ALA B 138 -9.87 -9.12 13.35
C ALA B 138 -8.53 -8.38 13.22
N MET B 139 -7.82 -8.52 12.11
CA MET B 139 -6.53 -7.81 11.87
C MET B 139 -6.75 -6.29 11.75
N LEU B 140 -7.96 -5.82 11.38
CA LEU B 140 -8.30 -4.37 11.31
C LEU B 140 -8.84 -3.88 12.66
N GLY B 141 -8.91 -4.75 13.66
CA GLY B 141 -9.64 -4.48 14.92
C GLY B 141 -11.11 -4.25 14.69
N LEU B 142 -11.72 -4.92 13.70
CA LEU B 142 -13.16 -4.77 13.38
C LEU B 142 -13.86 -6.12 13.60
N THR B 143 -13.64 -6.76 14.76
CA THR B 143 -14.09 -8.15 15.06
C THR B 143 -15.62 -8.24 15.06
N SER B 144 -16.35 -7.16 15.38
CA SER B 144 -17.83 -7.17 15.53
C SER B 144 -18.53 -6.83 14.20
N ALA B 145 -17.77 -6.52 13.13
CA ALA B 145 -18.30 -5.86 11.91
C ALA B 145 -19.58 -6.57 11.42
N LEU B 146 -19.63 -7.90 11.44
CA LEU B 146 -20.73 -8.68 10.80
C LEU B 146 -21.52 -9.49 11.83
N ASP B 147 -21.49 -9.10 13.10
CA ASP B 147 -22.24 -9.77 14.19
C ASP B 147 -23.74 -9.80 13.86
N GLY B 148 -24.23 -8.85 13.06
CA GLY B 148 -25.64 -8.79 12.64
C GLY B 148 -26.06 -9.91 11.69
N ALA B 149 -25.10 -10.53 10.99
CA ALA B 149 -25.37 -11.46 9.88
C ALA B 149 -25.57 -12.90 10.39
N PHE B 150 -26.25 -13.70 9.57
CA PHE B 150 -26.33 -15.17 9.69
C PHE B 150 -25.49 -15.78 8.58
N CYS B 151 -25.09 -17.04 8.71
CA CYS B 151 -24.30 -17.74 7.67
C CYS B 151 -24.66 -19.23 7.63
N VAL B 152 -24.51 -19.79 6.44
CA VAL B 152 -24.69 -21.22 6.11
C VAL B 152 -23.55 -21.61 5.18
N ASP B 153 -22.92 -22.74 5.46
CA ASP B 153 -22.05 -23.48 4.51
C ASP B 153 -22.97 -24.24 3.56
N SER B 154 -22.95 -23.93 2.26
CA SER B 154 -23.82 -24.60 1.28
C SER B 154 -23.45 -26.09 1.19
N ILE B 155 -22.22 -26.47 1.50
CA ILE B 155 -21.82 -27.92 1.51
C ILE B 155 -22.67 -28.64 2.55
N THR B 156 -22.75 -28.10 3.78
CA THR B 156 -23.63 -28.62 4.86
C THR B 156 -25.09 -28.65 4.37
N ALA B 157 -25.58 -27.57 3.76
CA ALA B 157 -26.99 -27.46 3.36
C ALA B 157 -27.30 -28.55 2.32
N LEU B 158 -26.45 -28.66 1.30
CA LEU B 158 -26.73 -29.48 0.10
C LEU B 158 -26.59 -30.96 0.48
N LYS B 159 -25.63 -31.31 1.35
CA LYS B 159 -25.53 -32.68 1.92
C LYS B 159 -26.84 -33.04 2.64
N ALA B 160 -27.42 -32.13 3.43
CA ALA B 160 -28.63 -32.41 4.24
C ALA B 160 -29.84 -32.52 3.32
N LEU B 161 -29.88 -31.72 2.25
CA LEU B 161 -30.95 -31.81 1.21
C LEU B 161 -30.81 -33.15 0.47
N GLU B 162 -29.60 -33.48 0.00
CA GLU B 162 -29.30 -34.75 -0.73
C GLU B 162 -29.70 -35.95 0.15
N ARG B 163 -29.31 -35.96 1.41
CA ARG B 163 -29.62 -37.06 2.39
C ARG B 163 -31.14 -37.13 2.62
N ALA B 164 -31.79 -35.99 2.85
CA ALA B 164 -33.26 -35.87 3.02
C ALA B 164 -34.00 -36.38 1.77
N SER B 165 -33.41 -36.22 0.58
CA SER B 165 -33.99 -36.62 -0.74
C SER B 165 -33.27 -37.87 -1.28
N SER B 166 -32.74 -38.70 -0.37
CA SER B 166 -31.99 -39.95 -0.67
C SER B 166 -32.32 -41.01 0.38
N PRO B 167 -32.17 -42.31 0.03
CA PRO B 167 -32.18 -43.39 1.02
C PRO B 167 -30.82 -43.44 1.73
N SER B 168 -30.55 -44.51 2.50
CA SER B 168 -29.34 -44.71 3.36
C SER B 168 -28.10 -44.09 2.70
N ARG B 173 -19.41 -42.53 -2.07
CA ARG B 173 -19.41 -41.07 -1.77
C ARG B 173 -19.37 -40.28 -3.08
N LYS B 174 -20.30 -39.34 -3.26
CA LYS B 174 -20.29 -38.34 -4.36
C LYS B 174 -19.35 -37.19 -3.93
N SER B 175 -18.67 -36.56 -4.89
CA SER B 175 -17.95 -35.28 -4.70
C SER B 175 -18.97 -34.18 -4.36
N TYR B 176 -18.60 -33.26 -3.45
CA TYR B 176 -19.39 -32.05 -3.13
C TYR B 176 -18.58 -30.79 -3.47
N SER B 177 -17.58 -30.91 -4.35
CA SER B 177 -16.99 -29.77 -5.07
C SER B 177 -18.13 -29.03 -5.80
N LEU B 178 -17.97 -27.73 -5.95
CA LEU B 178 -18.93 -26.84 -6.62
C LEU B 178 -19.15 -27.34 -8.08
N GLY B 179 -18.07 -27.58 -8.82
CA GLY B 179 -18.09 -28.18 -10.18
C GLY B 179 -18.88 -29.50 -10.22
N SER B 180 -18.62 -30.41 -9.28
CA SER B 180 -19.25 -31.76 -9.24
C SER B 180 -20.77 -31.62 -9.13
N ILE B 181 -21.26 -30.92 -8.11
CA ILE B 181 -22.72 -30.81 -7.80
C ILE B 181 -23.40 -30.24 -9.04
N TYR B 182 -22.76 -29.25 -9.65
CA TYR B 182 -23.30 -28.46 -10.78
C TYR B 182 -23.52 -29.42 -11.97
N THR B 183 -22.57 -30.31 -12.21
CA THR B 183 -22.57 -31.27 -13.35
C THR B 183 -23.70 -32.29 -13.10
N ARG B 184 -23.79 -32.85 -11.90
CA ARG B 184 -24.88 -33.79 -11.52
C ARG B 184 -26.26 -33.19 -11.82
N LEU B 185 -26.46 -31.90 -11.53
CA LEU B 185 -27.76 -31.19 -11.71
C LEU B 185 -27.95 -30.81 -13.18
N TYR B 186 -26.89 -30.39 -13.88
CA TYR B 186 -26.99 -29.58 -15.13
C TYR B 186 -26.15 -30.14 -16.29
N GLY B 187 -25.34 -31.18 -16.06
CA GLY B 187 -24.64 -31.93 -17.13
C GLY B 187 -23.63 -31.09 -17.90
N GLN B 188 -23.14 -29.99 -17.33
CA GLN B 188 -22.06 -29.13 -17.92
C GLN B 188 -21.19 -28.57 -16.78
N SER B 189 -19.98 -28.11 -17.09
CA SER B 189 -19.11 -27.40 -16.13
C SER B 189 -19.59 -25.97 -16.02
N PRO B 190 -19.43 -25.31 -14.84
CA PRO B 190 -19.73 -23.89 -14.70
C PRO B 190 -18.69 -23.01 -15.39
N PRO B 191 -19.09 -21.85 -15.98
CA PRO B 191 -18.11 -20.91 -16.54
C PRO B 191 -17.29 -20.19 -15.46
N ASP B 192 -16.04 -19.83 -15.80
CA ASP B 192 -15.15 -18.94 -15.02
C ASP B 192 -14.91 -19.51 -13.61
N SER B 193 -14.58 -20.80 -13.54
CA SER B 193 -14.38 -21.55 -12.27
C SER B 193 -13.13 -21.01 -11.54
N HIS B 194 -13.17 -21.04 -10.21
CA HIS B 194 -12.04 -20.67 -9.32
C HIS B 194 -11.76 -19.16 -9.44
N THR B 195 -12.72 -18.37 -9.96
CA THR B 195 -12.83 -16.90 -9.71
C THR B 195 -14.01 -16.67 -8.77
N ALA B 196 -13.91 -15.71 -7.87
CA ALA B 196 -14.91 -15.49 -6.79
C ALA B 196 -16.31 -15.32 -7.41
N GLU B 197 -16.43 -14.53 -8.48
CA GLU B 197 -17.74 -14.23 -9.12
C GLU B 197 -18.24 -15.51 -9.83
N GLY B 198 -17.35 -16.21 -10.53
CA GLY B 198 -17.67 -17.47 -11.22
C GLY B 198 -18.23 -18.49 -10.26
N ASP B 199 -17.61 -18.65 -9.08
CA ASP B 199 -18.04 -19.59 -8.03
C ASP B 199 -19.39 -19.16 -7.43
N VAL B 200 -19.59 -17.86 -7.17
CA VAL B 200 -20.88 -17.35 -6.60
C VAL B 200 -22.02 -17.60 -7.60
N LEU B 201 -21.81 -17.34 -8.89
CA LEU B 201 -22.86 -17.55 -9.93
C LEU B 201 -23.20 -19.03 -10.04
N ALA B 202 -22.20 -19.92 -9.95
CA ALA B 202 -22.41 -21.38 -9.99
C ALA B 202 -23.18 -21.82 -8.76
N LEU B 203 -22.83 -21.30 -7.58
CA LEU B 203 -23.56 -21.62 -6.34
C LEU B 203 -25.03 -21.18 -6.47
N LEU B 204 -25.29 -19.96 -6.96
CA LEU B 204 -26.67 -19.45 -7.15
C LEU B 204 -27.45 -20.44 -8.04
N SER B 205 -26.88 -20.83 -9.18
CA SER B 205 -27.48 -21.79 -10.13
C SER B 205 -27.88 -23.10 -9.41
N ILE B 206 -26.99 -23.64 -8.59
CA ILE B 206 -27.25 -24.91 -7.82
C ILE B 206 -28.44 -24.68 -6.89
N CYS B 207 -28.48 -23.53 -6.23
CA CYS B 207 -29.45 -23.19 -5.17
C CYS B 207 -30.84 -22.91 -5.77
N GLN B 208 -30.92 -22.59 -7.06
CA GLN B 208 -32.20 -22.36 -7.77
C GLN B 208 -32.79 -23.71 -8.22
N TRP B 209 -32.07 -24.82 -8.02
CA TRP B 209 -32.55 -26.19 -8.33
C TRP B 209 -33.83 -26.49 -7.53
N ARG B 210 -33.73 -26.57 -6.21
CA ARG B 210 -34.89 -26.82 -5.30
C ARG B 210 -34.88 -25.72 -4.25
N PRO B 211 -35.24 -24.47 -4.64
CA PRO B 211 -35.04 -23.31 -3.79
C PRO B 211 -35.90 -23.31 -2.53
N GLN B 212 -37.14 -23.83 -2.61
CA GLN B 212 -38.06 -23.88 -1.45
C GLN B 212 -37.45 -24.77 -0.35
N ALA B 213 -36.93 -25.94 -0.72
CA ALA B 213 -36.29 -26.89 0.22
C ALA B 213 -35.05 -26.24 0.85
N LEU B 214 -34.24 -25.57 0.03
CA LEU B 214 -33.03 -24.85 0.52
C LEU B 214 -33.43 -23.76 1.53
N LEU B 215 -34.47 -22.97 1.25
CA LEU B 215 -34.90 -21.84 2.14
C LEU B 215 -35.43 -22.40 3.46
N ARG B 216 -36.17 -23.51 3.42
CA ARG B 216 -36.65 -24.19 4.64
C ARG B 216 -35.46 -24.52 5.53
N TRP B 217 -34.40 -25.10 4.94
CA TRP B 217 -33.20 -25.57 5.67
C TRP B 217 -32.44 -24.34 6.23
N VAL B 218 -32.26 -23.32 5.40
CA VAL B 218 -31.51 -22.09 5.78
C VAL B 218 -32.22 -21.41 6.96
N ASP B 219 -33.56 -21.29 6.90
CA ASP B 219 -34.39 -20.67 7.97
C ASP B 219 -34.18 -21.42 9.29
N ALA B 220 -33.99 -22.74 9.24
CA ALA B 220 -33.91 -23.61 10.44
C ALA B 220 -32.47 -23.68 10.98
N HIS B 221 -31.44 -23.46 10.16
CA HIS B 221 -30.03 -23.81 10.54
C HIS B 221 -29.05 -22.63 10.42
N ALA B 222 -29.50 -21.46 9.99
CA ALA B 222 -28.62 -20.27 9.83
C ALA B 222 -27.97 -19.97 11.19
N ARG B 223 -26.67 -19.71 11.23
CA ARG B 223 -25.92 -19.47 12.49
C ARG B 223 -25.48 -18.01 12.55
N PRO B 224 -25.59 -17.33 13.70
CA PRO B 224 -25.03 -15.99 13.84
C PRO B 224 -23.56 -15.99 13.40
N PHE B 225 -23.19 -15.04 12.53
CA PHE B 225 -21.82 -14.94 11.97
C PHE B 225 -20.80 -14.83 13.11
N GLY B 226 -21.19 -14.18 14.22
CA GLY B 226 -20.31 -13.96 15.40
C GLY B 226 -19.76 -15.26 16.00
N THR B 227 -20.41 -16.40 15.75
CA THR B 227 -19.97 -17.73 16.22
C THR B 227 -18.78 -18.23 15.39
N ILE B 228 -18.52 -17.64 14.21
CA ILE B 228 -17.34 -18.04 13.39
C ILE B 228 -16.09 -17.42 14.00
N ARG B 229 -15.16 -18.26 14.47
CA ARG B 229 -13.84 -17.83 14.99
C ARG B 229 -12.96 -17.47 13.80
N PRO B 230 -12.04 -16.49 13.95
CA PRO B 230 -11.08 -16.19 12.90
C PRO B 230 -10.17 -17.39 12.63
N MET B 231 -9.79 -17.57 11.37
CA MET B 231 -8.88 -18.66 10.90
C MET B 231 -7.55 -18.62 11.68
N TYR B 232 -7.05 -17.43 11.96
CA TYR B 232 -5.77 -17.16 12.66
C TYR B 232 -5.81 -15.76 13.26
N GLY B 233 -4.88 -15.41 14.16
CA GLY B 233 -4.80 -14.06 14.76
N PRO C 7 8.65 -8.69 -27.43
CA PRO C 7 8.64 -7.81 -26.24
C PRO C 7 7.51 -6.77 -26.21
N GLY C 8 7.22 -6.15 -27.36
CA GLY C 8 6.37 -4.94 -27.46
C GLY C 8 7.21 -3.67 -27.53
N PRO C 9 6.59 -2.48 -27.56
CA PRO C 9 7.32 -1.22 -27.66
C PRO C 9 8.18 -0.98 -26.40
N MET C 10 9.37 -0.38 -26.57
CA MET C 10 10.29 -0.08 -25.43
C MET C 10 9.68 1.04 -24.59
N GLN C 11 9.47 0.81 -23.29
CA GLN C 11 8.86 1.81 -22.36
C GLN C 11 9.96 2.76 -21.82
N THR C 12 11.19 2.27 -21.62
CA THR C 12 12.34 3.07 -21.11
C THR C 12 13.57 2.88 -22.02
N LEU C 13 14.16 3.98 -22.48
CA LEU C 13 15.53 4.00 -23.05
C LEU C 13 16.47 4.43 -21.92
N ILE C 14 17.45 3.59 -21.59
CA ILE C 14 18.55 3.94 -20.66
C ILE C 14 19.81 4.22 -21.49
N PHE C 15 20.10 5.48 -21.67
CA PHE C 15 21.33 5.97 -22.30
C PHE C 15 22.47 5.61 -21.35
N PHE C 16 23.51 5.00 -21.90
CA PHE C 16 24.50 4.23 -21.13
C PHE C 16 25.89 4.47 -21.72
N ASP C 17 26.85 4.81 -20.87
CA ASP C 17 28.29 4.81 -21.25
C ASP C 17 29.14 4.35 -20.07
N MET C 18 30.15 3.55 -20.38
CA MET C 18 31.25 3.22 -19.46
C MET C 18 32.54 3.75 -20.07
N GLU C 19 33.48 4.13 -19.20
CA GLU C 19 34.89 4.40 -19.56
C GLU C 19 35.72 3.27 -18.94
N ALA C 20 36.91 3.03 -19.48
CA ALA C 20 37.72 1.85 -19.13
C ALA C 20 39.19 2.23 -19.07
N THR C 21 40.02 1.31 -18.59
CA THR C 21 41.50 1.50 -18.41
C THR C 21 42.23 1.51 -19.77
N GLY C 22 41.60 0.97 -20.81
CA GLY C 22 42.17 1.00 -22.18
C GLY C 22 41.25 0.33 -23.18
N LEU C 23 41.77 0.05 -24.38
CA LEU C 23 40.98 -0.56 -25.48
C LEU C 23 40.85 -2.04 -25.22
N PRO C 24 39.92 -2.74 -25.90
CA PRO C 24 39.60 -4.13 -25.59
C PRO C 24 40.79 -5.12 -25.65
N PHE C 25 41.77 -4.93 -26.53
CA PHE C 25 42.94 -5.83 -26.64
C PHE C 25 43.72 -5.83 -25.31
N SER C 26 43.55 -4.79 -24.49
CA SER C 26 44.19 -4.65 -23.15
C SER C 26 43.42 -5.39 -22.07
N GLN C 27 42.28 -6.03 -22.39
CA GLN C 27 41.37 -6.70 -21.42
C GLN C 27 41.06 -5.69 -20.31
N PRO C 28 40.38 -4.58 -20.66
CA PRO C 28 40.30 -3.43 -19.77
C PRO C 28 39.27 -3.65 -18.65
N LYS C 29 39.33 -2.78 -17.65
CA LYS C 29 38.36 -2.77 -16.52
C LYS C 29 37.61 -1.43 -16.53
N VAL C 30 36.36 -1.44 -16.07
CA VAL C 30 35.51 -0.22 -15.90
C VAL C 30 36.17 0.73 -14.91
N THR C 31 36.24 2.01 -15.27
CA THR C 31 36.64 3.14 -14.41
C THR C 31 35.46 4.05 -14.10
N GLU C 32 34.44 4.10 -14.97
CA GLU C 32 33.30 5.04 -14.81
C GLU C 32 32.11 4.52 -15.58
N LEU C 33 30.91 4.72 -15.06
CA LEU C 33 29.68 4.42 -15.83
C LEU C 33 28.62 5.48 -15.54
N CYS C 34 27.77 5.74 -16.53
CA CYS C 34 26.59 6.60 -16.40
C CYS C 34 25.39 5.95 -17.06
N LEU C 35 24.28 5.84 -16.31
CA LEU C 35 22.95 5.44 -16.84
C LEU C 35 22.02 6.65 -16.76
N LEU C 36 21.33 6.97 -17.86
CA LEU C 36 20.29 8.03 -17.88
C LEU C 36 18.99 7.46 -18.46
N ALA C 37 18.04 7.15 -17.58
CA ALA C 37 16.74 6.52 -17.91
C ALA C 37 15.76 7.61 -18.33
N VAL C 38 15.22 7.48 -19.55
CA VAL C 38 14.20 8.39 -20.13
C VAL C 38 12.99 7.54 -20.52
N HIS C 39 11.79 8.02 -20.18
CA HIS C 39 10.51 7.37 -20.54
C HIS C 39 10.26 7.54 -22.04
N ARG C 40 9.62 6.55 -22.66
CA ARG C 40 9.21 6.58 -24.09
C ARG C 40 8.60 7.97 -24.43
N CYS C 41 7.71 8.48 -23.59
CA CYS C 41 6.93 9.72 -23.87
C CYS C 41 7.86 10.94 -23.99
N ALA C 42 9.05 10.91 -23.38
CA ALA C 42 10.03 12.02 -23.40
C ALA C 42 10.51 12.28 -24.84
N LEU C 43 10.62 11.21 -25.63
CA LEU C 43 11.10 11.22 -27.03
C LEU C 43 9.91 11.32 -27.99
N GLU C 44 8.85 10.53 -27.75
CA GLU C 44 7.61 10.50 -28.57
C GLU C 44 6.92 11.88 -28.50
N SER C 45 6.63 12.38 -27.29
CA SER C 45 5.73 13.55 -27.04
C SER C 45 6.46 14.66 -26.26
N PRO C 46 7.50 15.30 -26.85
CA PRO C 46 8.22 16.39 -26.17
C PRO C 46 7.40 17.68 -26.06
N PRO C 47 7.51 18.43 -24.94
CA PRO C 47 6.87 19.74 -24.81
C PRO C 47 7.11 20.72 -25.97
N THR C 48 6.26 21.74 -26.10
CA THR C 48 6.13 22.61 -27.30
C THR C 48 7.29 23.62 -27.38
N SER C 49 7.54 24.37 -26.31
CA SER C 49 8.56 25.44 -26.24
N PRO C 53 13.28 28.20 -31.45
CA PRO C 53 13.90 26.87 -31.32
C PRO C 53 15.38 26.96 -30.97
N PRO C 54 15.88 26.15 -29.99
CA PRO C 54 17.30 26.11 -29.66
C PRO C 54 18.05 25.20 -30.65
N THR C 55 19.29 25.57 -31.01
CA THR C 55 20.19 24.74 -31.85
C THR C 55 20.17 23.30 -31.33
N VAL C 56 20.30 23.12 -30.00
CA VAL C 56 20.36 21.78 -29.32
C VAL C 56 19.13 21.61 -28.43
N PRO C 57 18.37 20.51 -28.54
CA PRO C 57 17.20 20.29 -27.69
C PRO C 57 17.63 20.11 -26.24
N PRO C 58 16.84 20.61 -25.26
CA PRO C 58 17.14 20.37 -23.84
C PRO C 58 16.81 18.94 -23.42
N PRO C 59 17.44 18.40 -22.35
CA PRO C 59 17.09 17.08 -21.87
C PRO C 59 15.67 17.14 -21.30
N PRO C 60 14.93 16.01 -21.24
CA PRO C 60 13.65 15.97 -20.54
C PRO C 60 13.78 16.46 -19.09
N ARG C 61 12.76 17.15 -18.56
CA ARG C 61 12.72 17.54 -17.11
C ARG C 61 12.74 16.26 -16.24
N VAL C 62 12.04 15.22 -16.66
CA VAL C 62 11.88 13.97 -15.85
C VAL C 62 12.86 12.91 -16.39
N VAL C 63 13.88 12.61 -15.61
CA VAL C 63 14.98 11.64 -15.91
C VAL C 63 15.39 11.00 -14.61
N ASP C 64 15.85 9.75 -14.65
CA ASP C 64 16.63 9.09 -13.59
C ASP C 64 18.09 9.00 -14.05
N LYS C 65 19.02 9.34 -13.17
CA LYS C 65 20.46 9.38 -13.51
C LYS C 65 21.27 8.66 -12.42
N LEU C 66 22.25 7.87 -12.86
CA LEU C 66 23.26 7.24 -11.98
C LEU C 66 24.61 7.39 -12.64
N SER C 67 25.57 8.00 -11.95
CA SER C 67 26.95 8.14 -12.45
C SER C 67 27.92 7.76 -11.33
N LEU C 68 28.78 6.77 -11.56
CA LEU C 68 29.67 6.19 -10.53
C LEU C 68 31.06 6.08 -11.11
N CYS C 69 32.08 6.28 -10.28
CA CYS C 69 33.48 5.94 -10.62
C CYS C 69 33.80 4.60 -9.98
N VAL C 70 34.72 3.86 -10.57
CA VAL C 70 35.00 2.45 -10.21
C VAL C 70 36.52 2.27 -10.16
N ALA C 71 37.04 1.71 -9.05
CA ALA C 71 38.44 1.26 -8.92
C ALA C 71 38.68 0.07 -9.87
N PRO C 72 39.48 0.25 -10.94
CA PRO C 72 39.67 -0.83 -11.91
C PRO C 72 40.59 -1.97 -11.47
N GLY C 73 41.48 -1.73 -10.49
CA GLY C 73 42.40 -2.74 -9.95
C GLY C 73 43.64 -2.93 -10.83
N LYS C 74 43.86 -2.06 -11.81
CA LYS C 74 45.09 -2.04 -12.65
C LYS C 74 45.22 -0.66 -13.29
N ALA C 75 46.39 -0.37 -13.88
CA ALA C 75 46.73 0.96 -14.41
C ALA C 75 45.88 1.24 -15.64
N CYS C 76 45.46 2.48 -15.79
CA CYS C 76 44.90 3.03 -17.05
C CYS C 76 46.05 3.28 -18.02
N SER C 77 45.85 3.01 -19.31
CA SER C 77 46.74 3.46 -20.41
C SER C 77 46.84 4.98 -20.39
N PRO C 78 47.93 5.58 -20.92
CA PRO C 78 48.05 7.03 -21.02
C PRO C 78 46.98 7.69 -21.92
N ALA C 79 46.59 7.05 -23.03
CA ALA C 79 45.50 7.53 -23.91
C ALA C 79 44.21 7.63 -23.07
N ALA C 80 43.89 6.58 -22.30
CA ALA C 80 42.63 6.49 -21.52
C ALA C 80 42.58 7.59 -20.47
N SER C 81 43.69 7.84 -19.76
CA SER C 81 43.82 8.92 -18.75
C SER C 81 43.71 10.30 -19.41
N GLU C 82 44.32 10.50 -20.57
CA GLU C 82 44.32 11.83 -21.24
C GLU C 82 42.90 12.14 -21.73
N ILE C 83 42.17 11.14 -22.18
CA ILE C 83 40.81 11.30 -22.75
C ILE C 83 39.79 11.47 -21.62
N THR C 84 39.93 10.71 -20.52
CA THR C 84 38.87 10.64 -19.46
C THR C 84 39.19 11.52 -18.24
N GLY C 85 40.45 11.93 -18.07
CA GLY C 85 40.90 12.66 -16.88
C GLY C 85 40.82 11.81 -15.62
N LEU C 86 40.78 10.49 -15.77
CA LEU C 86 40.84 9.50 -14.65
C LEU C 86 42.19 8.78 -14.68
N SER C 87 42.65 8.34 -13.51
CA SER C 87 43.81 7.43 -13.37
C SER C 87 43.55 6.56 -12.15
N THR C 88 44.11 5.36 -12.13
CA THR C 88 43.90 4.37 -11.05
C THR C 88 44.30 4.98 -9.70
N ALA C 89 45.36 5.80 -9.69
CA ALA C 89 45.89 6.49 -8.48
C ALA C 89 44.87 7.48 -7.92
N VAL C 90 44.25 8.31 -8.77
CA VAL C 90 43.25 9.34 -8.33
C VAL C 90 42.00 8.60 -7.81
N LEU C 91 41.57 7.55 -8.48
CA LEU C 91 40.37 6.77 -8.06
C LEU C 91 40.62 6.15 -6.67
N ALA C 92 41.84 5.70 -6.39
CA ALA C 92 42.25 5.11 -5.09
C ALA C 92 42.33 6.22 -4.02
N ALA C 93 42.80 7.41 -4.39
CA ALA C 93 42.80 8.59 -3.49
C ALA C 93 41.35 8.92 -3.07
N HIS C 94 40.39 8.72 -3.96
CA HIS C 94 38.95 9.03 -3.72
C HIS C 94 38.25 7.82 -3.09
N GLY C 95 39.02 6.84 -2.59
CA GLY C 95 38.49 5.63 -1.93
C GLY C 95 37.47 4.87 -2.78
N ARG C 96 37.60 4.87 -4.11
CA ARG C 96 36.65 4.13 -5.01
C ARG C 96 36.73 2.62 -4.73
N GLN C 97 35.59 1.94 -4.80
CA GLN C 97 35.49 0.46 -4.67
C GLN C 97 35.52 -0.17 -6.06
N CYS C 98 35.88 -1.46 -6.13
CA CYS C 98 35.92 -2.27 -7.38
C CYS C 98 34.49 -2.58 -7.85
N PHE C 99 34.38 -3.07 -9.08
CA PHE C 99 33.13 -3.63 -9.62
C PHE C 99 32.77 -4.88 -8.81
N ASP C 100 31.73 -4.81 -7.98
CA ASP C 100 31.44 -5.86 -6.97
C ASP C 100 29.95 -6.22 -7.00
N ASP C 101 29.52 -7.12 -6.11
CA ASP C 101 28.11 -7.58 -6.02
C ASP C 101 27.21 -6.38 -5.72
N ASN C 102 27.63 -5.50 -4.81
CA ASN C 102 26.87 -4.29 -4.41
C ASN C 102 26.59 -3.45 -5.66
N LEU C 103 27.59 -3.19 -6.51
CA LEU C 103 27.43 -2.39 -7.76
C LEU C 103 26.42 -3.06 -8.68
N ALA C 104 26.51 -4.37 -8.85
CA ALA C 104 25.59 -5.17 -9.70
C ALA C 104 24.15 -5.01 -9.18
N ASN C 105 23.95 -5.14 -7.87
CA ASN C 105 22.63 -4.99 -7.20
C ASN C 105 22.15 -3.53 -7.35
N LEU C 106 23.05 -2.55 -7.22
CA LEU C 106 22.75 -1.11 -7.43
C LEU C 106 22.18 -0.90 -8.85
N LEU C 107 22.87 -1.38 -9.88
CA LEU C 107 22.43 -1.24 -11.30
C LEU C 107 21.04 -1.86 -11.50
N LEU C 108 20.80 -3.04 -10.93
CA LEU C 108 19.51 -3.76 -11.08
C LEU C 108 18.39 -2.96 -10.41
N ALA C 109 18.59 -2.49 -9.17
CA ALA C 109 17.62 -1.64 -8.43
C ALA C 109 17.31 -0.37 -9.24
N PHE C 110 18.29 0.23 -9.90
CA PHE C 110 18.07 1.43 -10.74
C PHE C 110 17.16 1.06 -11.92
N LEU C 111 17.47 -0.02 -12.64
CA LEU C 111 16.63 -0.48 -13.78
C LEU C 111 15.21 -0.83 -13.26
N ARG C 112 15.09 -1.36 -12.05
CA ARG C 112 13.77 -1.76 -11.49
C ARG C 112 12.92 -0.54 -11.11
N ARG C 113 13.45 0.69 -11.11
CA ARG C 113 12.64 1.94 -10.99
C ARG C 113 12.02 2.31 -12.34
N GLN C 114 12.40 1.66 -13.44
CA GLN C 114 11.94 2.03 -14.81
C GLN C 114 10.90 1.01 -15.30
N PRO C 115 9.82 1.43 -15.98
CA PRO C 115 8.90 0.49 -16.60
C PRO C 115 9.57 -0.30 -17.73
N GLN C 116 9.34 -1.62 -17.71
CA GLN C 116 9.76 -2.59 -18.76
C GLN C 116 8.81 -2.48 -19.95
N PRO C 117 9.26 -2.85 -21.16
CA PRO C 117 10.64 -3.29 -21.38
C PRO C 117 11.73 -2.19 -21.25
N TRP C 118 12.92 -2.58 -20.77
CA TRP C 118 14.14 -1.74 -20.70
C TRP C 118 14.93 -1.84 -22.02
N CYS C 119 15.42 -0.72 -22.56
CA CYS C 119 16.44 -0.74 -23.65
C CYS C 119 17.66 0.12 -23.29
N LEU C 120 18.79 -0.54 -23.01
CA LEU C 120 20.12 0.12 -22.90
C LEU C 120 20.52 0.64 -24.28
N VAL C 121 20.86 1.92 -24.36
CA VAL C 121 21.37 2.58 -25.59
C VAL C 121 22.80 3.09 -25.31
N ALA C 122 23.79 2.53 -26.01
CA ALA C 122 25.21 2.83 -25.79
C ALA C 122 25.88 3.04 -27.15
N HIS C 123 26.71 4.07 -27.22
CA HIS C 123 27.40 4.48 -28.46
C HIS C 123 28.63 3.60 -28.64
N ASN C 124 28.68 2.86 -29.75
CA ASN C 124 29.68 1.81 -29.99
C ASN C 124 29.54 0.75 -28.90
N GLY C 125 28.29 0.54 -28.41
CA GLY C 125 27.97 -0.38 -27.32
C GLY C 125 28.36 -1.82 -27.62
N ASP C 126 28.23 -2.27 -28.87
CA ASP C 126 28.53 -3.67 -29.28
C ASP C 126 30.04 -3.96 -29.16
N ARG C 127 30.91 -2.98 -29.39
CA ARG C 127 32.39 -3.19 -29.36
C ARG C 127 32.96 -2.82 -27.98
N TYR C 128 32.34 -1.87 -27.26
CA TYR C 128 32.88 -1.31 -26.00
C TYR C 128 32.00 -1.72 -24.80
N ASP C 129 30.90 -1.01 -24.57
CA ASP C 129 30.24 -0.94 -23.25
C ASP C 129 29.52 -2.26 -22.95
N PHE C 130 28.81 -2.84 -23.90
CA PHE C 130 27.95 -4.04 -23.66
C PHE C 130 28.84 -5.23 -23.30
N PRO C 131 29.84 -5.60 -24.13
CA PRO C 131 30.71 -6.72 -23.82
C PRO C 131 31.54 -6.53 -22.53
N LEU C 132 31.97 -5.30 -22.24
CA LEU C 132 32.74 -5.03 -20.99
C LEU C 132 31.82 -5.22 -19.78
N LEU C 133 30.58 -4.73 -19.85
CA LEU C 133 29.62 -4.91 -18.74
C LEU C 133 29.40 -6.40 -18.50
N GLN C 134 29.21 -7.20 -19.58
CA GLN C 134 28.99 -8.67 -19.46
C GLN C 134 30.27 -9.33 -18.93
N ALA C 135 31.46 -8.86 -19.31
CA ALA C 135 32.75 -9.38 -18.78
C ALA C 135 32.81 -9.13 -17.26
N GLU C 136 32.53 -7.89 -16.81
CA GLU C 136 32.54 -7.52 -15.38
C GLU C 136 31.51 -8.37 -14.61
N LEU C 137 30.32 -8.58 -15.17
CA LEU C 137 29.25 -9.37 -14.49
C LEU C 137 29.67 -10.84 -14.43
N ALA C 138 30.30 -11.37 -15.49
CA ALA C 138 30.74 -12.79 -15.57
C ALA C 138 31.83 -13.06 -14.51
N MET C 139 32.77 -12.13 -14.32
CA MET C 139 33.87 -12.28 -13.32
C MET C 139 33.30 -12.27 -11.90
N LEU C 140 32.12 -11.69 -11.69
CA LEU C 140 31.40 -11.75 -10.37
C LEU C 140 30.59 -13.06 -10.27
N GLY C 141 30.45 -13.81 -11.36
CA GLY C 141 29.57 -15.00 -11.43
C GLY C 141 28.10 -14.59 -11.53
N LEU C 142 27.81 -13.47 -12.18
CA LEU C 142 26.46 -12.86 -12.30
C LEU C 142 26.09 -12.75 -13.80
N THR C 143 26.36 -13.79 -14.59
CA THR C 143 26.22 -13.78 -16.08
C THR C 143 24.79 -13.40 -16.47
N SER C 144 23.79 -13.74 -15.64
CA SER C 144 22.34 -13.66 -15.96
C SER C 144 21.74 -12.31 -15.51
N ALA C 145 22.49 -11.53 -14.74
CA ALA C 145 21.95 -10.48 -13.83
C ALA C 145 21.09 -9.45 -14.57
N LEU C 146 21.49 -9.01 -15.77
CA LEU C 146 20.73 -7.98 -16.55
C LEU C 146 20.10 -8.61 -17.81
N ASP C 147 19.85 -9.92 -17.80
CA ASP C 147 19.19 -10.67 -18.91
C ASP C 147 17.83 -10.03 -19.23
N GLY C 148 17.17 -9.47 -18.20
CA GLY C 148 15.90 -8.70 -18.34
C GLY C 148 15.97 -7.62 -19.42
N ALA C 149 17.12 -6.94 -19.56
CA ALA C 149 17.27 -5.74 -20.41
C ALA C 149 17.37 -6.15 -21.89
N PHE C 150 16.91 -5.27 -22.79
CA PHE C 150 17.25 -5.23 -24.24
C PHE C 150 18.35 -4.18 -24.45
N CYS C 151 19.02 -4.19 -25.60
CA CYS C 151 20.14 -3.25 -25.88
C CYS C 151 20.21 -2.91 -27.37
N VAL C 152 20.68 -1.70 -27.64
CA VAL C 152 20.88 -1.12 -28.99
C VAL C 152 22.19 -0.36 -28.97
N ASP C 153 23.01 -0.54 -30.01
CA ASP C 153 24.15 0.33 -30.35
C ASP C 153 23.63 1.51 -31.14
N SER C 154 23.80 2.74 -30.63
CA SER C 154 23.33 3.98 -31.31
C SER C 154 24.07 4.19 -32.63
N ILE C 155 25.27 3.64 -32.82
CA ILE C 155 25.96 3.73 -34.14
C ILE C 155 25.11 2.96 -35.17
N THR C 156 24.71 1.74 -34.85
CA THR C 156 23.85 0.86 -35.69
C THR C 156 22.54 1.60 -35.98
N ALA C 157 21.86 2.11 -34.94
CA ALA C 157 20.59 2.84 -35.06
C ALA C 157 20.75 4.02 -36.02
N LEU C 158 21.75 4.87 -35.77
CA LEU C 158 21.93 6.15 -36.50
C LEU C 158 22.40 5.87 -37.93
N LYS C 159 23.27 4.88 -38.12
CA LYS C 159 23.68 4.43 -39.48
C LYS C 159 22.42 4.10 -40.29
N ALA C 160 21.51 3.29 -39.74
CA ALA C 160 20.26 2.83 -40.38
C ALA C 160 19.36 4.04 -40.70
N LEU C 161 19.12 4.92 -39.72
CA LEU C 161 18.32 6.17 -39.92
C LEU C 161 18.98 6.99 -41.04
N GLU C 162 20.32 7.00 -41.08
CA GLU C 162 21.12 7.90 -41.95
C GLU C 162 21.24 7.29 -43.36
N ARG C 163 21.36 5.96 -43.48
CA ARG C 163 21.39 5.25 -44.81
C ARG C 163 19.99 5.36 -45.43
N ALA C 164 18.94 5.14 -44.62
CA ALA C 164 17.52 5.20 -45.02
C ALA C 164 17.09 6.65 -45.30
N SER C 165 17.85 7.65 -44.86
CA SER C 165 17.59 9.08 -45.14
C SER C 165 18.74 9.69 -45.98
N SER C 166 19.39 8.89 -46.83
CA SER C 166 20.44 9.31 -47.80
C SER C 166 20.42 8.39 -49.03
N PRO C 167 20.93 8.85 -50.20
CA PRO C 167 21.36 7.92 -51.24
C PRO C 167 22.39 6.95 -50.68
N SER C 168 22.64 5.83 -51.37
CA SER C 168 23.68 4.82 -50.97
C SER C 168 25.03 5.53 -50.84
N GLU C 169 25.74 5.27 -49.73
CA GLU C 169 27.13 5.75 -49.50
C GLU C 169 28.04 5.11 -50.56
N HIS C 170 28.93 5.90 -51.17
CA HIS C 170 30.00 5.45 -52.09
C HIS C 170 31.31 6.19 -51.78
N GLY C 171 32.45 5.47 -51.81
CA GLY C 171 33.77 6.00 -51.42
C GLY C 171 33.99 5.89 -49.90
N PRO C 172 35.04 6.57 -49.36
CA PRO C 172 35.31 6.56 -47.91
C PRO C 172 34.14 7.11 -47.07
N ARG C 173 33.79 6.43 -45.99
CA ARG C 173 32.56 6.71 -45.20
C ARG C 173 32.86 7.74 -44.10
N LYS C 174 31.82 8.33 -43.53
CA LYS C 174 31.91 9.37 -42.46
C LYS C 174 32.37 8.70 -41.17
N SER C 175 32.94 9.46 -40.22
CA SER C 175 33.15 8.99 -38.82
C SER C 175 31.80 8.91 -38.10
N TYR C 176 31.61 7.88 -37.26
CA TYR C 176 30.45 7.70 -36.35
C TYR C 176 30.91 7.74 -34.90
N SER C 177 32.03 8.43 -34.66
CA SER C 177 32.45 8.93 -33.33
C SER C 177 31.33 9.82 -32.79
N LEU C 178 31.14 9.82 -31.48
CA LEU C 178 30.07 10.60 -30.82
C LEU C 178 30.19 12.07 -31.24
N GLY C 179 31.42 12.61 -31.18
CA GLY C 179 31.72 14.03 -31.44
C GLY C 179 31.47 14.41 -32.90
N SER C 180 31.73 13.48 -33.83
CA SER C 180 31.54 13.65 -35.30
C SER C 180 30.06 13.83 -35.60
N ILE C 181 29.23 12.87 -35.17
CA ILE C 181 27.74 12.90 -35.31
C ILE C 181 27.20 14.20 -34.71
N TYR C 182 27.56 14.50 -33.47
CA TYR C 182 27.09 15.69 -32.73
C TYR C 182 27.37 16.98 -33.55
N THR C 183 28.62 17.14 -33.98
CA THR C 183 29.11 18.31 -34.77
C THR C 183 28.32 18.40 -36.08
N ARG C 184 27.99 17.26 -36.67
CA ARG C 184 27.29 17.19 -37.98
C ARG C 184 25.89 17.77 -37.82
N LEU C 185 25.23 17.47 -36.68
CA LEU C 185 23.82 17.82 -36.41
C LEU C 185 23.69 19.23 -35.84
N TYR C 186 24.64 19.68 -35.00
CA TYR C 186 24.46 20.88 -34.14
C TYR C 186 25.58 21.92 -34.35
N GLY C 187 26.53 21.66 -35.25
CA GLY C 187 27.51 22.67 -35.73
C GLY C 187 28.39 23.21 -34.63
N GLN C 188 28.55 22.47 -33.54
CA GLN C 188 29.45 22.77 -32.41
C GLN C 188 29.86 21.47 -31.74
N SER C 189 30.91 21.53 -30.92
CA SER C 189 31.38 20.44 -30.03
C SER C 189 30.38 20.23 -28.90
N PRO C 190 30.21 18.99 -28.41
CA PRO C 190 29.39 18.77 -27.22
C PRO C 190 30.03 19.46 -26.01
N PRO C 191 29.22 19.93 -25.04
CA PRO C 191 29.77 20.66 -23.90
C PRO C 191 30.97 19.94 -23.25
N ASP C 192 30.76 18.70 -22.80
CA ASP C 192 31.72 17.90 -22.01
C ASP C 192 32.02 16.60 -22.76
N SER C 193 33.28 16.40 -23.13
CA SER C 193 33.77 15.25 -23.94
C SER C 193 34.74 14.40 -23.11
N HIS C 194 34.73 14.50 -21.78
CA HIS C 194 35.75 13.86 -20.91
C HIS C 194 35.14 13.02 -19.78
N THR C 195 33.81 12.92 -19.63
CA THR C 195 33.15 12.06 -18.60
C THR C 195 32.12 11.12 -19.26
N ALA C 196 31.83 9.99 -18.60
CA ALA C 196 30.75 9.06 -19.00
C ALA C 196 29.41 9.82 -19.02
N GLU C 197 29.17 10.67 -18.02
CA GLU C 197 27.90 11.46 -17.94
C GLU C 197 27.77 12.37 -19.15
N GLY C 198 28.83 13.15 -19.43
CA GLY C 198 28.92 14.01 -20.62
C GLY C 198 28.65 13.25 -21.91
N ASP C 199 29.17 12.03 -22.05
CA ASP C 199 28.97 11.17 -23.26
C ASP C 199 27.49 10.74 -23.34
N VAL C 200 26.89 10.43 -22.20
CA VAL C 200 25.46 10.02 -22.13
C VAL C 200 24.56 11.20 -22.52
N LEU C 201 24.86 12.42 -22.03
CA LEU C 201 24.04 13.64 -22.32
C LEU C 201 24.20 14.03 -23.81
N ALA C 202 25.38 13.86 -24.39
CA ALA C 202 25.59 14.13 -25.84
C ALA C 202 24.82 13.10 -26.69
N LEU C 203 24.84 11.82 -26.30
CA LEU C 203 24.08 10.72 -26.95
C LEU C 203 22.56 11.01 -26.88
N LEU C 204 22.04 11.33 -25.69
CA LEU C 204 20.62 11.73 -25.52
C LEU C 204 20.31 12.81 -26.57
N SER C 205 21.07 13.90 -26.60
CA SER C 205 20.88 15.05 -27.54
C SER C 205 20.80 14.56 -28.99
N ILE C 206 21.69 13.66 -29.40
CA ILE C 206 21.78 13.13 -30.79
C ILE C 206 20.50 12.34 -31.07
N CYS C 207 20.01 11.57 -30.09
CA CYS C 207 18.81 10.69 -30.21
C CYS C 207 17.50 11.51 -30.15
N GLN C 208 17.57 12.78 -29.75
CA GLN C 208 16.42 13.73 -29.75
C GLN C 208 16.30 14.39 -31.13
N TRP C 209 17.22 14.09 -32.06
CA TRP C 209 17.26 14.54 -33.47
C TRP C 209 15.96 14.17 -34.18
N ARG C 210 15.77 12.88 -34.44
CA ARG C 210 14.53 12.29 -35.02
C ARG C 210 14.02 11.25 -34.04
N PRO C 211 13.41 11.68 -32.91
CA PRO C 211 13.10 10.76 -31.82
C PRO C 211 12.05 9.72 -32.21
N GLN C 212 11.15 10.06 -33.14
CA GLN C 212 10.06 9.15 -33.60
C GLN C 212 10.69 7.96 -34.35
N ALA C 213 11.49 8.24 -35.39
CA ALA C 213 12.20 7.24 -36.23
C ALA C 213 13.12 6.39 -35.37
N LEU C 214 13.81 7.00 -34.40
CA LEU C 214 14.72 6.24 -33.50
C LEU C 214 13.90 5.21 -32.72
N LEU C 215 12.81 5.65 -32.07
CA LEU C 215 11.95 4.76 -31.24
C LEU C 215 11.44 3.59 -32.10
N ARG C 216 11.07 3.85 -33.36
CA ARG C 216 10.58 2.80 -34.30
C ARG C 216 11.70 1.78 -34.56
N TRP C 217 12.90 2.25 -34.86
CA TRP C 217 14.05 1.36 -35.11
C TRP C 217 14.33 0.51 -33.87
N VAL C 218 14.36 1.12 -32.68
CA VAL C 218 14.69 0.42 -31.40
C VAL C 218 13.64 -0.67 -31.12
N ASP C 219 12.34 -0.33 -31.20
CA ASP C 219 11.21 -1.26 -30.98
C ASP C 219 11.40 -2.48 -31.91
N ALA C 220 11.91 -2.28 -33.12
CA ALA C 220 12.01 -3.32 -34.17
C ALA C 220 13.32 -4.14 -34.04
N HIS C 221 14.39 -3.60 -33.46
CA HIS C 221 15.76 -4.19 -33.57
C HIS C 221 16.43 -4.39 -32.21
N ALA C 222 15.80 -3.97 -31.11
CA ALA C 222 16.36 -4.14 -29.75
C ALA C 222 16.66 -5.64 -29.52
N ARG C 223 17.86 -5.95 -29.03
CA ARG C 223 18.36 -7.34 -28.83
C ARG C 223 18.42 -7.63 -27.35
N PRO C 224 18.04 -8.85 -26.90
CA PRO C 224 18.21 -9.22 -25.49
C PRO C 224 19.67 -9.05 -25.11
N PHE C 225 19.91 -8.44 -23.95
CA PHE C 225 21.27 -8.25 -23.40
C PHE C 225 21.99 -9.61 -23.24
N GLY C 226 21.21 -10.67 -23.01
CA GLY C 226 21.70 -12.06 -22.90
C GLY C 226 22.49 -12.50 -24.13
N THR C 227 22.29 -11.86 -25.29
CA THR C 227 22.94 -12.24 -26.59
C THR C 227 24.33 -11.59 -26.71
N ILE C 228 24.69 -10.68 -25.82
CA ILE C 228 26.06 -10.07 -25.81
C ILE C 228 27.02 -11.02 -25.11
N ARG C 229 28.03 -11.48 -25.83
CA ARG C 229 29.17 -12.26 -25.29
C ARG C 229 30.06 -11.34 -24.47
N PRO C 230 30.59 -11.78 -23.30
CA PRO C 230 31.56 -10.98 -22.56
C PRO C 230 32.79 -10.65 -23.41
N MET C 231 33.38 -9.48 -23.21
CA MET C 231 34.56 -9.00 -23.98
C MET C 231 35.70 -10.02 -23.84
N TYR C 232 35.76 -10.73 -22.71
CA TYR C 232 36.85 -11.67 -22.35
C TYR C 232 36.43 -12.45 -21.10
N GLY C 233 36.99 -13.65 -20.93
CA GLY C 233 36.69 -14.57 -19.81
C GLY C 233 37.63 -14.33 -18.64
N GLY D 1 30.04 -0.19 30.48
CA GLY D 1 29.63 -0.32 29.05
C GLY D 1 30.79 -0.03 28.12
N SER D 2 30.79 -0.63 26.94
CA SER D 2 31.80 -0.34 25.89
C SER D 2 31.33 0.88 25.11
N GLN D 3 32.21 1.87 24.94
CA GLN D 3 31.89 3.18 24.33
C GLN D 3 31.76 3.02 22.81
N ALA D 4 31.05 3.95 22.16
CA ALA D 4 31.05 4.11 20.70
C ALA D 4 32.43 4.59 20.27
N LEU D 5 32.99 4.02 19.19
CA LEU D 5 34.20 4.56 18.53
C LEU D 5 33.86 5.95 18.03
N PRO D 6 34.63 7.01 18.37
CA PRO D 6 34.43 8.30 17.73
C PRO D 6 34.48 8.11 16.21
N PRO D 7 33.52 8.68 15.45
CA PRO D 7 33.48 8.50 14.00
C PRO D 7 34.79 8.97 13.35
N GLY D 8 35.32 10.11 13.82
CA GLY D 8 36.49 10.80 13.24
C GLY D 8 36.11 11.70 12.08
N PRO D 9 37.09 12.17 11.29
CA PRO D 9 36.83 12.99 10.10
C PRO D 9 35.86 12.28 9.13
N MET D 10 34.79 12.97 8.72
CA MET D 10 33.85 12.50 7.66
C MET D 10 34.65 12.20 6.38
N GLN D 11 34.45 11.03 5.78
CA GLN D 11 35.24 10.60 4.61
C GLN D 11 34.45 10.94 3.33
N THR D 12 33.11 10.90 3.40
CA THR D 12 32.23 11.28 2.27
C THR D 12 31.23 12.36 2.71
N LEU D 13 31.16 13.43 1.94
CA LEU D 13 30.06 14.41 2.01
C LEU D 13 29.09 14.05 0.88
N ILE D 14 27.86 13.71 1.24
CA ILE D 14 26.75 13.49 0.25
C ILE D 14 25.87 14.74 0.25
N PHE D 15 26.08 15.61 -0.74
CA PHE D 15 25.21 16.78 -1.02
C PHE D 15 23.88 16.23 -1.50
N PHE D 16 22.79 16.75 -0.93
CA PHE D 16 21.47 16.09 -0.87
C PHE D 16 20.38 17.13 -0.98
N ASP D 17 19.40 16.85 -1.83
CA ASP D 17 18.15 17.64 -1.91
C ASP D 17 17.03 16.71 -2.35
N MET D 18 15.87 16.89 -1.72
CA MET D 18 14.61 16.35 -2.26
C MET D 18 13.69 17.54 -2.60
N GLU D 19 12.79 17.33 -3.54
CA GLU D 19 11.61 18.18 -3.82
C GLU D 19 10.38 17.36 -3.44
N ALA D 20 9.29 18.04 -3.14
CA ALA D 20 8.06 17.42 -2.59
C ALA D 20 6.81 18.08 -3.19
N THR D 21 5.66 17.57 -2.79
CA THR D 21 4.32 17.95 -3.31
C THR D 21 3.89 19.29 -2.72
N GLY D 22 4.55 19.77 -1.68
CA GLY D 22 4.07 20.94 -0.92
C GLY D 22 4.86 21.14 0.36
N LEU D 23 4.43 22.08 1.18
CA LEU D 23 5.21 22.51 2.36
C LEU D 23 4.91 21.53 3.49
N PRO D 24 5.76 21.50 4.56
CA PRO D 24 5.61 20.50 5.62
C PRO D 24 4.21 20.35 6.25
N PHE D 25 3.46 21.46 6.42
CA PHE D 25 2.11 21.43 7.07
C PHE D 25 1.18 20.47 6.31
N SER D 26 1.35 20.37 4.99
CA SER D 26 0.48 19.59 4.05
C SER D 26 0.76 18.09 4.13
N GLN D 27 1.72 17.67 4.98
CA GLN D 27 2.20 16.27 5.06
C GLN D 27 2.65 15.83 3.67
N PRO D 28 3.70 16.48 3.11
CA PRO D 28 4.06 16.31 1.71
C PRO D 28 4.75 14.95 1.44
N LYS D 29 4.83 14.59 0.16
CA LYS D 29 5.53 13.37 -0.32
C LYS D 29 6.67 13.76 -1.27
N VAL D 30 7.72 12.95 -1.33
CA VAL D 30 8.88 13.19 -2.23
C VAL D 30 8.43 13.06 -3.70
N THR D 31 8.85 13.99 -4.55
CA THR D 31 8.70 13.95 -6.04
C THR D 31 10.07 13.77 -6.73
N GLU D 32 11.16 14.12 -6.07
CA GLU D 32 12.50 14.06 -6.70
C GLU D 32 13.54 14.00 -5.59
N LEU D 33 14.63 13.27 -5.82
CA LEU D 33 15.80 13.30 -4.92
C LEU D 33 17.09 13.22 -5.74
N CYS D 34 18.13 13.88 -5.21
CA CYS D 34 19.50 13.86 -5.77
C CYS D 34 20.51 13.70 -4.63
N LEU D 35 21.41 12.74 -4.77
CA LEU D 35 22.59 12.55 -3.91
C LEU D 35 23.84 12.73 -4.77
N LEU D 36 24.80 13.53 -4.32
CA LEU D 36 26.10 13.70 -5.01
C LEU D 36 27.17 13.49 -3.97
N ALA D 37 27.85 12.35 -4.06
CA ALA D 37 28.85 11.88 -3.09
C ALA D 37 30.23 12.35 -3.51
N VAL D 38 30.87 13.12 -2.65
CA VAL D 38 32.23 13.68 -2.87
C VAL D 38 33.13 13.15 -1.76
N HIS D 39 34.29 12.58 -2.10
CA HIS D 39 35.35 12.23 -1.13
C HIS D 39 35.91 13.50 -0.48
N ARG D 40 36.21 13.42 0.81
CA ARG D 40 36.91 14.47 1.60
C ARG D 40 38.01 15.14 0.75
N CYS D 41 38.85 14.35 0.10
CA CYS D 41 40.09 14.82 -0.56
C CYS D 41 39.76 15.77 -1.72
N ALA D 42 38.53 15.72 -2.26
CA ALA D 42 38.06 16.64 -3.33
C ALA D 42 37.90 18.06 -2.79
N LEU D 43 37.53 18.22 -1.51
CA LEU D 43 37.37 19.54 -0.85
C LEU D 43 38.63 19.90 -0.06
N GLU D 44 39.37 18.90 0.44
CA GLU D 44 40.59 19.09 1.27
C GLU D 44 41.75 19.53 0.38
N SER D 45 41.77 19.09 -0.88
CA SER D 45 42.81 19.39 -1.89
C SER D 45 42.16 19.73 -3.24
N PRO D 46 41.55 20.92 -3.37
CA PRO D 46 40.89 21.32 -4.61
C PRO D 46 41.65 20.95 -5.89
N PRO D 54 38.14 29.69 -12.54
CA PRO D 54 37.01 30.31 -13.25
C PRO D 54 36.11 31.13 -12.29
N THR D 55 34.99 31.65 -12.80
CA THR D 55 33.95 32.37 -12.01
C THR D 55 33.43 31.44 -10.91
N VAL D 56 32.72 30.37 -11.31
CA VAL D 56 32.24 29.28 -10.42
C VAL D 56 33.25 28.15 -10.48
N PRO D 57 33.65 27.54 -9.34
CA PRO D 57 34.52 26.36 -9.38
C PRO D 57 33.85 25.25 -10.17
N PRO D 58 34.59 24.46 -10.99
CA PRO D 58 34.03 23.29 -11.64
C PRO D 58 33.84 22.18 -10.61
N PRO D 59 32.86 21.28 -10.78
CA PRO D 59 32.73 20.15 -9.87
C PRO D 59 34.00 19.31 -9.91
N PRO D 60 34.31 18.55 -8.84
CA PRO D 60 35.42 17.61 -8.88
C PRO D 60 35.15 16.58 -9.97
N ARG D 61 36.21 16.08 -10.62
CA ARG D 61 36.15 15.08 -11.71
C ARG D 61 35.55 13.79 -11.14
N VAL D 62 35.95 13.42 -9.93
CA VAL D 62 35.56 12.14 -9.29
C VAL D 62 34.39 12.41 -8.33
N VAL D 63 33.20 12.05 -8.75
CA VAL D 63 31.94 12.19 -7.96
C VAL D 63 31.05 11.01 -8.32
N ASP D 64 30.21 10.59 -7.38
CA ASP D 64 29.10 9.64 -7.62
C ASP D 64 27.80 10.44 -7.53
N LYS D 65 26.86 10.19 -8.44
CA LYS D 65 25.62 10.98 -8.55
C LYS D 65 24.43 10.04 -8.72
N LEU D 66 23.32 10.33 -8.03
CA LEU D 66 22.03 9.61 -8.19
C LEU D 66 20.91 10.64 -8.13
N SER D 67 20.11 10.70 -9.20
CA SER D 67 18.97 11.63 -9.35
C SER D 67 17.76 10.81 -9.77
N LEU D 68 16.71 10.78 -8.95
CA LEU D 68 15.49 9.98 -9.24
C LEU D 68 14.26 10.85 -9.07
N CYS D 69 13.27 10.60 -9.91
CA CYS D 69 11.90 11.14 -9.78
C CYS D 69 11.02 10.07 -9.10
N VAL D 70 10.08 10.51 -8.27
CA VAL D 70 9.24 9.64 -7.40
C VAL D 70 7.78 10.01 -7.60
N ALA D 71 6.92 9.01 -7.79
CA ALA D 71 5.44 9.17 -7.84
C ALA D 71 4.96 9.42 -6.41
N PRO D 72 4.45 10.63 -6.10
CA PRO D 72 4.11 11.00 -4.72
C PRO D 72 2.84 10.38 -4.14
N GLY D 73 1.90 9.95 -5.00
CA GLY D 73 0.63 9.30 -4.58
C GLY D 73 -0.42 10.31 -4.11
N LYS D 74 -0.18 11.60 -4.33
CA LYS D 74 -1.12 12.71 -4.03
C LYS D 74 -0.79 13.85 -4.99
N ALA D 75 -1.69 14.83 -5.10
CA ALA D 75 -1.51 16.00 -5.98
C ALA D 75 -0.39 16.86 -5.42
N CYS D 76 0.41 17.48 -6.29
CA CYS D 76 1.31 18.61 -5.94
C CYS D 76 0.45 19.86 -5.77
N SER D 77 0.82 20.77 -4.87
CA SER D 77 0.25 22.15 -4.84
C SER D 77 0.62 22.88 -6.13
N PRO D 78 -0.25 23.74 -6.68
CA PRO D 78 0.10 24.56 -7.84
C PRO D 78 1.43 25.29 -7.66
N ALA D 79 1.69 25.80 -6.44
CA ALA D 79 2.94 26.53 -6.12
C ALA D 79 4.14 25.61 -6.35
N ALA D 80 4.14 24.44 -5.71
CA ALA D 80 5.24 23.43 -5.78
C ALA D 80 5.49 23.02 -7.23
N SER D 81 4.43 22.77 -8.00
CA SER D 81 4.51 22.32 -9.41
C SER D 81 5.13 23.41 -10.29
N GLU D 82 4.72 24.66 -10.11
CA GLU D 82 5.27 25.80 -10.88
C GLU D 82 6.75 25.98 -10.53
N ILE D 83 7.12 25.86 -9.25
CA ILE D 83 8.51 26.09 -8.75
C ILE D 83 9.44 25.00 -9.29
N THR D 84 9.04 23.73 -9.23
CA THR D 84 9.92 22.54 -9.52
C THR D 84 9.76 22.08 -10.96
N GLY D 85 8.65 22.46 -11.60
CA GLY D 85 8.30 21.97 -12.96
C GLY D 85 7.88 20.52 -12.92
N LEU D 86 7.49 20.00 -11.75
CA LEU D 86 7.01 18.61 -11.60
C LEU D 86 5.53 18.67 -11.24
N SER D 87 4.78 17.68 -11.65
CA SER D 87 3.36 17.50 -11.27
C SER D 87 3.12 16.00 -11.20
N THR D 88 2.23 15.57 -10.31
CA THR D 88 1.88 14.14 -10.12
C THR D 88 1.43 13.56 -11.47
N ALA D 89 0.77 14.38 -12.29
CA ALA D 89 0.26 14.00 -13.63
C ALA D 89 1.43 13.71 -14.59
N VAL D 90 2.43 14.58 -14.67
CA VAL D 90 3.59 14.38 -15.60
C VAL D 90 4.45 13.21 -15.09
N LEU D 91 4.61 13.07 -13.78
CA LEU D 91 5.33 11.93 -13.16
C LEU D 91 4.62 10.61 -13.51
N ALA D 92 3.28 10.60 -13.54
CA ALA D 92 2.48 9.41 -13.94
C ALA D 92 2.68 9.14 -15.45
N ALA D 93 2.66 10.16 -16.30
CA ALA D 93 2.91 10.08 -17.77
C ALA D 93 4.29 9.44 -18.03
N HIS D 94 5.26 9.65 -17.13
CA HIS D 94 6.64 9.14 -17.25
C HIS D 94 6.82 7.81 -16.50
N GLY D 95 5.74 7.20 -16.01
CA GLY D 95 5.74 5.85 -15.42
C GLY D 95 6.52 5.77 -14.12
N ARG D 96 6.59 6.85 -13.33
CA ARG D 96 7.40 6.82 -12.08
C ARG D 96 6.73 5.92 -11.04
N GLN D 97 7.53 5.25 -10.22
CA GLN D 97 7.07 4.40 -9.09
C GLN D 97 7.13 5.21 -7.80
N CYS D 98 6.34 4.78 -6.81
N CYS D 98 6.33 4.82 -6.81
CA CYS D 98 6.28 5.39 -5.46
CA CYS D 98 6.28 5.47 -5.48
C CYS D 98 7.62 5.19 -4.74
C CYS D 98 7.58 5.19 -4.73
N PHE D 99 7.79 5.89 -3.61
CA PHE D 99 8.84 5.61 -2.61
C PHE D 99 8.58 4.22 -2.02
N ASP D 100 9.44 3.25 -2.31
CA ASP D 100 9.19 1.81 -2.00
C ASP D 100 10.47 1.16 -1.50
N ASP D 101 10.42 -0.15 -1.25
CA ASP D 101 11.55 -0.93 -0.68
C ASP D 101 12.72 -0.90 -1.66
N ASN D 102 12.45 -0.96 -2.96
CA ASN D 102 13.51 -0.97 -4.00
C ASN D 102 14.26 0.36 -3.91
N LEU D 103 13.54 1.48 -3.76
CA LEU D 103 14.18 2.82 -3.69
C LEU D 103 15.11 2.89 -2.48
N ALA D 104 14.64 2.48 -1.30
CA ALA D 104 15.43 2.44 -0.06
C ALA D 104 16.69 1.58 -0.28
N ASN D 105 16.54 0.41 -0.92
CA ASN D 105 17.67 -0.51 -1.23
C ASN D 105 18.64 0.21 -2.17
N LEU D 106 18.12 0.95 -3.14
CA LEU D 106 18.95 1.68 -4.12
C LEU D 106 19.77 2.76 -3.38
N LEU D 107 19.13 3.48 -2.46
CA LEU D 107 19.80 4.56 -1.70
C LEU D 107 20.94 3.97 -0.86
N LEU D 108 20.72 2.84 -0.17
CA LEU D 108 21.75 2.21 0.71
C LEU D 108 22.91 1.64 -0.13
N ALA D 109 22.61 1.07 -1.30
CA ALA D 109 23.64 0.50 -2.21
C ALA D 109 24.55 1.62 -2.73
N PHE D 110 23.96 2.78 -3.02
CA PHE D 110 24.69 4.00 -3.44
C PHE D 110 25.63 4.45 -2.31
N LEU D 111 25.12 4.59 -1.09
CA LEU D 111 25.92 5.07 0.07
C LEU D 111 27.05 4.09 0.40
N ARG D 112 26.83 2.79 0.22
CA ARG D 112 27.83 1.74 0.53
C ARG D 112 28.98 1.76 -0.49
N ARG D 113 28.86 2.48 -1.61
CA ARG D 113 30.00 2.68 -2.54
C ARG D 113 30.92 3.76 -1.99
N GLN D 114 30.52 4.44 -0.90
CA GLN D 114 31.24 5.61 -0.36
C GLN D 114 31.91 5.19 0.96
N PRO D 115 33.18 5.57 1.18
CA PRO D 115 33.82 5.32 2.47
C PRO D 115 33.11 6.09 3.59
N GLN D 116 32.98 5.44 4.76
CA GLN D 116 32.34 5.99 5.98
C GLN D 116 33.40 6.68 6.83
N PRO D 117 33.01 7.64 7.71
CA PRO D 117 31.61 8.03 7.90
C PRO D 117 30.99 8.84 6.75
N TRP D 118 29.69 8.64 6.52
CA TRP D 118 28.85 9.37 5.54
C TRP D 118 28.26 10.61 6.21
N CYS D 119 28.39 11.78 5.61
CA CYS D 119 27.67 12.99 6.07
C CYS D 119 26.79 13.54 4.96
N LEU D 120 25.48 13.39 5.11
CA LEU D 120 24.47 14.07 4.25
C LEU D 120 24.56 15.57 4.52
N VAL D 121 24.69 16.37 3.47
CA VAL D 121 24.67 17.85 3.55
C VAL D 121 23.51 18.35 2.68
N ALA D 122 22.56 19.06 3.29
CA ALA D 122 21.34 19.58 2.62
C ALA D 122 21.04 21.02 3.09
N HIS D 123 20.73 21.90 2.15
CA HIS D 123 20.29 23.30 2.40
C HIS D 123 18.86 23.27 2.95
N ASN D 124 18.69 23.66 4.21
CA ASN D 124 17.39 23.60 4.95
C ASN D 124 17.05 22.12 5.25
N GLY D 125 18.05 21.26 5.36
CA GLY D 125 17.88 19.82 5.62
C GLY D 125 17.05 19.52 6.88
N ASP D 126 17.23 20.30 7.95
CA ASP D 126 16.55 20.08 9.26
C ASP D 126 15.05 20.37 9.16
N ARG D 127 14.65 21.39 8.38
CA ARG D 127 13.23 21.78 8.23
C ARG D 127 12.55 20.88 7.18
N TYR D 128 13.25 20.53 6.10
CA TYR D 128 12.65 19.96 4.86
C TYR D 128 13.16 18.52 4.64
N ASP D 129 14.35 18.37 4.07
CA ASP D 129 14.77 17.11 3.40
C ASP D 129 15.02 15.99 4.42
N PHE D 130 15.66 16.26 5.55
CA PHE D 130 15.99 15.18 6.53
C PHE D 130 14.71 14.61 7.16
N PRO D 131 13.82 15.45 7.76
CA PRO D 131 12.60 14.92 8.37
C PRO D 131 11.68 14.28 7.34
N LEU D 132 11.67 14.73 6.08
CA LEU D 132 10.80 14.11 5.05
C LEU D 132 11.34 12.72 4.67
N LEU D 133 12.65 12.58 4.50
CA LEU D 133 13.30 11.27 4.21
C LEU D 133 12.99 10.30 5.36
N GLN D 134 13.08 10.77 6.60
CA GLN D 134 12.79 9.95 7.81
C GLN D 134 11.31 9.52 7.82
N ALA D 135 10.40 10.38 7.35
CA ALA D 135 8.95 10.07 7.23
C ALA D 135 8.71 8.97 6.17
N GLU D 136 9.28 9.13 4.96
CA GLU D 136 9.12 8.16 3.85
C GLU D 136 9.62 6.79 4.30
N LEU D 137 10.76 6.76 4.99
CA LEU D 137 11.37 5.49 5.48
C LEU D 137 10.47 4.88 6.57
N ALA D 138 9.91 5.70 7.47
CA ALA D 138 8.99 5.23 8.55
C ALA D 138 7.75 4.56 7.93
N MET D 139 7.18 5.16 6.88
CA MET D 139 5.96 4.65 6.22
C MET D 139 6.24 3.31 5.51
N LEU D 140 7.50 2.99 5.19
CA LEU D 140 7.89 1.66 4.64
C LEU D 140 8.25 0.70 5.77
N GLY D 141 8.22 1.16 7.02
CA GLY D 141 8.68 0.39 8.18
C GLY D 141 10.19 0.22 8.16
N LEU D 142 10.91 1.14 7.51
CA LEU D 142 12.39 1.12 7.38
C LEU D 142 12.98 2.24 8.22
N THR D 143 12.55 2.39 9.48
CA THR D 143 12.95 3.54 10.34
C THR D 143 14.46 3.53 10.61
N SER D 144 15.12 2.38 10.52
CA SER D 144 16.55 2.21 10.90
C SER D 144 17.48 2.35 9.67
N ALA D 145 16.92 2.60 8.49
CA ALA D 145 17.61 2.45 7.18
C ALA D 145 18.95 3.20 7.18
N LEU D 146 18.98 4.42 7.71
CA LEU D 146 20.15 5.34 7.60
C LEU D 146 20.68 5.71 8.99
N ASP D 147 20.41 4.87 10.00
CA ASP D 147 21.00 4.96 11.37
C ASP D 147 22.51 5.18 11.28
N GLY D 148 23.18 4.55 10.32
CA GLY D 148 24.65 4.56 10.16
C GLY D 148 25.19 5.94 9.78
N ALA D 149 24.35 6.77 9.15
CA ALA D 149 24.75 8.04 8.49
C ALA D 149 24.81 9.19 9.50
N PHE D 150 25.51 10.27 9.13
CA PHE D 150 25.51 11.61 9.80
C PHE D 150 24.88 12.64 8.86
N CYS D 151 24.59 13.84 9.40
CA CYS D 151 23.97 14.92 8.59
C CYS D 151 24.30 16.29 9.18
N VAL D 152 24.28 17.27 8.29
CA VAL D 152 24.53 18.71 8.53
C VAL D 152 23.55 19.48 7.67
N ASP D 153 22.91 20.50 8.23
CA ASP D 153 22.15 21.53 7.47
C ASP D 153 23.16 22.58 7.02
N SER D 154 23.28 22.82 5.72
CA SER D 154 24.27 23.76 5.14
C SER D 154 23.90 25.21 5.53
N ILE D 155 22.64 25.49 5.88
CA ILE D 155 22.22 26.80 6.46
C ILE D 155 23.01 27.04 7.75
N THR D 156 22.93 26.09 8.68
CA THR D 156 23.59 26.12 10.01
C THR D 156 25.12 26.19 9.85
N ALA D 157 25.65 25.63 8.75
CA ALA D 157 27.11 25.57 8.46
C ALA D 157 27.59 26.91 7.90
N LEU D 158 26.90 27.45 6.90
CA LEU D 158 27.33 28.66 6.15
C LEU D 158 27.17 29.89 7.05
N LYS D 159 26.15 29.88 7.94
CA LYS D 159 25.89 30.96 8.95
C LYS D 159 27.02 30.95 9.98
N ALA D 160 27.35 29.77 10.50
CA ALA D 160 28.43 29.54 11.50
C ALA D 160 29.81 29.79 10.87
N LEU D 161 29.88 29.98 9.55
CA LEU D 161 31.10 30.42 8.81
C LEU D 161 31.05 31.95 8.61
N GLU D 162 30.15 32.42 7.74
CA GLU D 162 29.95 33.87 7.42
C GLU D 162 28.90 34.47 8.36
N SER D 175 17.67 37.04 2.87
CA SER D 175 17.31 35.66 2.43
C SER D 175 18.58 34.82 2.29
N TYR D 176 18.76 33.84 3.19
CA TYR D 176 19.81 32.79 3.11
C TYR D 176 19.31 31.63 2.21
N SER D 177 18.37 31.92 1.31
CA SER D 177 17.95 31.02 0.21
C SER D 177 19.20 30.55 -0.56
N LEU D 178 19.23 29.28 -0.97
CA LEU D 178 20.29 28.69 -1.81
C LEU D 178 20.64 29.65 -2.95
N GLY D 179 19.64 30.03 -3.75
CA GLY D 179 19.81 30.88 -4.95
C GLY D 179 20.36 32.25 -4.61
N SER D 180 19.94 32.81 -3.47
CA SER D 180 20.41 34.12 -2.96
C SER D 180 21.91 34.04 -2.62
N ILE D 181 22.33 33.00 -1.89
CA ILE D 181 23.74 32.80 -1.44
C ILE D 181 24.65 32.65 -2.66
N TYR D 182 24.24 31.82 -3.63
CA TYR D 182 24.97 31.51 -4.88
C TYR D 182 25.15 32.80 -5.71
N THR D 183 24.08 33.60 -5.86
CA THR D 183 24.07 34.87 -6.65
C THR D 183 25.00 35.89 -5.99
N ARG D 184 24.94 36.03 -4.67
CA ARG D 184 25.89 36.83 -3.85
C ARG D 184 27.32 36.41 -4.18
N LEU D 185 27.63 35.11 -4.11
CA LEU D 185 29.01 34.57 -4.23
C LEU D 185 29.55 34.70 -5.67
N TYR D 186 28.72 34.45 -6.69
CA TYR D 186 29.17 34.19 -8.08
C TYR D 186 28.45 35.06 -9.12
N GLY D 187 27.51 35.93 -8.71
CA GLY D 187 26.90 36.95 -9.57
C GLY D 187 25.64 36.44 -10.27
N GLN D 188 25.74 35.35 -11.04
CA GLN D 188 24.63 34.77 -11.84
C GLN D 188 23.73 33.92 -10.92
N SER D 189 22.46 33.75 -11.28
CA SER D 189 21.51 32.80 -10.63
C SER D 189 21.93 31.38 -11.02
N PRO D 190 21.85 30.38 -10.10
CA PRO D 190 22.29 29.03 -10.41
C PRO D 190 21.44 28.40 -11.50
N PRO D 191 22.01 27.50 -12.34
CA PRO D 191 21.23 26.77 -13.33
C PRO D 191 20.29 25.71 -12.69
N ASP D 192 19.15 25.46 -13.33
CA ASP D 192 18.17 24.38 -12.98
C ASP D 192 17.75 24.58 -11.51
N SER D 193 17.40 25.81 -11.15
CA SER D 193 16.93 26.20 -9.81
C SER D 193 15.64 25.44 -9.45
N HIS D 194 15.53 24.99 -8.19
CA HIS D 194 14.33 24.30 -7.64
C HIS D 194 14.13 22.94 -8.33
N THR D 195 15.20 22.34 -8.87
CA THR D 195 15.29 20.89 -9.20
C THR D 195 16.30 20.30 -8.22
N ALA D 196 16.10 19.06 -7.82
CA ALA D 196 16.93 18.36 -6.82
C ALA D 196 18.40 18.41 -7.26
N GLU D 197 18.67 18.06 -8.51
CA GLU D 197 20.05 17.98 -9.04
C GLU D 197 20.61 19.40 -9.17
N GLY D 198 19.83 20.33 -9.71
CA GLY D 198 20.20 21.75 -9.80
C GLY D 198 20.57 22.31 -8.45
N ASP D 199 19.76 22.00 -7.43
CA ASP D 199 20.00 22.53 -6.05
C ASP D 199 21.28 21.89 -5.49
N VAL D 200 21.45 20.57 -5.66
CA VAL D 200 22.64 19.83 -5.19
C VAL D 200 23.91 20.43 -5.83
N LEU D 201 23.93 20.68 -7.14
CA LEU D 201 25.12 21.23 -7.87
C LEU D 201 25.41 22.68 -7.40
N ALA D 202 24.38 23.50 -7.20
CA ALA D 202 24.51 24.86 -6.62
C ALA D 202 25.15 24.75 -5.23
N LEU D 203 24.68 23.82 -4.39
CA LEU D 203 25.17 23.66 -3.00
C LEU D 203 26.65 23.23 -3.03
N LEU D 204 27.02 22.33 -3.92
CA LEU D 204 28.43 21.86 -4.11
C LEU D 204 29.31 23.08 -4.43
N SER D 205 28.93 23.87 -5.44
CA SER D 205 29.65 25.10 -5.87
C SER D 205 29.79 26.06 -4.68
N ILE D 206 28.73 26.26 -3.89
CA ILE D 206 28.76 27.14 -2.70
C ILE D 206 29.79 26.59 -1.69
N CYS D 207 29.82 25.28 -1.51
CA CYS D 207 30.64 24.58 -0.49
C CYS D 207 32.11 24.45 -0.94
N GLN D 208 32.40 24.76 -2.21
CA GLN D 208 33.74 24.70 -2.82
C GLN D 208 34.43 26.06 -2.67
N TRP D 209 33.67 27.12 -2.36
CA TRP D 209 34.18 28.50 -2.17
C TRP D 209 35.30 28.50 -1.12
N ARG D 210 34.97 28.13 0.13
CA ARG D 210 35.92 28.02 1.26
C ARG D 210 35.85 26.60 1.83
N PRO D 211 36.39 25.60 1.09
CA PRO D 211 36.10 24.19 1.38
C PRO D 211 36.77 23.66 2.66
N GLN D 212 37.99 24.12 2.95
CA GLN D 212 38.78 23.69 4.14
C GLN D 212 37.99 24.04 5.40
N ALA D 213 37.44 25.26 5.44
CA ALA D 213 36.61 25.81 6.53
C ALA D 213 35.36 24.94 6.69
N LEU D 214 34.56 24.82 5.62
CA LEU D 214 33.31 24.01 5.58
C LEU D 214 33.58 22.61 6.16
N LEU D 215 34.64 21.95 5.69
CA LEU D 215 35.06 20.57 6.13
C LEU D 215 35.25 20.51 7.64
N ARG D 216 35.91 21.52 8.21
CA ARG D 216 36.28 21.58 9.66
C ARG D 216 35.01 21.63 10.51
N TRP D 217 34.04 22.48 10.14
CA TRP D 217 32.74 22.62 10.84
C TRP D 217 32.00 21.27 10.87
N VAL D 218 31.88 20.64 9.69
CA VAL D 218 31.14 19.36 9.48
C VAL D 218 31.66 18.30 10.46
N ASP D 219 32.98 18.19 10.61
CA ASP D 219 33.64 17.18 11.47
C ASP D 219 33.27 17.42 12.94
N ALA D 220 33.01 18.68 13.31
CA ALA D 220 32.69 19.09 14.70
C ALA D 220 31.20 18.88 14.97
N HIS D 221 30.33 19.22 14.00
CA HIS D 221 28.87 19.45 14.21
C HIS D 221 28.00 18.35 13.57
N ALA D 222 28.56 17.38 12.84
CA ALA D 222 27.81 16.30 12.17
C ALA D 222 27.00 15.53 13.21
N ARG D 223 25.70 15.30 12.96
CA ARG D 223 24.78 14.61 13.91
C ARG D 223 24.46 13.23 13.35
N PRO D 224 24.33 12.20 14.20
CA PRO D 224 23.79 10.92 13.77
C PRO D 224 22.39 11.13 13.19
N PHE D 225 22.09 10.49 12.07
CA PHE D 225 20.84 10.71 11.29
C PHE D 225 19.64 10.28 12.13
N GLY D 226 19.82 9.23 12.95
CA GLY D 226 18.76 8.61 13.77
C GLY D 226 18.19 9.56 14.80
N THR D 227 18.80 10.74 14.99
CA THR D 227 18.28 11.82 15.88
C THR D 227 17.27 12.71 15.12
N ILE D 228 17.17 12.59 13.79
CA ILE D 228 16.14 13.31 12.98
C ILE D 228 14.83 12.53 13.08
N ARG D 229 13.82 13.12 13.71
CA ARG D 229 12.46 12.53 13.85
C ARG D 229 11.74 12.71 12.51
N PRO D 230 10.91 11.74 12.09
CA PRO D 230 10.14 11.88 10.85
C PRO D 230 9.22 13.11 10.90
N MET D 231 9.02 13.75 9.75
CA MET D 231 8.22 15.00 9.63
C MET D 231 6.81 14.75 10.19
N TYR D 232 6.23 13.59 9.92
CA TYR D 232 4.83 13.23 10.29
C TYR D 232 4.71 11.70 10.36
N PRO E 6 -34.38 33.32 30.37
CA PRO E 6 -35.76 33.39 30.89
C PRO E 6 -36.80 33.38 29.75
N PRO E 7 -37.52 32.25 29.54
CA PRO E 7 -38.48 32.16 28.43
C PRO E 7 -39.79 32.95 28.68
N GLY E 8 -40.22 33.06 29.94
CA GLY E 8 -41.54 33.59 30.32
C GLY E 8 -42.58 32.47 30.33
N PRO E 9 -43.88 32.80 30.54
CA PRO E 9 -44.93 31.78 30.66
C PRO E 9 -45.09 30.96 29.36
N MET E 10 -45.28 29.65 29.47
CA MET E 10 -45.49 28.77 28.28
C MET E 10 -46.82 29.16 27.64
N GLN E 11 -46.82 29.41 26.33
CA GLN E 11 -48.04 29.81 25.58
C GLN E 11 -48.74 28.57 24.98
N THR E 12 -47.99 27.51 24.63
CA THR E 12 -48.52 26.27 23.99
C THR E 12 -48.03 25.05 24.76
N LEU E 13 -48.94 24.22 25.27
CA LEU E 13 -48.64 22.85 25.75
C LEU E 13 -48.94 21.87 24.61
N ILE E 14 -47.94 21.13 24.18
CA ILE E 14 -48.08 20.13 23.10
C ILE E 14 -48.01 18.76 23.77
N PHE E 15 -49.18 18.18 24.06
CA PHE E 15 -49.28 16.80 24.61
C PHE E 15 -48.72 15.87 23.52
N PHE E 16 -47.83 14.98 23.92
CA PHE E 16 -46.92 14.24 23.00
C PHE E 16 -46.79 12.81 23.48
N ASP E 17 -46.95 11.85 22.56
CA ASP E 17 -46.57 10.45 22.83
C ASP E 17 -46.03 9.81 21.56
N MET E 18 -45.01 9.00 21.72
CA MET E 18 -44.57 8.06 20.68
C MET E 18 -44.71 6.64 21.21
N GLU E 19 -44.95 5.74 20.26
CA GLU E 19 -44.85 4.27 20.43
C GLU E 19 -43.64 3.80 19.64
N ALA E 20 -43.10 2.64 20.01
CA ALA E 20 -41.81 2.14 19.47
C ALA E 20 -41.82 0.61 19.33
N THR E 21 -40.78 0.08 18.72
CA THR E 21 -40.64 -1.37 18.40
C THR E 21 -40.38 -2.18 19.67
N GLY E 22 -39.95 -1.52 20.74
CA GLY E 22 -39.60 -2.21 22.00
C GLY E 22 -39.09 -1.24 23.06
N LEU E 23 -38.60 -1.80 24.17
CA LEU E 23 -38.12 -1.01 25.33
C LEU E 23 -36.73 -0.49 24.98
N PRO E 24 -36.24 0.56 25.67
CA PRO E 24 -34.95 1.19 25.31
C PRO E 24 -33.76 0.23 25.16
N PHE E 25 -33.67 -0.85 25.95
CA PHE E 25 -32.50 -1.76 25.86
C PHE E 25 -32.40 -2.36 24.46
N SER E 26 -33.51 -2.37 23.72
CA SER E 26 -33.64 -2.95 22.36
C SER E 26 -33.19 -1.96 21.27
N GLN E 27 -32.79 -0.74 21.66
CA GLN E 27 -32.47 0.37 20.71
C GLN E 27 -33.64 0.51 19.73
N PRO E 28 -34.83 0.91 20.23
CA PRO E 28 -36.04 0.85 19.43
C PRO E 28 -36.15 2.00 18.42
N LYS E 29 -37.08 1.84 17.49
CA LYS E 29 -37.44 2.84 16.46
C LYS E 29 -38.91 3.25 16.68
N VAL E 30 -39.23 4.49 16.30
CA VAL E 30 -40.62 5.03 16.37
C VAL E 30 -41.52 4.24 15.42
N THR E 31 -42.71 3.86 15.89
CA THR E 31 -43.79 3.26 15.07
C THR E 31 -44.99 4.20 14.94
N GLU E 32 -45.16 5.14 15.87
CA GLU E 32 -46.33 6.03 15.90
C GLU E 32 -46.00 7.24 16.72
N LEU E 33 -46.61 8.38 16.39
CA LEU E 33 -46.45 9.60 17.21
C LEU E 33 -47.73 10.43 17.12
N CYS E 34 -48.06 11.08 18.20
CA CYS E 34 -49.18 12.03 18.29
C CYS E 34 -48.72 13.28 19.01
N LEU E 35 -49.01 14.44 18.40
CA LEU E 35 -48.88 15.78 19.01
C LEU E 35 -50.27 16.38 19.12
N LEU E 36 -50.64 16.87 20.30
CA LEU E 36 -51.92 17.60 20.52
C LEU E 36 -51.59 18.95 21.17
N ALA E 37 -51.70 20.02 20.39
CA ALA E 37 -51.27 21.39 20.79
C ALA E 37 -52.48 22.15 21.35
N VAL E 38 -52.33 22.71 22.53
CA VAL E 38 -53.38 23.40 23.32
C VAL E 38 -52.81 24.75 23.74
N HIS E 39 -53.53 25.85 23.47
CA HIS E 39 -53.14 27.18 23.98
C HIS E 39 -53.26 27.20 25.51
N ARG E 40 -52.44 28.02 26.17
CA ARG E 40 -52.44 28.16 27.65
C ARG E 40 -53.85 28.44 28.17
N CYS E 41 -54.65 29.24 27.47
CA CYS E 41 -55.99 29.68 27.97
C CYS E 41 -56.97 28.49 28.04
N ALA E 42 -56.71 27.40 27.31
CA ALA E 42 -57.57 26.19 27.32
C ALA E 42 -57.49 25.51 28.70
N LEU E 43 -56.38 25.68 29.39
CA LEU E 43 -56.12 25.11 30.74
C LEU E 43 -56.37 26.18 31.80
N GLU E 44 -55.94 27.42 31.55
CA GLU E 44 -56.08 28.56 32.50
C GLU E 44 -57.58 28.91 32.66
N SER E 45 -58.33 28.96 31.55
CA SER E 45 -59.72 29.46 31.49
C SER E 45 -60.63 28.47 30.75
N PRO E 46 -60.85 27.24 31.29
CA PRO E 46 -61.81 26.32 30.68
C PRO E 46 -63.21 26.96 30.67
N PRO E 47 -64.04 26.68 29.65
CA PRO E 47 -65.37 27.30 29.54
C PRO E 47 -66.32 26.84 30.66
N THR E 48 -67.39 27.61 30.91
CA THR E 48 -68.41 27.38 31.97
C THR E 48 -69.66 26.75 31.34
N PRO E 53 -70.59 18.87 37.00
CA PRO E 53 -69.62 18.59 35.93
C PRO E 53 -69.71 17.13 35.49
N PRO E 54 -69.21 16.78 34.27
CA PRO E 54 -69.02 15.38 33.90
C PRO E 54 -67.86 14.78 34.73
N THR E 55 -67.81 13.46 34.83
CA THR E 55 -66.74 12.76 35.60
C THR E 55 -65.38 13.15 35.00
N VAL E 56 -65.25 13.10 33.68
CA VAL E 56 -63.99 13.42 32.94
C VAL E 56 -64.18 14.74 32.18
N PRO E 57 -63.30 15.75 32.35
CA PRO E 57 -63.46 17.00 31.63
C PRO E 57 -63.39 16.77 30.12
N PRO E 58 -64.03 17.63 29.32
CA PRO E 58 -63.98 17.53 27.87
C PRO E 58 -62.68 18.10 27.33
N PRO E 59 -62.15 17.61 26.18
CA PRO E 59 -60.98 18.24 25.59
C PRO E 59 -61.38 19.65 25.15
N PRO E 60 -60.46 20.61 25.02
CA PRO E 60 -60.81 21.92 24.47
C PRO E 60 -61.33 21.78 23.03
N ARG E 61 -62.20 22.71 22.62
CA ARG E 61 -62.78 22.75 21.25
C ARG E 61 -61.66 23.11 20.26
N VAL E 62 -60.84 24.09 20.61
CA VAL E 62 -59.74 24.58 19.73
C VAL E 62 -58.49 23.79 20.10
N VAL E 63 -58.08 22.84 19.25
CA VAL E 63 -56.80 22.10 19.38
C VAL E 63 -56.21 21.95 17.99
N ASP E 64 -54.90 21.80 17.91
CA ASP E 64 -54.22 21.25 16.72
C ASP E 64 -53.75 19.84 17.06
N LYS E 65 -53.89 18.91 16.11
CA LYS E 65 -53.59 17.47 16.32
C LYS E 65 -52.84 16.91 15.11
N LEU E 66 -51.76 16.18 15.37
CA LEU E 66 -51.02 15.42 14.33
C LEU E 66 -50.78 14.01 14.86
N SER E 67 -51.23 13.01 14.11
CA SER E 67 -51.06 11.57 14.45
C SER E 67 -50.55 10.85 13.22
N LEU E 68 -49.39 10.21 13.33
CA LEU E 68 -48.69 9.61 12.18
C LEU E 68 -48.23 8.21 12.57
N CYS E 69 -48.24 7.29 11.62
CA CYS E 69 -47.55 5.98 11.75
C CYS E 69 -46.25 6.05 10.96
N VAL E 70 -45.24 5.32 11.42
CA VAL E 70 -43.84 5.39 10.92
C VAL E 70 -43.34 3.95 10.72
N ALA E 71 -42.74 3.66 9.55
CA ALA E 71 -42.03 2.39 9.26
C ALA E 71 -40.72 2.36 10.05
N PRO E 72 -40.57 1.45 11.05
CA PRO E 72 -39.40 1.50 11.94
C PRO E 72 -38.10 0.91 11.33
N GLY E 73 -38.20 0.02 10.35
CA GLY E 73 -37.06 -0.60 9.64
C GLY E 73 -36.53 -1.83 10.37
N LYS E 74 -37.25 -2.34 11.37
CA LYS E 74 -36.91 -3.62 12.08
C LYS E 74 -38.15 -4.11 12.80
N ALA E 75 -38.13 -5.35 13.29
CA ALA E 75 -39.30 -6.04 13.87
C ALA E 75 -39.67 -5.38 15.21
N CYS E 76 -40.96 -5.33 15.50
CA CYS E 76 -41.51 -4.97 16.82
C CYS E 76 -41.34 -6.18 17.75
N SER E 77 -41.08 -5.95 19.03
CA SER E 77 -41.14 -7.02 20.05
C SER E 77 -42.58 -7.50 20.19
N PRO E 78 -42.83 -8.76 20.63
CA PRO E 78 -44.20 -9.25 20.80
C PRO E 78 -45.00 -8.47 21.84
N ALA E 79 -44.37 -8.05 22.94
CA ALA E 79 -45.03 -7.18 23.95
C ALA E 79 -45.48 -5.88 23.28
N ALA E 80 -44.62 -5.27 22.45
CA ALA E 80 -44.89 -3.95 21.82
C ALA E 80 -46.05 -4.10 20.83
N SER E 81 -46.06 -5.17 20.04
CA SER E 81 -47.18 -5.50 19.11
C SER E 81 -48.47 -5.74 19.89
N GLU E 82 -48.43 -6.47 21.01
CA GLU E 82 -49.63 -6.77 21.81
C GLU E 82 -50.22 -5.47 22.33
N ILE E 83 -49.39 -4.60 22.89
CA ILE E 83 -49.83 -3.37 23.61
C ILE E 83 -50.36 -2.34 22.62
N THR E 84 -49.72 -2.17 21.45
CA THR E 84 -50.00 -1.05 20.51
C THR E 84 -50.89 -1.47 19.35
N GLY E 85 -50.94 -2.77 19.04
CA GLY E 85 -51.69 -3.31 17.90
C GLY E 85 -51.02 -3.01 16.57
N LEU E 86 -49.75 -2.61 16.57
CA LEU E 86 -48.95 -2.40 15.33
C LEU E 86 -47.93 -3.53 15.20
N SER E 87 -47.52 -3.78 13.97
CA SER E 87 -46.35 -4.61 13.63
C SER E 87 -45.66 -3.99 12.41
N THR E 88 -44.37 -4.28 12.23
CA THR E 88 -43.58 -3.81 11.07
C THR E 88 -44.26 -4.25 9.77
N ALA E 89 -44.74 -5.49 9.70
CA ALA E 89 -45.38 -6.04 8.48
C ALA E 89 -46.64 -5.24 8.14
N VAL E 90 -47.51 -4.99 9.11
CA VAL E 90 -48.79 -4.24 8.86
C VAL E 90 -48.43 -2.79 8.44
N LEU E 91 -47.44 -2.16 9.08
CA LEU E 91 -47.02 -0.79 8.70
C LEU E 91 -46.53 -0.80 7.23
N ALA E 92 -45.82 -1.84 6.80
CA ALA E 92 -45.33 -1.99 5.41
C ALA E 92 -46.49 -2.15 4.41
N ALA E 93 -47.51 -2.93 4.76
CA ALA E 93 -48.73 -3.14 3.94
C ALA E 93 -49.46 -1.81 3.72
N HIS E 94 -49.37 -0.86 4.67
CA HIS E 94 -50.02 0.47 4.58
C HIS E 94 -49.06 1.50 3.98
N GLY E 95 -47.94 1.04 3.41
CA GLY E 95 -46.93 1.85 2.73
C GLY E 95 -46.39 2.98 3.59
N ARG E 96 -46.16 2.73 4.88
CA ARG E 96 -45.67 3.80 5.78
C ARG E 96 -44.22 4.11 5.39
N GLN E 97 -43.81 5.37 5.54
CA GLN E 97 -42.42 5.81 5.30
C GLN E 97 -41.67 5.84 6.62
N CYS E 98 -40.35 5.74 6.56
CA CYS E 98 -39.45 5.76 7.74
C CYS E 98 -39.38 7.19 8.28
N PHE E 99 -38.79 7.35 9.45
CA PHE E 99 -38.53 8.65 10.10
C PHE E 99 -37.47 9.35 9.24
N ASP E 100 -37.85 10.35 8.46
CA ASP E 100 -36.95 11.00 7.47
C ASP E 100 -37.02 12.53 7.62
N ASP E 101 -36.27 13.24 6.78
CA ASP E 101 -36.20 14.73 6.76
C ASP E 101 -37.61 15.30 6.60
N ASN E 102 -38.42 14.77 5.68
CA ASN E 102 -39.81 15.23 5.48
C ASN E 102 -40.57 15.17 6.83
N LEU E 103 -40.38 14.12 7.64
CA LEU E 103 -41.12 14.00 8.93
C LEU E 103 -40.66 15.11 9.88
N ALA E 104 -39.34 15.32 10.00
CA ALA E 104 -38.76 16.33 10.93
C ALA E 104 -39.29 17.71 10.54
N ASN E 105 -39.34 18.03 9.24
CA ASN E 105 -39.83 19.32 8.70
C ASN E 105 -41.33 19.45 8.98
N LEU E 106 -42.08 18.35 8.85
CA LEU E 106 -43.53 18.28 9.15
C LEU E 106 -43.75 18.65 10.63
N LEU E 107 -43.01 18.02 11.53
CA LEU E 107 -43.11 18.26 13.00
C LEU E 107 -42.81 19.74 13.30
N LEU E 108 -41.78 20.28 12.65
CA LEU E 108 -41.35 21.69 12.88
C LEU E 108 -42.44 22.63 12.36
N ALA E 109 -43.01 22.34 11.19
CA ALA E 109 -44.11 23.11 10.56
C ALA E 109 -45.34 23.11 11.48
N PHE E 110 -45.66 21.95 12.09
CA PHE E 110 -46.78 21.83 13.06
C PHE E 110 -46.51 22.72 14.29
N LEU E 111 -45.32 22.65 14.87
CA LEU E 111 -44.96 23.47 16.06
C LEU E 111 -44.98 24.98 15.68
N ARG E 112 -44.57 25.35 14.48
CA ARG E 112 -44.55 26.78 14.03
C ARG E 112 -45.96 27.35 13.85
N ARG E 113 -47.03 26.52 13.86
CA ARG E 113 -48.44 27.02 13.91
C ARG E 113 -48.80 27.47 15.33
N GLN E 114 -47.97 27.16 16.33
CA GLN E 114 -48.28 27.43 17.76
C GLN E 114 -47.48 28.63 18.25
N PRO E 115 -48.07 29.51 19.07
CA PRO E 115 -47.31 30.57 19.73
C PRO E 115 -46.30 30.05 20.75
N GLN E 116 -45.10 30.64 20.74
CA GLN E 116 -43.94 30.31 21.62
C GLN E 116 -44.07 31.09 22.91
N PRO E 117 -43.47 30.63 24.03
CA PRO E 117 -42.70 29.37 24.07
C PRO E 117 -43.55 28.09 23.93
N TRP E 118 -42.97 27.04 23.33
CA TRP E 118 -43.59 25.70 23.17
C TRP E 118 -43.13 24.81 24.33
N CYS E 119 -44.02 23.99 24.89
CA CYS E 119 -43.63 22.94 25.86
C CYS E 119 -44.24 21.59 25.44
N LEU E 120 -43.40 20.66 24.99
CA LEU E 120 -43.78 19.22 24.85
C LEU E 120 -44.04 18.66 26.24
N VAL E 121 -45.19 18.00 26.42
CA VAL E 121 -45.54 17.29 27.68
C VAL E 121 -45.77 15.82 27.32
N ALA E 122 -44.95 14.91 27.87
CA ALA E 122 -44.98 13.48 27.51
C ALA E 122 -44.93 12.65 28.78
N HIS E 123 -45.74 11.59 28.85
CA HIS E 123 -45.81 10.73 30.05
C HIS E 123 -44.64 9.75 30.05
N ASN E 124 -43.76 9.86 31.05
CA ASN E 124 -42.47 9.11 31.12
C ASN E 124 -41.56 9.63 30.01
N GLY E 125 -41.77 10.88 29.57
CA GLY E 125 -41.06 11.50 28.45
C GLY E 125 -39.54 11.42 28.61
N ASP E 126 -39.02 11.54 29.83
CA ASP E 126 -37.56 11.55 30.09
C ASP E 126 -36.95 10.16 29.82
N ARG E 127 -37.67 9.06 30.09
CA ARG E 127 -37.10 7.71 29.86
C ARG E 127 -37.41 7.22 28.43
N TYR E 128 -38.49 7.70 27.83
CA TYR E 128 -39.07 7.10 26.60
C TYR E 128 -39.04 8.13 25.47
N ASP E 129 -40.09 8.94 25.37
CA ASP E 129 -40.45 9.63 24.12
C ASP E 129 -39.37 10.70 23.76
N PHE E 130 -38.86 11.45 24.74
CA PHE E 130 -37.91 12.56 24.48
C PHE E 130 -36.56 12.04 23.99
N PRO E 131 -35.90 11.09 24.69
CA PRO E 131 -34.64 10.55 24.19
C PRO E 131 -34.79 9.76 22.89
N LEU E 132 -35.92 9.10 22.65
CA LEU E 132 -36.11 8.38 21.36
C LEU E 132 -36.24 9.41 20.24
N LEU E 133 -36.99 10.50 20.45
CA LEU E 133 -37.16 11.56 19.44
C LEU E 133 -35.79 12.15 19.10
N GLN E 134 -34.97 12.43 20.12
CA GLN E 134 -33.59 12.96 19.95
C GLN E 134 -32.72 11.95 19.18
N ALA E 135 -32.84 10.64 19.45
CA ALA E 135 -32.08 9.59 18.73
C ALA E 135 -32.49 9.58 17.25
N GLU E 136 -33.79 9.73 16.94
CA GLU E 136 -34.28 9.66 15.53
C GLU E 136 -33.75 10.89 14.76
N LEU E 137 -33.81 12.08 15.38
CA LEU E 137 -33.31 13.34 14.79
C LEU E 137 -31.79 13.28 14.59
N ALA E 138 -31.06 12.68 15.53
CA ALA E 138 -29.59 12.56 15.51
C ALA E 138 -29.15 11.65 14.35
N MET E 139 -29.87 10.56 14.09
CA MET E 139 -29.57 9.60 13.01
C MET E 139 -29.82 10.25 11.63
N LEU E 140 -30.55 11.37 11.59
CA LEU E 140 -30.80 12.15 10.34
C LEU E 140 -29.83 13.34 10.24
N GLY E 141 -28.89 13.44 11.18
CA GLY E 141 -27.98 14.60 11.31
C GLY E 141 -28.73 15.89 11.60
N LEU E 142 -29.85 15.84 12.34
CA LEU E 142 -30.69 17.03 12.66
C LEU E 142 -30.76 17.27 14.17
N THR E 143 -29.62 17.23 14.87
CA THR E 143 -29.52 17.26 16.37
C THR E 143 -29.93 18.63 16.94
N SER E 144 -30.24 19.62 16.10
CA SER E 144 -30.62 20.99 16.53
C SER E 144 -32.13 21.23 16.29
N ALA E 145 -32.81 20.32 15.59
CA ALA E 145 -34.01 20.62 14.76
C ALA E 145 -35.17 21.17 15.62
N LEU E 146 -35.36 20.66 16.84
CA LEU E 146 -36.46 21.10 17.75
C LEU E 146 -35.86 21.72 19.02
N ASP E 147 -34.67 22.35 18.92
CA ASP E 147 -33.98 23.05 20.05
C ASP E 147 -34.85 24.20 20.56
N GLY E 148 -35.73 24.76 19.71
CA GLY E 148 -36.66 25.83 20.09
C GLY E 148 -37.57 25.42 21.25
N ALA E 149 -38.01 24.17 21.28
CA ALA E 149 -39.05 23.66 22.21
C ALA E 149 -38.46 23.53 23.61
N PHE E 150 -39.30 23.67 24.64
CA PHE E 150 -39.08 23.14 26.00
C PHE E 150 -39.88 21.84 26.16
N CYS E 151 -39.66 21.14 27.26
CA CYS E 151 -40.30 19.83 27.52
C CYS E 151 -40.37 19.55 29.02
N VAL E 152 -41.42 18.82 29.38
CA VAL E 152 -41.72 18.37 30.75
C VAL E 152 -42.17 16.91 30.64
N ASP E 153 -41.66 16.05 31.52
CA ASP E 153 -42.23 14.71 31.79
C ASP E 153 -43.40 14.88 32.74
N SER E 154 -44.59 14.43 32.37
CA SER E 154 -45.81 14.61 33.19
C SER E 154 -45.73 13.74 34.46
N ILE E 155 -44.93 12.67 34.49
CA ILE E 155 -44.73 11.88 35.75
C ILE E 155 -44.03 12.77 36.77
N THR E 156 -42.96 13.45 36.38
CA THR E 156 -42.22 14.38 37.28
C THR E 156 -43.21 15.44 37.78
N ALA E 157 -44.01 16.01 36.88
CA ALA E 157 -44.92 17.13 37.19
C ALA E 157 -45.99 16.64 38.18
N LEU E 158 -46.64 15.53 37.84
CA LEU E 158 -47.78 14.97 38.62
C LEU E 158 -47.25 14.52 40.00
N LYS E 159 -46.04 13.95 40.06
CA LYS E 159 -45.38 13.54 41.33
C LYS E 159 -45.06 14.77 42.18
N ALA E 160 -44.63 15.88 41.57
CA ALA E 160 -44.38 17.16 42.27
C ALA E 160 -45.71 17.67 42.84
N LEU E 161 -46.76 17.70 42.02
CA LEU E 161 -48.12 18.16 42.40
C LEU E 161 -48.68 17.25 43.50
N GLU E 162 -48.39 15.95 43.46
CA GLU E 162 -49.00 14.95 44.40
C GLU E 162 -48.23 14.94 45.72
N ARG E 163 -46.91 15.11 45.69
CA ARG E 163 -46.07 15.25 46.92
C ARG E 163 -46.49 16.54 47.63
N ALA E 164 -46.85 17.58 46.85
CA ALA E 164 -47.29 18.90 47.32
C ALA E 164 -48.70 18.82 47.95
N SER E 165 -49.55 17.88 47.51
CA SER E 165 -50.95 17.72 48.00
C SER E 165 -51.14 16.37 48.71
N SER E 166 -50.09 15.87 49.38
CA SER E 166 -50.13 14.66 50.25
C SER E 166 -49.08 14.77 51.37
N PRO E 167 -49.32 14.10 52.52
CA PRO E 167 -48.25 13.78 53.47
C PRO E 167 -47.06 13.05 52.80
N SER E 168 -45.88 13.10 53.43
CA SER E 168 -44.64 12.42 52.97
C SER E 168 -44.95 10.93 52.70
N GLU E 169 -44.67 10.44 51.50
CA GLU E 169 -44.82 9.00 51.13
C GLU E 169 -43.84 8.18 51.97
N HIS E 170 -44.27 7.03 52.47
CA HIS E 170 -43.44 6.03 53.20
C HIS E 170 -43.94 4.61 52.87
N GLY E 171 -43.02 3.65 52.71
CA GLY E 171 -43.31 2.29 52.22
C GLY E 171 -43.43 2.26 50.70
N PRO E 172 -43.91 1.15 50.09
CA PRO E 172 -44.00 1.03 48.63
C PRO E 172 -44.84 2.14 47.96
N ARG E 173 -44.32 2.75 46.89
CA ARG E 173 -44.96 3.90 46.21
C ARG E 173 -46.03 3.40 45.22
N LYS E 174 -46.95 4.29 44.86
CA LYS E 174 -48.02 4.05 43.85
C LYS E 174 -47.39 3.95 42.46
N SER E 175 -48.03 3.23 41.54
CA SER E 175 -47.67 3.21 40.09
C SER E 175 -47.98 4.58 39.49
N TYR E 176 -47.12 5.05 38.56
CA TYR E 176 -47.36 6.26 37.75
C TYR E 176 -47.47 5.90 36.26
N SER E 177 -47.92 4.68 35.99
CA SER E 177 -48.47 4.31 34.66
C SER E 177 -49.63 5.25 34.31
N LEU E 178 -49.80 5.55 33.03
CA LEU E 178 -50.85 6.49 32.60
C LEU E 178 -52.20 5.95 33.09
N GLY E 179 -52.43 4.66 32.90
CA GLY E 179 -53.63 3.92 33.36
C GLY E 179 -53.86 4.05 34.86
N SER E 180 -52.82 3.90 35.68
CA SER E 180 -52.90 4.00 37.17
C SER E 180 -53.35 5.40 37.57
N ILE E 181 -52.71 6.44 37.05
CA ILE E 181 -53.03 7.86 37.39
C ILE E 181 -54.48 8.15 36.99
N TYR E 182 -54.86 7.80 35.76
CA TYR E 182 -56.22 8.08 35.20
C TYR E 182 -57.30 7.38 36.05
N THR E 183 -57.11 6.11 36.37
CA THR E 183 -58.04 5.28 37.19
C THR E 183 -58.18 5.92 38.58
N ARG E 184 -57.08 6.46 39.11
CA ARG E 184 -56.99 7.08 40.46
C ARG E 184 -57.79 8.39 40.50
N LEU E 185 -57.83 9.13 39.38
CA LEU E 185 -58.53 10.45 39.29
C LEU E 185 -59.99 10.24 38.92
N TYR E 186 -60.29 9.38 37.93
CA TYR E 186 -61.60 9.36 37.24
C TYR E 186 -62.36 8.05 37.45
N GLY E 187 -61.72 7.00 37.96
CA GLY E 187 -62.42 5.79 38.44
C GLY E 187 -62.90 4.88 37.32
N GLN E 188 -62.43 5.08 36.10
CA GLN E 188 -62.56 4.09 34.99
C GLN E 188 -61.23 4.04 34.24
N SER E 189 -61.09 3.06 33.35
CA SER E 189 -59.99 2.95 32.36
C SER E 189 -60.13 4.08 31.33
N PRO E 190 -59.02 4.61 30.79
CA PRO E 190 -59.11 5.58 29.70
C PRO E 190 -59.75 4.94 28.47
N PRO E 191 -60.48 5.72 27.65
CA PRO E 191 -61.23 5.16 26.52
C PRO E 191 -60.40 4.17 25.68
N ASP E 192 -59.16 4.56 25.38
CA ASP E 192 -58.27 3.91 24.39
C ASP E 192 -56.84 3.88 24.95
N SER E 193 -56.31 2.67 25.18
CA SER E 193 -54.99 2.42 25.81
C SER E 193 -53.99 1.88 24.77
N HIS E 194 -54.36 1.79 23.48
CA HIS E 194 -53.60 1.03 22.47
C HIS E 194 -53.06 1.92 21.33
N THR E 195 -53.30 3.24 21.32
CA THR E 195 -52.72 4.16 20.31
C THR E 195 -52.00 5.35 20.96
N ALA E 196 -51.02 5.92 20.27
CA ALA E 196 -50.34 7.18 20.67
C ALA E 196 -51.41 8.26 20.91
N GLU E 197 -52.39 8.38 20.02
CA GLU E 197 -53.46 9.40 20.13
C GLU E 197 -54.27 9.18 21.41
N GLY E 198 -54.71 7.95 21.65
CA GLY E 198 -55.41 7.55 22.89
C GLY E 198 -54.66 8.00 24.15
N ASP E 199 -53.35 7.78 24.17
CA ASP E 199 -52.42 8.08 25.30
C ASP E 199 -52.29 9.61 25.48
N VAL E 200 -52.19 10.36 24.38
CA VAL E 200 -52.18 11.85 24.41
C VAL E 200 -53.53 12.37 24.91
N LEU E 201 -54.66 11.76 24.53
CA LEU E 201 -56.00 12.24 24.98
C LEU E 201 -56.18 11.95 26.46
N ALA E 202 -55.69 10.80 26.92
CA ALA E 202 -55.71 10.41 28.36
C ALA E 202 -54.81 11.34 29.16
N LEU E 203 -53.61 11.68 28.64
CA LEU E 203 -52.67 12.61 29.33
C LEU E 203 -53.30 14.01 29.44
N LEU E 204 -53.90 14.52 28.35
CA LEU E 204 -54.60 15.83 28.39
C LEU E 204 -55.62 15.82 29.55
N SER E 205 -56.49 14.80 29.62
CA SER E 205 -57.52 14.66 30.68
C SER E 205 -56.89 14.72 32.07
N ILE E 206 -55.74 14.05 32.26
CA ILE E 206 -55.03 13.98 33.57
C ILE E 206 -54.51 15.38 33.91
N CYS E 207 -54.06 16.13 32.90
CA CYS E 207 -53.46 17.47 33.07
C CYS E 207 -54.56 18.52 33.26
N GLN E 208 -55.81 18.21 32.90
CA GLN E 208 -56.97 19.12 33.10
C GLN E 208 -57.53 18.96 34.52
N TRP E 209 -56.95 18.08 35.35
CA TRP E 209 -57.39 17.84 36.75
C TRP E 209 -57.15 19.10 37.59
N ARG E 210 -55.89 19.51 37.72
CA ARG E 210 -55.48 20.74 38.45
C ARG E 210 -54.69 21.59 37.47
N PRO E 211 -55.35 22.21 36.47
CA PRO E 211 -54.67 22.79 35.33
C PRO E 211 -53.85 24.01 35.72
N GLN E 212 -54.30 24.78 36.70
CA GLN E 212 -53.60 26.03 37.10
C GLN E 212 -52.32 25.65 37.84
N ALA E 213 -52.37 24.67 38.74
CA ALA E 213 -51.20 24.15 39.49
C ALA E 213 -50.18 23.57 38.49
N LEU E 214 -50.68 22.87 37.47
CA LEU E 214 -49.81 22.22 36.46
C LEU E 214 -49.06 23.30 35.67
N LEU E 215 -49.75 24.37 35.26
CA LEU E 215 -49.14 25.48 34.46
C LEU E 215 -48.06 26.19 35.27
N ARG E 216 -48.30 26.45 36.55
CA ARG E 216 -47.30 27.08 37.46
C ARG E 216 -46.05 26.19 37.48
N TRP E 217 -46.21 24.90 37.69
CA TRP E 217 -45.08 23.93 37.73
C TRP E 217 -44.36 23.94 36.37
N VAL E 218 -45.10 23.79 35.27
CA VAL E 218 -44.51 23.77 33.90
C VAL E 218 -43.72 25.07 33.67
N ASP E 219 -44.28 26.22 34.03
CA ASP E 219 -43.63 27.55 33.83
C ASP E 219 -42.28 27.58 34.57
N ALA E 220 -42.16 26.88 35.69
CA ALA E 220 -40.97 26.94 36.58
C ALA E 220 -39.92 25.89 36.18
N HIS E 221 -40.34 24.74 35.65
CA HIS E 221 -39.48 23.52 35.57
C HIS E 221 -39.31 23.03 34.14
N ALA E 222 -39.93 23.64 33.13
CA ALA E 222 -39.78 23.25 31.72
C ALA E 222 -38.31 23.44 31.32
N ARG E 223 -37.68 22.41 30.76
CA ARG E 223 -36.26 22.47 30.36
C ARG E 223 -36.12 22.47 28.84
N PRO E 224 -35.07 23.12 28.32
CA PRO E 224 -34.78 23.07 26.88
C PRO E 224 -34.71 21.64 26.34
N PHE E 225 -35.35 21.38 25.20
CA PHE E 225 -35.34 20.03 24.57
C PHE E 225 -33.91 19.67 24.16
N GLY E 226 -33.05 20.67 23.95
CA GLY E 226 -31.61 20.53 23.65
C GLY E 226 -30.84 19.84 24.77
N THR E 227 -31.35 19.85 26.01
CA THR E 227 -30.72 19.21 27.19
C THR E 227 -31.06 17.70 27.25
N ILE E 228 -31.91 17.20 26.36
CA ILE E 228 -32.25 15.75 26.29
C ILE E 228 -31.20 15.04 25.42
N ARG E 229 -30.42 14.17 26.03
CA ARG E 229 -29.46 13.25 25.35
C ARG E 229 -30.24 12.21 24.53
N PRO E 230 -29.82 11.92 23.28
CA PRO E 230 -30.42 10.83 22.51
C PRO E 230 -30.37 9.50 23.27
N MET E 231 -31.37 8.65 23.08
CA MET E 231 -31.50 7.35 23.79
C MET E 231 -30.28 6.48 23.51
N TYR E 232 -29.73 6.58 22.30
CA TYR E 232 -28.58 5.79 21.82
C TYR E 232 -27.99 6.52 20.61
N GLY E 233 -26.76 6.17 20.22
CA GLY E 233 -26.15 6.56 18.94
C GLY E 233 -25.90 5.34 18.05
N GLY F 1 -46.68 14.12 -28.84
CA GLY F 1 -46.47 14.40 -27.40
C GLY F 1 -46.33 13.10 -26.62
N SER F 2 -45.58 13.12 -25.53
CA SER F 2 -45.57 12.02 -24.52
C SER F 2 -46.83 12.18 -23.68
N GLN F 3 -47.67 11.15 -23.66
CA GLN F 3 -48.97 11.12 -22.94
C GLN F 3 -48.71 10.98 -21.45
N ALA F 4 -49.59 11.53 -20.61
CA ALA F 4 -49.63 11.28 -19.15
C ALA F 4 -49.78 9.77 -18.91
N LEU F 5 -49.04 9.22 -17.95
CA LEU F 5 -49.24 7.83 -17.46
C LEU F 5 -50.59 7.80 -16.73
N PRO F 6 -51.45 6.80 -16.99
CA PRO F 6 -52.69 6.68 -16.22
C PRO F 6 -52.31 6.56 -14.75
N PRO F 7 -52.96 7.28 -13.82
CA PRO F 7 -52.59 7.19 -12.41
C PRO F 7 -52.69 5.75 -11.87
N GLY F 8 -53.65 4.98 -12.36
CA GLY F 8 -53.97 3.65 -11.82
C GLY F 8 -54.83 3.76 -10.55
N PRO F 9 -55.03 2.65 -9.81
CA PRO F 9 -55.80 2.69 -8.58
C PRO F 9 -55.24 3.72 -7.59
N MET F 10 -56.12 4.52 -6.97
CA MET F 10 -55.74 5.46 -5.88
C MET F 10 -55.14 4.62 -4.74
N GLN F 11 -54.00 5.04 -4.22
CA GLN F 11 -53.26 4.30 -3.16
C GLN F 11 -53.62 4.89 -1.79
N THR F 12 -53.88 6.20 -1.70
CA THR F 12 -54.34 6.87 -0.44
C THR F 12 -55.67 7.59 -0.67
N LEU F 13 -56.65 7.34 0.20
CA LEU F 13 -57.86 8.20 0.29
C LEU F 13 -57.65 9.14 1.47
N ILE F 14 -57.69 10.43 1.22
CA ILE F 14 -57.56 11.47 2.26
C ILE F 14 -58.94 12.05 2.48
N PHE F 15 -59.62 11.57 3.53
CA PHE F 15 -60.91 12.13 3.99
C PHE F 15 -60.63 13.53 4.50
N PHE F 16 -61.44 14.49 4.04
CA PHE F 16 -61.10 15.92 4.09
C PHE F 16 -62.37 16.71 4.39
N ASP F 17 -62.25 17.61 5.34
CA ASP F 17 -63.29 18.62 5.62
C ASP F 17 -62.62 19.89 6.11
N MET F 18 -63.21 21.01 5.73
CA MET F 18 -62.90 22.35 6.29
C MET F 18 -64.20 22.96 6.82
N GLU F 19 -64.08 23.79 7.84
CA GLU F 19 -65.14 24.69 8.33
C GLU F 19 -64.70 26.10 7.97
N ALA F 20 -65.65 27.01 7.84
CA ALA F 20 -65.46 28.36 7.27
C ALA F 20 -66.28 29.37 8.07
N THR F 21 -66.03 30.65 7.82
CA THR F 21 -66.67 31.81 8.50
C THR F 21 -68.15 31.91 8.09
N GLY F 22 -68.52 31.30 6.96
CA GLY F 22 -69.85 31.49 6.36
C GLY F 22 -69.99 30.76 5.05
N LEU F 23 -71.07 31.04 4.32
CA LEU F 23 -71.42 30.31 3.08
C LEU F 23 -70.64 30.93 1.92
N PRO F 24 -70.51 30.21 0.78
CA PRO F 24 -69.73 30.70 -0.35
C PRO F 24 -69.99 32.16 -0.79
N PHE F 25 -71.25 32.62 -0.81
CA PHE F 25 -71.62 33.98 -1.29
C PHE F 25 -70.89 35.05 -0.46
N SER F 26 -70.67 34.78 0.84
CA SER F 26 -69.99 35.70 1.79
C SER F 26 -68.48 35.77 1.51
N GLN F 27 -67.97 35.00 0.54
CA GLN F 27 -66.50 34.87 0.25
C GLN F 27 -65.78 34.43 1.53
N PRO F 28 -66.12 33.23 2.07
CA PRO F 28 -65.67 32.85 3.41
C PRO F 28 -64.17 32.51 3.45
N LYS F 29 -63.65 32.41 4.67
CA LYS F 29 -62.26 32.03 4.98
C LYS F 29 -62.29 30.78 5.85
N VAL F 30 -61.25 29.95 5.76
CA VAL F 30 -61.14 28.68 6.55
C VAL F 30 -60.92 29.01 8.02
N THR F 31 -61.62 28.31 8.90
CA THR F 31 -61.44 28.35 10.37
C THR F 31 -60.90 27.01 10.92
N GLU F 32 -61.13 25.90 10.22
CA GLU F 32 -60.71 24.56 10.69
C GLU F 32 -60.56 23.65 9.49
N LEU F 33 -59.61 22.72 9.56
CA LEU F 33 -59.42 21.70 8.51
C LEU F 33 -58.93 20.43 9.19
N CYS F 34 -59.25 19.30 8.56
CA CYS F 34 -58.88 17.95 8.99
C CYS F 34 -58.64 17.08 7.77
N LEU F 35 -57.46 16.48 7.72
CA LEU F 35 -57.09 15.43 6.75
C LEU F 35 -56.94 14.12 7.52
N LEU F 36 -57.55 13.05 7.02
CA LEU F 36 -57.37 11.68 7.57
C LEU F 36 -56.99 10.78 6.41
N ALA F 37 -55.73 10.38 6.36
CA ALA F 37 -55.14 9.61 5.25
C ALA F 37 -55.28 8.12 5.58
N VAL F 38 -55.95 7.39 4.71
CA VAL F 38 -56.17 5.92 4.86
C VAL F 38 -55.56 5.25 3.62
N HIS F 39 -54.74 4.25 3.83
CA HIS F 39 -54.23 3.37 2.75
C HIS F 39 -55.36 2.55 2.14
N ARG F 40 -55.36 2.42 0.83
CA ARG F 40 -56.31 1.60 0.03
C ARG F 40 -56.60 0.28 0.76
N CYS F 41 -55.56 -0.44 1.22
CA CYS F 41 -55.71 -1.79 1.83
C CYS F 41 -56.58 -1.72 3.10
N ALA F 42 -56.66 -0.57 3.78
CA ALA F 42 -57.52 -0.38 4.97
C ALA F 42 -59.00 -0.49 4.58
N LEU F 43 -59.34 -0.16 3.32
CA LEU F 43 -60.73 -0.22 2.78
C LEU F 43 -60.95 -1.52 2.01
N GLU F 44 -59.97 -1.92 1.20
CA GLU F 44 -60.03 -3.11 0.30
C GLU F 44 -60.14 -4.38 1.16
N SER F 45 -59.29 -4.48 2.21
CA SER F 45 -59.14 -5.69 3.06
C SER F 45 -59.10 -5.32 4.53
N PRO F 46 -60.23 -4.87 5.13
CA PRO F 46 -60.28 -4.59 6.57
C PRO F 46 -60.07 -5.85 7.39
N PRO F 47 -59.45 -5.75 8.60
CA PRO F 47 -59.30 -6.91 9.50
C PRO F 47 -60.59 -7.71 9.73
N PRO F 54 -69.68 -4.73 15.85
CA PRO F 54 -70.28 -3.51 16.43
C PRO F 54 -71.25 -2.82 15.44
N THR F 55 -71.99 -1.81 15.91
CA THR F 55 -73.01 -1.08 15.11
C THR F 55 -72.29 -0.20 14.09
N VAL F 56 -71.18 0.44 14.49
CA VAL F 56 -70.36 1.38 13.66
C VAL F 56 -68.97 0.78 13.47
N PRO F 57 -68.51 0.57 12.22
CA PRO F 57 -67.16 0.07 11.98
C PRO F 57 -66.13 0.90 12.75
N PRO F 58 -65.13 0.28 13.40
CA PRO F 58 -64.07 1.05 14.04
C PRO F 58 -63.20 1.67 12.95
N PRO F 59 -62.53 2.81 13.23
CA PRO F 59 -61.55 3.35 12.28
C PRO F 59 -60.42 2.34 12.09
N PRO F 60 -59.72 2.33 10.94
CA PRO F 60 -58.56 1.46 10.77
C PRO F 60 -57.51 1.85 11.83
N ARG F 61 -56.75 0.87 12.33
CA ARG F 61 -55.68 1.08 13.32
C ARG F 61 -54.63 2.01 12.72
N VAL F 62 -54.28 1.79 11.46
CA VAL F 62 -53.20 2.56 10.78
C VAL F 62 -53.87 3.68 9.99
N VAL F 63 -53.77 4.90 10.50
CA VAL F 63 -54.22 6.15 9.81
C VAL F 63 -53.22 7.25 10.16
N ASP F 64 -53.13 8.23 9.29
CA ASP F 64 -52.46 9.53 9.56
C ASP F 64 -53.56 10.58 9.68
N LYS F 65 -53.44 11.50 10.62
CA LYS F 65 -54.49 12.52 10.88
C LYS F 65 -53.82 13.86 11.15
N LEU F 66 -54.34 14.92 10.53
CA LEU F 66 -53.98 16.33 10.79
C LEU F 66 -55.25 17.14 10.97
N SER F 67 -55.40 17.81 12.10
CA SER F 67 -56.53 18.73 12.42
C SER F 67 -55.94 20.05 12.88
N LEU F 68 -56.30 21.15 12.23
CA LEU F 68 -55.77 22.50 12.54
C LEU F 68 -56.92 23.48 12.61
N CYS F 69 -56.86 24.41 13.55
CA CYS F 69 -57.68 25.66 13.58
C CYS F 69 -56.90 26.81 12.93
N VAL F 70 -57.63 27.71 12.27
CA VAL F 70 -57.07 28.76 11.37
C VAL F 70 -57.71 30.10 11.75
N ALA F 71 -56.91 31.14 11.94
CA ALA F 71 -57.38 32.53 12.10
C ALA F 71 -57.89 33.04 10.77
N PRO F 72 -59.22 33.28 10.63
CA PRO F 72 -59.81 33.63 9.33
C PRO F 72 -59.57 35.08 8.88
N GLY F 73 -59.33 36.00 9.82
CA GLY F 73 -59.08 37.42 9.52
C GLY F 73 -60.35 38.18 9.17
N LYS F 74 -61.51 37.62 9.49
CA LYS F 74 -62.81 38.32 9.48
C LYS F 74 -63.76 37.59 10.43
N ALA F 75 -64.91 38.18 10.70
CA ALA F 75 -65.94 37.63 11.59
C ALA F 75 -66.56 36.38 10.95
N CYS F 76 -66.86 35.38 11.77
CA CYS F 76 -67.82 34.29 11.46
C CYS F 76 -69.24 34.84 11.51
N SER F 77 -70.15 34.30 10.70
CA SER F 77 -71.60 34.56 10.79
C SER F 77 -72.14 33.88 12.04
N PRO F 78 -73.22 34.42 12.67
CA PRO F 78 -73.80 33.79 13.86
C PRO F 78 -74.13 32.30 13.64
N ALA F 79 -74.65 31.95 12.45
CA ALA F 79 -75.05 30.56 12.10
C ALA F 79 -73.80 29.67 12.05
N ALA F 80 -72.78 30.11 11.32
CA ALA F 80 -71.45 29.45 11.22
C ALA F 80 -70.91 29.14 12.61
N SER F 81 -70.82 30.16 13.47
CA SER F 81 -70.26 30.08 14.83
C SER F 81 -71.05 29.10 15.68
N GLU F 82 -72.37 29.18 15.64
CA GLU F 82 -73.28 28.33 16.44
C GLU F 82 -73.12 26.87 16.00
N ILE F 83 -73.18 26.61 14.70
CA ILE F 83 -73.08 25.25 14.11
C ILE F 83 -71.72 24.62 14.48
N THR F 84 -70.61 25.35 14.30
CA THR F 84 -69.22 24.79 14.38
C THR F 84 -68.63 24.95 15.78
N GLY F 85 -69.14 25.87 16.60
CA GLY F 85 -68.62 26.16 17.94
C GLY F 85 -67.32 26.95 17.91
N LEU F 86 -66.98 27.57 16.77
CA LEU F 86 -65.78 28.43 16.60
C LEU F 86 -66.22 29.88 16.39
N SER F 87 -65.40 30.84 16.80
CA SER F 87 -65.56 32.29 16.51
C SER F 87 -64.17 32.88 16.33
N THR F 88 -64.05 33.90 15.49
CA THR F 88 -62.79 34.60 15.19
C THR F 88 -62.16 35.07 16.50
N ALA F 89 -62.95 35.60 17.43
CA ALA F 89 -62.47 36.15 18.73
C ALA F 89 -61.86 35.02 19.58
N VAL F 90 -62.48 33.84 19.63
CA VAL F 90 -61.93 32.69 20.42
C VAL F 90 -60.67 32.17 19.71
N LEU F 91 -60.66 32.09 18.38
CA LEU F 91 -59.48 31.62 17.63
C LEU F 91 -58.30 32.56 17.91
N ALA F 92 -58.52 33.88 18.03
CA ALA F 92 -57.45 34.85 18.37
C ALA F 92 -56.99 34.63 19.84
N ALA F 93 -57.91 34.40 20.77
CA ALA F 93 -57.57 34.15 22.19
C ALA F 93 -56.69 32.89 22.30
N HIS F 94 -56.91 31.92 21.39
CA HIS F 94 -56.11 30.66 21.29
C HIS F 94 -54.89 30.86 20.38
N GLY F 95 -54.60 32.10 19.98
CA GLY F 95 -53.39 32.49 19.23
C GLY F 95 -53.23 31.75 17.91
N ARG F 96 -54.31 31.47 17.19
CA ARG F 96 -54.25 30.75 15.89
C ARG F 96 -53.67 31.68 14.83
N GLN F 97 -52.92 31.13 13.89
CA GLN F 97 -52.31 31.89 12.77
C GLN F 97 -53.24 31.79 11.56
N CYS F 98 -53.13 32.76 10.64
CA CYS F 98 -53.91 32.79 9.38
C CYS F 98 -53.47 31.63 8.50
N PHE F 99 -54.19 31.37 7.41
CA PHE F 99 -53.76 30.48 6.31
C PHE F 99 -52.53 31.11 5.65
N ASP F 100 -51.34 30.55 5.87
CA ASP F 100 -50.03 31.13 5.44
C ASP F 100 -49.21 30.08 4.69
N ASP F 101 -47.99 30.46 4.27
CA ASP F 101 -47.00 29.60 3.58
C ASP F 101 -46.71 28.35 4.41
N ASN F 102 -46.46 28.52 5.71
CA ASN F 102 -46.14 27.42 6.63
C ASN F 102 -47.29 26.37 6.61
N LEU F 103 -48.55 26.81 6.65
CA LEU F 103 -49.74 25.90 6.59
C LEU F 103 -49.73 25.10 5.27
N ALA F 104 -49.46 25.77 4.14
CA ALA F 104 -49.38 25.13 2.81
C ALA F 104 -48.29 24.06 2.84
N ASN F 105 -47.12 24.40 3.41
CA ASN F 105 -45.93 23.51 3.51
C ASN F 105 -46.30 22.30 4.37
N LEU F 106 -47.05 22.51 5.46
N LEU F 106 -47.00 22.52 5.48
CA LEU F 106 -47.45 21.47 6.42
CA LEU F 106 -47.48 21.48 6.43
C LEU F 106 -48.40 20.47 5.73
C LEU F 106 -48.36 20.48 5.68
N LEU F 107 -49.38 20.98 4.97
CA LEU F 107 -50.31 20.15 4.19
C LEU F 107 -49.53 19.25 3.22
N LEU F 108 -48.58 19.81 2.46
CA LEU F 108 -47.84 19.05 1.42
C LEU F 108 -46.90 18.03 2.06
N ALA F 109 -46.24 18.37 3.17
CA ALA F 109 -45.37 17.42 3.91
C ALA F 109 -46.21 16.24 4.44
N PHE F 110 -47.43 16.50 4.89
CA PHE F 110 -48.38 15.45 5.37
C PHE F 110 -48.76 14.56 4.20
N LEU F 111 -49.10 15.13 3.05
CA LEU F 111 -49.54 14.31 1.88
C LEU F 111 -48.36 13.48 1.39
N ARG F 112 -47.13 13.98 1.55
CA ARG F 112 -45.94 13.29 1.02
C ARG F 112 -45.57 12.09 1.92
N ARG F 113 -46.21 11.93 3.09
CA ARG F 113 -46.06 10.71 3.94
C ARG F 113 -46.90 9.59 3.34
N GLN F 114 -47.77 9.91 2.39
CA GLN F 114 -48.78 8.97 1.86
C GLN F 114 -48.34 8.53 0.47
N PRO F 115 -48.47 7.24 0.11
CA PRO F 115 -48.25 6.79 -1.26
C PRO F 115 -49.27 7.39 -2.24
N GLN F 116 -48.76 7.76 -3.41
CA GLN F 116 -49.53 8.32 -4.55
C GLN F 116 -49.97 7.18 -5.45
N PRO F 117 -51.04 7.36 -6.25
CA PRO F 117 -51.82 8.60 -6.29
C PRO F 117 -52.65 8.88 -5.01
N TRP F 118 -52.75 10.16 -4.65
CA TRP F 118 -53.60 10.71 -3.57
C TRP F 118 -54.97 11.05 -4.13
N CYS F 119 -56.04 10.66 -3.43
CA CYS F 119 -57.38 11.16 -3.73
C CYS F 119 -57.99 11.79 -2.49
N LEU F 120 -58.20 13.11 -2.56
CA LEU F 120 -58.96 13.87 -1.52
C LEU F 120 -60.44 13.52 -1.64
N VAL F 121 -61.09 13.12 -0.54
CA VAL F 121 -62.54 12.76 -0.49
C VAL F 121 -63.20 13.70 0.51
N ALA F 122 -64.07 14.61 0.02
CA ALA F 122 -64.81 15.58 0.86
C ALA F 122 -66.31 15.54 0.52
N HIS F 123 -67.17 15.59 1.55
CA HIS F 123 -68.64 15.58 1.40
C HIS F 123 -69.10 17.00 1.05
N ASN F 124 -69.67 17.19 -0.14
CA ASN F 124 -69.95 18.54 -0.71
C ASN F 124 -68.63 19.23 -1.04
N GLY F 125 -67.60 18.47 -1.38
CA GLY F 125 -66.27 19.03 -1.72
C GLY F 125 -66.36 20.03 -2.86
N ASP F 126 -67.09 19.69 -3.92
CA ASP F 126 -67.21 20.48 -5.18
C ASP F 126 -67.73 21.88 -4.90
N ARG F 127 -68.67 22.03 -3.96
CA ARG F 127 -69.35 23.32 -3.66
C ARG F 127 -68.61 24.07 -2.55
N TYR F 128 -67.97 23.36 -1.62
CA TYR F 128 -67.43 23.94 -0.36
C TYR F 128 -65.91 23.82 -0.31
N ASP F 129 -65.40 22.64 0.10
CA ASP F 129 -64.05 22.46 0.68
C ASP F 129 -62.99 22.53 -0.44
N PHE F 130 -63.28 21.99 -1.61
CA PHE F 130 -62.30 22.00 -2.74
C PHE F 130 -62.10 23.42 -3.26
N PRO F 131 -63.16 24.14 -3.70
CA PRO F 131 -62.98 25.51 -4.20
C PRO F 131 -62.49 26.51 -3.14
N LEU F 132 -62.86 26.32 -1.86
CA LEU F 132 -62.34 27.17 -0.77
C LEU F 132 -60.83 26.91 -0.57
N LEU F 133 -60.41 25.64 -0.59
CA LEU F 133 -58.96 25.31 -0.48
C LEU F 133 -58.22 25.96 -1.66
N GLN F 134 -58.74 25.81 -2.89
CA GLN F 134 -58.11 26.40 -4.10
C GLN F 134 -58.01 27.93 -3.93
N ALA F 135 -59.05 28.58 -3.40
CA ALA F 135 -59.07 30.05 -3.18
C ALA F 135 -58.02 30.44 -2.13
N GLU F 136 -57.95 29.72 -1.00
CA GLU F 136 -56.97 30.03 0.07
C GLU F 136 -55.55 29.92 -0.51
N LEU F 137 -55.30 28.87 -1.29
CA LEU F 137 -53.96 28.64 -1.90
C LEU F 137 -53.69 29.75 -2.93
N ALA F 138 -54.70 30.15 -3.70
CA ALA F 138 -54.61 31.20 -4.73
C ALA F 138 -54.23 32.54 -4.07
N MET F 139 -54.81 32.87 -2.91
CA MET F 139 -54.54 34.15 -2.21
C MET F 139 -53.10 34.18 -1.66
N LEU F 140 -52.43 33.03 -1.51
CA LEU F 140 -50.99 32.96 -1.13
C LEU F 140 -50.14 32.96 -2.41
N GLY F 141 -50.77 32.84 -3.58
CA GLY F 141 -50.07 32.69 -4.86
C GLY F 141 -49.54 31.27 -5.05
N LEU F 142 -50.13 30.30 -4.35
CA LEU F 142 -49.66 28.88 -4.35
C LEU F 142 -50.66 28.03 -5.13
N THR F 143 -51.10 28.49 -6.31
CA THR F 143 -52.22 27.89 -7.11
C THR F 143 -51.86 26.46 -7.56
N SER F 144 -50.56 26.11 -7.66
CA SER F 144 -50.09 24.80 -8.18
C SER F 144 -49.84 23.80 -7.03
N ALA F 145 -49.92 24.24 -5.77
CA ALA F 145 -49.50 23.45 -4.58
C ALA F 145 -50.01 21.98 -4.68
N LEU F 146 -51.25 21.75 -5.11
CA LEU F 146 -51.92 20.42 -5.01
C LEU F 146 -52.32 19.86 -6.38
N ASP F 147 -51.65 20.27 -7.47
CA ASP F 147 -52.03 19.84 -8.85
C ASP F 147 -51.67 18.35 -9.07
N GLY F 148 -50.88 17.75 -8.18
CA GLY F 148 -50.54 16.31 -8.19
C GLY F 148 -51.63 15.43 -7.58
N ALA F 149 -52.48 16.01 -6.72
CA ALA F 149 -53.58 15.30 -6.02
C ALA F 149 -54.77 15.08 -6.97
N PHE F 150 -55.56 14.06 -6.68
CA PHE F 150 -56.90 13.83 -7.25
C PHE F 150 -57.93 14.12 -6.17
N CYS F 151 -59.18 14.32 -6.55
CA CYS F 151 -60.29 14.57 -5.61
C CYS F 151 -61.59 13.98 -6.13
N VAL F 152 -62.48 13.71 -5.19
CA VAL F 152 -63.83 13.13 -5.40
C VAL F 152 -64.74 13.75 -4.34
N ASP F 153 -65.96 14.13 -4.75
CA ASP F 153 -67.04 14.61 -3.87
C ASP F 153 -67.84 13.38 -3.45
N SER F 154 -67.82 13.01 -2.16
CA SER F 154 -68.47 11.76 -1.69
C SER F 154 -69.99 11.80 -1.93
N ILE F 155 -70.57 12.98 -2.12
CA ILE F 155 -72.02 13.12 -2.49
C ILE F 155 -72.21 12.50 -3.87
N THR F 156 -71.47 12.99 -4.87
CA THR F 156 -71.46 12.41 -6.24
C THR F 156 -71.23 10.90 -6.15
N ALA F 157 -70.32 10.46 -5.27
CA ALA F 157 -69.92 9.04 -5.10
C ALA F 157 -71.10 8.21 -4.58
N LEU F 158 -71.68 8.61 -3.44
CA LEU F 158 -72.76 7.86 -2.75
C LEU F 158 -74.03 7.86 -3.61
N LYS F 159 -74.35 8.99 -4.25
CA LYS F 159 -75.51 9.11 -5.18
C LYS F 159 -75.45 8.00 -6.24
N ALA F 160 -74.30 7.83 -6.92
CA ALA F 160 -74.09 6.92 -8.07
C ALA F 160 -74.04 5.46 -7.60
N LEU F 161 -73.67 5.23 -6.33
CA LEU F 161 -73.62 3.87 -5.70
C LEU F 161 -75.02 3.44 -5.26
N GLU F 162 -75.83 4.39 -4.75
CA GLU F 162 -77.25 4.15 -4.34
C GLU F 162 -78.10 3.88 -5.58
N ARG F 163 -77.92 4.68 -6.64
CA ARG F 163 -78.70 4.63 -7.92
C ARG F 163 -78.65 3.22 -8.52
N ALA F 164 -77.54 2.49 -8.31
CA ALA F 164 -77.33 1.12 -8.82
C ALA F 164 -77.74 0.09 -7.75
N SER F 165 -78.57 0.51 -6.78
CA SER F 165 -79.13 -0.34 -5.68
C SER F 165 -80.66 -0.34 -5.77
N SER F 166 -81.29 0.84 -5.71
CA SER F 166 -82.76 1.06 -5.85
C SER F 166 -83.02 2.25 -6.78
N LYS F 174 -84.92 11.63 0.07
CA LYS F 174 -83.86 11.48 1.12
C LYS F 174 -82.85 12.63 1.00
N SER F 175 -82.63 13.37 2.11
CA SER F 175 -81.50 14.31 2.31
C SER F 175 -80.17 13.55 2.17
N TYR F 176 -79.17 14.17 1.54
CA TYR F 176 -77.81 13.60 1.33
C TYR F 176 -76.79 14.37 2.16
N SER F 177 -77.25 15.07 3.21
CA SER F 177 -76.35 15.70 4.22
C SER F 177 -75.53 14.59 4.89
N LEU F 178 -74.32 14.92 5.32
CA LEU F 178 -73.39 14.00 6.02
C LEU F 178 -74.10 13.34 7.21
N GLY F 179 -74.73 14.14 8.09
CA GLY F 179 -75.46 13.67 9.28
C GLY F 179 -76.62 12.73 8.93
N SER F 180 -77.34 13.02 7.85
CA SER F 180 -78.54 12.27 7.40
C SER F 180 -78.15 10.86 6.94
N ILE F 181 -77.10 10.76 6.12
CA ILE F 181 -76.58 9.45 5.62
C ILE F 181 -76.08 8.63 6.81
N TYR F 182 -75.32 9.24 7.72
CA TYR F 182 -74.73 8.55 8.89
C TYR F 182 -75.86 7.99 9.76
N THR F 183 -76.84 8.82 10.13
CA THR F 183 -78.03 8.45 10.95
C THR F 183 -78.77 7.30 10.28
N ARG F 184 -79.01 7.41 8.97
CA ARG F 184 -79.61 6.35 8.12
C ARG F 184 -78.87 5.02 8.31
N LEU F 185 -77.54 5.00 8.14
CA LEU F 185 -76.72 3.75 8.14
C LEU F 185 -76.61 3.18 9.57
N TYR F 186 -76.37 4.02 10.57
CA TYR F 186 -75.91 3.58 11.92
C TYR F 186 -76.90 4.00 13.03
N GLY F 187 -78.07 4.52 12.64
CA GLY F 187 -79.25 4.66 13.53
C GLY F 187 -79.08 5.74 14.60
N GLN F 188 -78.01 6.54 14.56
CA GLN F 188 -77.75 7.63 15.55
C GLN F 188 -76.90 8.73 14.89
N SER F 189 -77.08 9.97 15.32
CA SER F 189 -76.29 11.14 14.88
C SER F 189 -74.81 10.89 15.18
N PRO F 190 -73.88 11.26 14.27
CA PRO F 190 -72.44 11.12 14.54
C PRO F 190 -71.96 12.09 15.62
N PRO F 191 -70.96 11.69 16.44
CA PRO F 191 -70.40 12.58 17.46
C PRO F 191 -69.62 13.77 16.86
N ASP F 192 -69.61 14.89 17.56
CA ASP F 192 -68.78 16.08 17.24
C ASP F 192 -69.18 16.59 15.85
N SER F 193 -70.48 16.66 15.61
CA SER F 193 -71.06 17.08 14.32
C SER F 193 -70.66 18.53 14.04
N HIS F 194 -70.39 18.85 12.77
CA HIS F 194 -70.07 20.22 12.27
C HIS F 194 -68.72 20.69 12.84
N THR F 195 -67.84 19.76 13.21
CA THR F 195 -66.39 20.03 13.42
C THR F 195 -65.64 19.34 12.27
N ALA F 196 -64.53 19.90 11.82
CA ALA F 196 -63.74 19.33 10.70
C ALA F 196 -63.42 17.84 11.01
N GLU F 197 -63.00 17.52 12.23
CA GLU F 197 -62.53 16.16 12.58
C GLU F 197 -63.74 15.23 12.73
N GLY F 198 -64.78 15.66 13.45
CA GLY F 198 -66.05 14.92 13.55
C GLY F 198 -66.60 14.58 12.18
N ASP F 199 -66.58 15.53 11.25
CA ASP F 199 -67.15 15.32 9.89
C ASP F 199 -66.30 14.30 9.12
N VAL F 200 -64.97 14.43 9.14
CA VAL F 200 -64.04 13.48 8.44
C VAL F 200 -64.22 12.07 9.04
N LEU F 201 -64.32 11.94 10.37
CA LEU F 201 -64.47 10.61 11.04
C LEU F 201 -65.82 10.00 10.70
N ALA F 202 -66.87 10.81 10.55
CA ALA F 202 -68.22 10.37 10.12
C ALA F 202 -68.16 9.91 8.67
N LEU F 203 -67.50 10.68 7.81
CA LEU F 203 -67.34 10.35 6.36
C LEU F 203 -66.60 9.01 6.21
N LEU F 204 -65.56 8.79 7.00
CA LEU F 204 -64.80 7.51 7.00
C LEU F 204 -65.75 6.34 7.35
N SER F 205 -66.54 6.49 8.41
CA SER F 205 -67.53 5.46 8.85
C SER F 205 -68.49 5.14 7.70
N ILE F 206 -69.04 6.16 7.05
CA ILE F 206 -69.97 6.00 5.90
C ILE F 206 -69.26 5.21 4.79
N CYS F 207 -68.01 5.56 4.47
CA CYS F 207 -67.24 4.99 3.34
C CYS F 207 -66.75 3.56 3.67
N GLN F 208 -66.78 3.15 4.94
CA GLN F 208 -66.48 1.75 5.35
C GLN F 208 -67.71 0.86 5.17
N TRP F 209 -68.88 1.43 4.82
CA TRP F 209 -70.15 0.69 4.61
C TRP F 209 -69.97 -0.29 3.45
N ARG F 210 -69.67 0.20 2.25
CA ARG F 210 -69.39 -0.60 1.03
C ARG F 210 -68.03 -0.18 0.46
N PRO F 211 -66.91 -0.48 1.15
CA PRO F 211 -65.62 0.09 0.76
C PRO F 211 -65.15 -0.32 -0.65
N GLN F 212 -65.38 -1.58 -1.03
CA GLN F 212 -64.96 -2.15 -2.36
C GLN F 212 -65.66 -1.39 -3.49
N ALA F 213 -66.98 -1.26 -3.40
CA ALA F 213 -67.82 -0.48 -4.34
C ALA F 213 -67.28 0.96 -4.46
N LEU F 214 -67.05 1.62 -3.32
CA LEU F 214 -66.63 3.05 -3.28
C LEU F 214 -65.27 3.21 -3.99
N LEU F 215 -64.29 2.37 -3.63
CA LEU F 215 -62.94 2.35 -4.24
C LEU F 215 -63.04 2.21 -5.76
N ARG F 216 -63.83 1.23 -6.23
CA ARG F 216 -64.09 0.98 -7.67
C ARG F 216 -64.51 2.29 -8.35
N TRP F 217 -65.45 3.02 -7.73
CA TRP F 217 -66.00 4.28 -8.29
C TRP F 217 -64.93 5.36 -8.27
N VAL F 218 -64.25 5.52 -7.13
CA VAL F 218 -63.17 6.53 -6.92
C VAL F 218 -62.09 6.32 -8.01
N ASP F 219 -61.68 5.08 -8.26
CA ASP F 219 -60.60 4.76 -9.23
C ASP F 219 -61.02 5.21 -10.63
N ALA F 220 -62.31 5.17 -10.96
CA ALA F 220 -62.85 5.50 -12.30
C ALA F 220 -63.06 7.02 -12.44
N HIS F 221 -63.36 7.73 -11.34
CA HIS F 221 -63.97 9.10 -11.38
C HIS F 221 -63.09 10.14 -10.68
N ALA F 222 -61.99 9.75 -10.04
CA ALA F 222 -61.03 10.69 -9.41
C ALA F 222 -60.64 11.75 -10.43
N ARG F 223 -60.75 13.03 -10.07
CA ARG F 223 -60.44 14.17 -10.97
C ARG F 223 -59.18 14.87 -10.48
N PRO F 224 -58.27 15.25 -11.40
CA PRO F 224 -57.11 16.06 -11.03
C PRO F 224 -57.54 17.31 -10.28
N PHE F 225 -56.89 17.62 -9.16
CA PHE F 225 -57.32 18.73 -8.26
C PHE F 225 -57.24 20.06 -9.03
N GLY F 226 -56.17 20.22 -9.82
CA GLY F 226 -55.84 21.45 -10.57
C GLY F 226 -56.97 21.91 -11.47
N THR F 227 -58.01 21.10 -11.65
CA THR F 227 -59.22 21.46 -12.44
C THR F 227 -60.29 22.10 -11.55
N ILE F 228 -60.15 22.07 -10.22
CA ILE F 228 -61.11 22.76 -9.30
C ILE F 228 -60.73 24.24 -9.34
N ARG F 229 -61.70 25.10 -9.67
CA ARG F 229 -61.51 26.56 -9.76
C ARG F 229 -61.57 27.13 -8.34
N PRO F 230 -60.81 28.20 -8.02
CA PRO F 230 -60.94 28.88 -6.75
C PRO F 230 -62.41 29.32 -6.58
N MET F 231 -62.92 29.34 -5.35
CA MET F 231 -64.28 29.82 -5.01
C MET F 231 -64.44 31.29 -5.43
N TYR F 232 -63.40 32.08 -5.20
CA TYR F 232 -63.30 33.54 -5.51
C TYR F 232 -61.81 33.89 -5.61
N GLY F 233 -61.48 35.10 -6.06
CA GLY F 233 -60.10 35.56 -6.28
C GLY F 233 -59.41 34.74 -7.37
N PRO G 7 35.17 -39.60 11.76
CA PRO G 7 36.49 -39.02 11.45
C PRO G 7 37.55 -40.05 11.02
N GLY G 8 37.99 -40.91 11.94
CA GLY G 8 39.30 -41.60 11.92
C GLY G 8 40.36 -40.75 12.60
N PRO G 9 41.57 -41.29 12.90
CA PRO G 9 42.61 -40.50 13.56
C PRO G 9 43.02 -39.29 12.69
N MET G 10 43.15 -38.11 13.30
CA MET G 10 43.51 -36.86 12.56
C MET G 10 44.94 -37.02 12.02
N GLN G 11 45.17 -36.67 10.75
CA GLN G 11 46.50 -36.81 10.10
C GLN G 11 47.23 -35.46 10.12
N THR G 12 46.51 -34.35 10.10
CA THR G 12 47.07 -32.96 10.17
C THR G 12 46.37 -32.19 11.29
N LEU G 13 47.13 -31.60 12.22
CA LEU G 13 46.64 -30.52 13.09
C LEU G 13 47.04 -29.18 12.46
N ILE G 14 46.06 -28.31 12.20
CA ILE G 14 46.34 -26.93 11.70
C ILE G 14 46.11 -25.96 12.85
N PHE G 15 47.19 -25.51 13.48
CA PHE G 15 47.17 -24.47 14.53
C PHE G 15 46.77 -23.16 13.84
N PHE G 16 45.77 -22.50 14.40
CA PHE G 16 45.01 -21.44 13.71
C PHE G 16 44.76 -20.29 14.69
N ASP G 17 45.03 -19.07 14.27
CA ASP G 17 44.58 -17.85 14.99
C ASP G 17 44.20 -16.76 14.00
N MET G 18 43.12 -16.06 14.30
CA MET G 18 42.80 -14.78 13.66
C MET G 18 42.80 -13.68 14.72
N GLU G 19 43.10 -12.47 14.25
CA GLU G 19 42.94 -11.19 14.98
C GLU G 19 41.85 -10.40 14.23
N ALA G 20 41.15 -9.52 14.94
CA ALA G 20 39.97 -8.80 14.41
C ALA G 20 39.99 -7.34 14.85
N THR G 21 39.04 -6.56 14.37
CA THR G 21 38.91 -5.12 14.64
C THR G 21 38.46 -4.85 16.08
N GLY G 22 37.85 -5.84 16.72
CA GLY G 22 37.29 -5.69 18.08
C GLY G 22 36.67 -6.96 18.57
N LEU G 23 36.04 -6.90 19.75
CA LEU G 23 35.41 -8.05 20.42
C LEU G 23 34.10 -8.35 19.71
N PRO G 24 33.53 -9.56 19.88
CA PRO G 24 32.38 -9.98 19.07
C PRO G 24 31.15 -9.05 19.08
N PHE G 25 30.84 -8.37 20.20
CA PHE G 25 29.68 -7.44 20.31
C PHE G 25 29.83 -6.34 19.26
N SER G 26 31.05 -6.09 18.78
CA SER G 26 31.38 -5.08 17.75
C SER G 26 31.07 -5.59 16.33
N GLN G 27 30.64 -6.85 16.16
CA GLN G 27 30.48 -7.51 14.84
C GLN G 27 31.77 -7.29 14.06
N PRO G 28 32.90 -7.88 14.52
CA PRO G 28 34.22 -7.48 14.04
C PRO G 28 34.57 -8.12 12.69
N LYS G 29 35.59 -7.58 12.02
CA LYS G 29 36.19 -8.11 10.77
C LYS G 29 37.63 -8.63 11.03
N VAL G 30 38.01 -9.70 10.32
CA VAL G 30 39.38 -10.28 10.38
C VAL G 30 40.38 -9.23 9.89
N THR G 31 41.48 -9.04 10.63
CA THR G 31 42.63 -8.17 10.26
C THR G 31 43.87 -9.01 9.94
N GLU G 32 43.99 -10.20 10.51
CA GLU G 32 45.20 -11.04 10.39
C GLU G 32 44.79 -12.49 10.60
N LEU G 33 45.46 -13.43 9.93
CA LEU G 33 45.24 -14.86 10.19
C LEU G 33 46.54 -15.61 10.00
N CYS G 34 46.69 -16.71 10.72
CA CYS G 34 47.85 -17.62 10.60
C CYS G 34 47.36 -19.06 10.74
N LEU G 35 47.80 -19.89 9.81
CA LEU G 35 47.61 -21.36 9.80
C LEU G 35 49.00 -21.98 9.90
N LEU G 36 49.21 -22.91 10.81
CA LEU G 36 50.46 -23.71 10.86
C LEU G 36 50.10 -25.19 10.88
N ALA G 37 50.35 -25.88 9.77
CA ALA G 37 49.97 -27.31 9.56
C ALA G 37 51.14 -28.20 9.98
N VAL G 38 50.88 -29.10 10.92
CA VAL G 38 51.83 -30.10 11.48
C VAL G 38 51.23 -31.49 11.22
N HIS G 39 52.02 -32.42 10.69
CA HIS G 39 51.60 -33.84 10.54
C HIS G 39 51.45 -34.48 11.93
N ARG G 40 50.57 -35.45 12.05
CA ARG G 40 50.33 -36.22 13.30
C ARG G 40 51.65 -36.68 13.91
N CYS G 41 52.61 -37.10 13.07
CA CYS G 41 53.86 -37.80 13.51
C CYS G 41 54.80 -36.81 14.19
N ALA G 42 54.73 -35.52 13.84
CA ALA G 42 55.54 -34.46 14.47
C ALA G 42 55.22 -34.40 15.98
N LEU G 43 53.95 -34.64 16.34
CA LEU G 43 53.47 -34.57 17.75
C LEU G 43 53.60 -35.96 18.40
N GLU G 44 53.24 -37.02 17.67
CA GLU G 44 53.29 -38.43 18.14
C GLU G 44 54.75 -38.83 18.38
N SER G 45 55.60 -38.71 17.37
CA SER G 45 57.01 -39.20 17.36
C SER G 45 57.98 -38.06 17.07
N PRO G 46 58.17 -37.11 18.00
CA PRO G 46 59.13 -36.02 17.80
C PRO G 46 60.56 -36.53 17.93
N PRO G 47 61.56 -35.86 17.30
CA PRO G 47 62.96 -36.30 17.37
C PRO G 47 63.51 -36.34 18.81
N THR G 48 64.73 -36.88 18.98
CA THR G 48 65.45 -37.00 20.28
C THR G 48 66.85 -36.38 20.14
N PRO G 54 65.06 -29.65 26.66
CA PRO G 54 64.89 -28.19 26.58
C PRO G 54 63.61 -27.76 27.33
N THR G 55 63.59 -26.54 27.88
CA THR G 55 62.43 -25.99 28.65
C THR G 55 61.20 -25.97 27.73
N VAL G 56 61.27 -25.14 26.68
CA VAL G 56 60.22 -25.02 25.63
C VAL G 56 60.60 -25.93 24.46
N PRO G 57 59.77 -26.93 24.09
CA PRO G 57 60.07 -27.77 22.94
C PRO G 57 60.27 -26.91 21.69
N PRO G 58 61.21 -27.26 20.77
CA PRO G 58 61.32 -26.58 19.49
C PRO G 58 60.14 -26.92 18.58
N PRO G 59 59.81 -26.05 17.59
CA PRO G 59 58.81 -26.43 16.59
C PRO G 59 59.34 -27.56 15.70
N PRO G 60 58.47 -28.39 15.10
CA PRO G 60 58.93 -29.35 14.10
C PRO G 60 59.66 -28.67 12.93
N ARG G 61 60.67 -29.34 12.39
CA ARG G 61 61.40 -28.91 11.17
C ARG G 61 60.41 -28.79 10.00
N VAL G 62 59.54 -29.76 9.85
CA VAL G 62 58.61 -29.91 8.70
C VAL G 62 57.26 -29.32 9.12
N VAL G 63 56.96 -28.14 8.60
CA VAL G 63 55.70 -27.41 8.86
C VAL G 63 55.32 -26.73 7.56
N ASP G 64 54.03 -26.55 7.33
CA ASP G 64 53.52 -25.58 6.32
C ASP G 64 52.95 -24.40 7.11
N LYS G 65 53.15 -23.20 6.63
CA LYS G 65 52.74 -21.97 7.36
C LYS G 65 52.20 -20.95 6.37
N LEU G 66 51.11 -20.30 6.76
CA LEU G 66 50.43 -19.22 6.02
C LEU G 66 50.05 -18.13 7.02
N SER G 67 50.55 -16.92 6.79
CA SER G 67 50.27 -15.73 7.62
C SER G 67 49.92 -14.59 6.67
N LEU G 68 48.74 -14.00 6.84
CA LEU G 68 48.14 -12.99 5.94
C LEU G 68 47.57 -11.87 6.79
N CYS G 69 47.74 -10.63 6.35
CA CYS G 69 46.99 -9.46 6.85
C CYS G 69 45.81 -9.23 5.90
N VAL G 70 44.71 -8.69 6.44
CA VAL G 70 43.42 -8.49 5.73
C VAL G 70 42.91 -7.06 6.02
N ALA G 71 42.40 -6.39 4.99
CA ALA G 71 41.69 -5.10 5.10
C ALA G 71 40.30 -5.35 5.65
N PRO G 72 39.99 -4.89 6.90
CA PRO G 72 38.71 -5.18 7.53
C PRO G 72 37.54 -4.36 6.97
N GLY G 73 37.78 -3.18 6.40
CA GLY G 73 36.73 -2.31 5.82
C GLY G 73 36.06 -1.44 6.87
N LYS G 74 36.50 -1.52 8.14
CA LYS G 74 36.05 -0.59 9.21
C LYS G 74 37.16 -0.43 10.24
N ALA G 75 37.00 0.53 11.17
CA ALA G 75 38.03 0.92 12.16
C ALA G 75 38.27 -0.23 13.13
N CYS G 76 39.51 -0.34 13.62
CA CYS G 76 39.89 -1.18 14.78
C CYS G 76 39.59 -0.40 16.05
N SER G 77 39.05 -1.06 17.08
CA SER G 77 38.89 -0.51 18.44
C SER G 77 40.26 -0.12 18.98
N PRO G 78 40.36 0.86 19.91
CA PRO G 78 41.65 1.22 20.50
C PRO G 78 42.34 0.02 21.16
N ALA G 79 41.59 -0.80 21.90
CA ALA G 79 42.09 -2.03 22.55
C ALA G 79 42.71 -2.96 21.49
N ALA G 80 42.02 -3.19 20.37
CA ALA G 80 42.42 -4.16 19.33
C ALA G 80 43.75 -3.72 18.72
N SER G 81 43.90 -2.41 18.45
CA SER G 81 45.13 -1.81 17.87
C SER G 81 46.29 -1.88 18.88
N GLU G 82 46.01 -1.65 20.16
CA GLU G 82 47.02 -1.70 21.25
C GLU G 82 47.58 -3.12 21.36
N ILE G 83 46.71 -4.13 21.29
CA ILE G 83 47.06 -5.57 21.52
C ILE G 83 47.78 -6.15 20.29
N THR G 84 47.35 -5.81 19.08
CA THR G 84 47.88 -6.45 17.84
C THR G 84 48.92 -5.55 17.16
N GLY G 85 48.85 -4.23 17.36
CA GLY G 85 49.69 -3.25 16.66
C GLY G 85 49.30 -3.09 15.20
N LEU G 86 48.09 -3.51 14.83
CA LEU G 86 47.47 -3.23 13.51
C LEU G 86 46.46 -2.08 13.68
N SER G 87 46.35 -1.22 12.66
CA SER G 87 45.23 -0.27 12.47
C SER G 87 44.76 -0.35 11.02
N THR G 88 43.50 -0.03 10.75
CA THR G 88 42.86 -0.10 9.42
C THR G 88 43.62 0.81 8.43
N ALA G 89 44.12 1.96 8.91
CA ALA G 89 44.90 2.95 8.14
C ALA G 89 46.25 2.37 7.72
N VAL G 90 46.94 1.67 8.61
CA VAL G 90 48.27 1.06 8.29
C VAL G 90 48.06 -0.11 7.32
N LEU G 91 46.99 -0.90 7.51
CA LEU G 91 46.66 -2.02 6.59
C LEU G 91 46.35 -1.47 5.18
N ALA G 92 45.78 -0.27 5.07
CA ALA G 92 45.46 0.39 3.79
C ALA G 92 46.76 0.92 3.15
N ALA G 93 47.65 1.51 3.93
CA ALA G 93 48.99 1.98 3.49
C ALA G 93 49.78 0.82 2.86
N HIS G 94 49.63 -0.40 3.39
CA HIS G 94 50.33 -1.63 2.91
C HIS G 94 49.50 -2.34 1.83
N GLY G 95 48.46 -1.70 1.28
CA GLY G 95 47.68 -2.16 0.13
C GLY G 95 47.00 -3.50 0.36
N ARG G 96 46.54 -3.78 1.58
CA ARG G 96 45.94 -5.09 1.93
C ARG G 96 44.56 -5.19 1.26
N GLN G 97 44.17 -6.39 0.85
CA GLN G 97 42.87 -6.66 0.20
C GLN G 97 41.91 -7.18 1.27
N CYS G 98 40.61 -6.98 1.05
CA CYS G 98 39.55 -7.44 1.99
C CYS G 98 39.50 -8.96 1.97
N PHE G 99 38.75 -9.55 2.88
CA PHE G 99 38.39 -10.99 2.87
C PHE G 99 37.53 -11.23 1.63
N ASP G 100 38.00 -12.05 0.68
CA ASP G 100 37.34 -12.20 -0.65
C ASP G 100 37.44 -13.67 -1.12
N ASP G 101 36.95 -13.95 -2.33
CA ASP G 101 36.91 -15.32 -2.93
C ASP G 101 38.33 -15.85 -3.06
N ASN G 102 39.27 -15.00 -3.48
CA ASN G 102 40.69 -15.38 -3.67
C ASN G 102 41.25 -15.87 -2.33
N LEU G 103 40.97 -15.16 -1.23
CA LEU G 103 41.51 -15.51 0.12
C LEU G 103 40.95 -16.88 0.48
N ALA G 104 39.64 -17.10 0.29
CA ALA G 104 38.93 -18.35 0.62
C ALA G 104 39.54 -19.51 -0.17
N ASN G 105 39.86 -19.26 -1.44
CA ASN G 105 40.47 -20.26 -2.37
C ASN G 105 41.93 -20.52 -1.93
N LEU G 106 42.65 -19.46 -1.55
CA LEU G 106 44.02 -19.58 -0.99
C LEU G 106 43.97 -20.51 0.23
N LEU G 107 43.06 -20.26 1.18
CA LEU G 107 42.95 -21.08 2.43
C LEU G 107 42.69 -22.54 2.07
N LEU G 108 41.75 -22.81 1.16
CA LEU G 108 41.37 -24.21 0.79
C LEU G 108 42.57 -24.88 0.10
N ALA G 109 43.26 -24.16 -0.79
CA ALA G 109 44.46 -24.65 -1.52
C ALA G 109 45.55 -25.07 -0.52
N PHE G 110 45.73 -24.32 0.57
CA PHE G 110 46.70 -24.62 1.64
C PHE G 110 46.29 -25.90 2.38
N LEU G 111 45.02 -26.00 2.78
CA LEU G 111 44.50 -27.20 3.49
C LEU G 111 44.69 -28.44 2.59
N ARG G 112 44.46 -28.33 1.28
CA ARG G 112 44.57 -29.47 0.32
C ARG G 112 46.00 -30.02 0.26
N ARG G 113 47.02 -29.23 0.64
CA ARG G 113 48.45 -29.69 0.75
C ARG G 113 48.61 -30.65 1.94
N GLN G 114 47.61 -30.78 2.81
CA GLN G 114 47.70 -31.58 4.07
C GLN G 114 46.87 -32.85 3.94
N PRO G 115 47.34 -34.00 4.47
CA PRO G 115 46.54 -35.23 4.47
C PRO G 115 45.34 -35.10 5.42
N GLN G 116 44.17 -35.53 4.95
CA GLN G 116 42.92 -35.60 5.73
C GLN G 116 42.99 -36.83 6.64
N PRO G 117 42.22 -36.87 7.76
CA PRO G 117 41.36 -35.75 8.17
C PRO G 117 42.14 -34.53 8.69
N TRP G 118 41.65 -33.32 8.40
CA TRP G 118 42.14 -32.02 8.92
C TRP G 118 41.48 -31.71 10.26
N CYS G 119 42.23 -31.16 11.21
CA CYS G 119 41.63 -30.53 12.43
C CYS G 119 42.27 -29.15 12.65
N LEU G 120 41.50 -28.08 12.47
CA LEU G 120 41.85 -26.71 12.93
C LEU G 120 41.86 -26.69 14.47
N VAL G 121 42.90 -26.11 15.06
CA VAL G 121 43.07 -25.97 16.53
C VAL G 121 43.30 -24.49 16.79
N ALA G 122 42.36 -23.82 17.47
CA ALA G 122 42.43 -22.39 17.79
C ALA G 122 42.15 -22.18 19.27
N HIS G 123 42.86 -21.24 19.89
CA HIS G 123 42.73 -20.89 21.32
C HIS G 123 41.54 -19.96 21.51
N ASN G 124 40.53 -20.39 22.26
CA ASN G 124 39.22 -19.71 22.37
C ASN G 124 38.52 -19.74 21.00
N GLY G 125 38.79 -20.76 20.19
CA GLY G 125 38.26 -20.92 18.82
C GLY G 125 36.73 -20.82 18.78
N ASP G 126 36.05 -21.44 19.75
CA ASP G 126 34.57 -21.53 19.76
C ASP G 126 33.97 -20.13 19.91
N ARG G 127 34.58 -19.21 20.67
CA ARG G 127 34.01 -17.86 20.92
C ARG G 127 34.55 -16.84 19.90
N TYR G 128 35.73 -17.07 19.31
CA TYR G 128 36.44 -16.04 18.51
C TYR G 128 36.64 -16.52 17.07
N ASP G 129 37.69 -17.32 16.84
CA ASP G 129 38.25 -17.54 15.48
C ASP G 129 37.27 -18.37 14.61
N PHE G 130 36.66 -19.42 15.15
CA PHE G 130 35.82 -20.32 14.32
C PHE G 130 34.56 -19.58 13.88
N PRO G 131 33.74 -19.01 14.80
CA PRO G 131 32.54 -18.27 14.37
C PRO G 131 32.87 -17.05 13.50
N LEU G 132 34.00 -16.35 13.73
CA LEU G 132 34.34 -15.18 12.89
C LEU G 132 34.69 -15.65 11.48
N LEU G 133 35.44 -16.75 11.34
CA LEU G 133 35.79 -17.31 10.02
C LEU G 133 34.49 -17.67 9.29
N GLN G 134 33.57 -18.39 9.96
CA GLN G 134 32.26 -18.79 9.37
C GLN G 134 31.49 -17.55 8.89
N ALA G 135 31.60 -16.42 9.60
CA ALA G 135 30.85 -15.18 9.26
C ALA G 135 31.47 -14.54 8.02
N GLU G 136 32.81 -14.52 7.92
CA GLU G 136 33.51 -13.99 6.72
C GLU G 136 33.16 -14.85 5.51
N LEU G 137 33.20 -16.18 5.67
CA LEU G 137 32.84 -17.16 4.61
C LEU G 137 31.36 -16.98 4.20
N ALA G 138 30.45 -16.85 5.17
CA ALA G 138 28.99 -16.69 4.93
C ALA G 138 28.71 -15.42 4.12
N MET G 139 29.36 -14.30 4.46
CA MET G 139 29.16 -12.97 3.81
C MET G 139 29.64 -12.99 2.35
N LEU G 140 30.46 -13.97 1.96
CA LEU G 140 30.92 -14.18 0.56
C LEU G 140 29.99 -15.17 -0.15
N GLY G 141 29.07 -15.80 0.58
CA GLY G 141 28.19 -16.87 0.07
C GLY G 141 28.93 -18.17 -0.13
N LEU G 142 29.95 -18.42 0.71
CA LEU G 142 30.76 -19.66 0.68
C LEU G 142 30.45 -20.49 1.94
N THR G 143 29.18 -20.50 2.35
CA THR G 143 28.66 -21.15 3.59
C THR G 143 29.34 -22.53 3.78
N SER G 144 29.40 -23.35 2.72
CA SER G 144 30.02 -24.69 2.73
C SER G 144 31.30 -24.67 1.89
N ALA G 145 32.46 -24.44 2.54
CA ALA G 145 33.77 -24.21 1.88
C ALA G 145 34.89 -24.94 2.63
N LEU G 146 34.91 -24.82 3.96
CA LEU G 146 35.75 -25.66 4.86
C LEU G 146 34.84 -26.59 5.67
N ASP G 147 33.71 -27.00 5.08
CA ASP G 147 32.77 -28.01 5.66
C ASP G 147 33.53 -29.31 5.98
N GLY G 148 34.51 -29.68 5.13
CA GLY G 148 35.31 -30.91 5.26
C GLY G 148 36.12 -30.97 6.54
N ALA G 149 36.57 -29.81 7.03
CA ALA G 149 37.51 -29.70 8.19
C ALA G 149 36.78 -30.06 9.49
N PHE G 150 37.49 -30.72 10.39
CA PHE G 150 37.14 -30.80 11.83
C PHE G 150 37.86 -29.65 12.56
N CYS G 151 37.45 -29.38 13.78
CA CYS G 151 37.99 -28.27 14.59
C CYS G 151 37.85 -28.58 16.08
N VAL G 152 38.74 -27.97 16.85
CA VAL G 152 38.92 -28.17 18.31
C VAL G 152 39.31 -26.81 18.87
N ASP G 153 38.69 -26.45 19.99
CA ASP G 153 39.09 -25.31 20.84
C ASP G 153 40.09 -25.84 21.86
N SER G 154 41.32 -25.35 21.81
CA SER G 154 42.44 -25.82 22.68
C SER G 154 42.15 -25.49 24.15
N ILE G 155 41.32 -24.48 24.44
CA ILE G 155 40.86 -24.22 25.85
C ILE G 155 40.08 -25.44 26.33
N THR G 156 39.12 -25.92 25.52
CA THR G 156 38.28 -27.10 25.82
C THR G 156 39.20 -28.33 26.02
N ALA G 157 40.08 -28.60 25.06
CA ALA G 157 41.03 -29.74 25.09
C ALA G 157 41.93 -29.65 26.33
N LEU G 158 42.44 -28.46 26.66
CA LEU G 158 43.45 -28.30 27.75
C LEU G 158 42.75 -28.40 29.10
N LYS G 159 41.49 -27.96 29.19
CA LYS G 159 40.66 -28.04 30.43
C LYS G 159 40.37 -29.50 30.77
N ALA G 160 40.14 -30.34 29.75
CA ALA G 160 39.93 -31.80 29.90
C ALA G 160 41.24 -32.47 30.34
N LEU G 161 42.36 -32.12 29.69
CA LEU G 161 43.71 -32.64 30.02
C LEU G 161 44.10 -32.21 31.44
N GLU G 162 43.86 -30.94 31.81
CA GLU G 162 44.25 -30.39 33.14
C GLU G 162 43.34 -30.97 34.23
N ARG G 163 42.03 -31.09 33.96
CA ARG G 163 41.02 -31.65 34.91
C ARG G 163 41.34 -33.13 35.15
N ALA G 164 41.74 -33.85 34.10
CA ALA G 164 42.17 -35.27 34.14
C ALA G 164 43.45 -35.40 34.98
N SER G 165 44.34 -34.41 34.89
CA SER G 165 45.68 -34.38 35.53
C SER G 165 45.71 -33.40 36.73
N SER G 166 44.57 -33.21 37.40
CA SER G 166 44.42 -32.40 38.63
C SER G 166 43.18 -32.87 39.40
N PRO G 167 43.17 -32.74 40.75
CA PRO G 167 41.93 -32.87 41.51
C PRO G 167 40.82 -31.95 40.98
N SER G 168 39.59 -32.10 41.49
CA SER G 168 38.43 -31.22 41.18
C SER G 168 38.75 -29.79 41.64
N GLU G 169 38.65 -28.82 40.72
CA GLU G 169 38.68 -27.36 41.04
C GLU G 169 37.56 -27.08 42.05
N HIS G 170 37.80 -26.17 43.01
CA HIS G 170 36.89 -25.90 44.18
C HIS G 170 36.47 -24.41 44.21
N GLY G 171 37.43 -23.48 44.22
CA GLY G 171 37.18 -22.03 44.41
C GLY G 171 37.03 -21.27 43.07
N PRO G 172 37.47 -19.99 43.01
CA PRO G 172 37.72 -19.31 41.73
C PRO G 172 38.68 -20.11 40.84
N ARG G 173 38.42 -20.14 39.53
CA ARG G 173 39.16 -20.99 38.55
C ARG G 173 40.35 -20.20 37.97
N LYS G 174 41.34 -20.91 37.42
CA LYS G 174 42.55 -20.32 36.79
C LYS G 174 42.13 -19.68 35.45
N SER G 175 42.88 -18.69 34.96
CA SER G 175 42.72 -18.11 33.59
C SER G 175 43.20 -19.13 32.56
N TYR G 176 42.54 -19.16 31.41
CA TYR G 176 42.94 -19.93 30.22
C TYR G 176 43.23 -18.96 29.07
N SER G 177 43.69 -17.75 29.37
CA SER G 177 44.43 -16.89 28.41
C SER G 177 45.66 -17.66 27.90
N LEU G 178 46.00 -17.49 26.63
CA LEU G 178 47.17 -18.13 26.01
C LEU G 178 48.41 -17.90 26.89
N GLY G 179 48.66 -16.64 27.26
CA GLY G 179 49.80 -16.22 28.11
C GLY G 179 49.79 -16.92 29.47
N SER G 180 48.63 -17.04 30.13
CA SER G 180 48.46 -17.72 31.45
C SER G 180 48.88 -19.19 31.36
N ILE G 181 48.32 -19.91 30.40
CA ILE G 181 48.64 -21.36 30.19
C ILE G 181 50.16 -21.49 29.97
N TYR G 182 50.70 -20.79 28.99
CA TYR G 182 52.14 -20.88 28.58
C TYR G 182 53.07 -20.64 29.78
N THR G 183 52.80 -19.58 30.55
CA THR G 183 53.57 -19.19 31.77
C THR G 183 53.50 -20.32 32.80
N ARG G 184 52.33 -20.94 32.96
CA ARG G 184 52.10 -22.02 33.95
C ARG G 184 52.94 -23.26 33.59
N LEU G 185 53.27 -23.44 32.29
CA LEU G 185 54.04 -24.62 31.78
C LEU G 185 55.54 -24.34 31.79
N TYR G 186 55.96 -23.16 31.34
CA TYR G 186 57.37 -22.87 30.93
C TYR G 186 57.96 -21.65 31.67
N GLY G 187 57.21 -21.03 32.59
CA GLY G 187 57.73 -20.05 33.56
C GLY G 187 58.34 -18.83 32.90
N GLN G 188 57.96 -18.54 31.66
CA GLN G 188 58.32 -17.26 30.98
C GLN G 188 57.10 -16.81 30.16
N SER G 189 57.08 -15.54 29.76
CA SER G 189 56.14 -14.99 28.74
C SER G 189 56.51 -15.55 27.37
N PRO G 190 55.53 -15.89 26.51
CA PRO G 190 55.83 -16.33 25.16
C PRO G 190 56.62 -15.29 24.37
N PRO G 191 57.45 -15.70 23.40
CA PRO G 191 58.29 -14.77 22.63
C PRO G 191 57.54 -13.55 22.08
N ASP G 192 56.41 -13.79 21.40
CA ASP G 192 55.60 -12.76 20.70
C ASP G 192 54.13 -12.91 21.13
N SER G 193 53.56 -11.84 21.69
CA SER G 193 52.14 -11.75 22.13
C SER G 193 51.43 -10.61 21.40
N HIS G 194 51.85 -10.28 20.17
CA HIS G 194 51.22 -9.19 19.38
C HIS G 194 50.85 -9.61 17.94
N THR G 195 51.19 -10.82 17.47
CA THR G 195 50.80 -11.26 16.09
C THR G 195 50.04 -12.58 16.12
N ALA G 196 49.23 -12.82 15.09
CA ALA G 196 48.49 -14.09 14.88
C ALA G 196 49.51 -15.25 14.82
N GLU G 197 50.63 -15.05 14.13
CA GLU G 197 51.69 -16.09 13.99
C GLU G 197 52.32 -16.34 15.37
N GLY G 198 52.67 -15.29 16.12
CA GLY G 198 53.15 -15.40 17.52
C GLY G 198 52.22 -16.27 18.34
N ASP G 199 50.91 -16.07 18.20
CA ASP G 199 49.86 -16.77 18.99
C ASP G 199 49.79 -18.24 18.54
N VAL G 200 49.97 -18.50 17.25
CA VAL G 200 49.97 -19.90 16.70
C VAL G 200 51.21 -20.67 17.20
N LEU G 201 52.38 -20.03 17.26
CA LEU G 201 53.65 -20.68 17.70
C LEU G 201 53.57 -20.98 19.20
N ALA G 202 52.99 -20.09 19.99
CA ALA G 202 52.82 -20.27 21.45
C ALA G 202 51.81 -21.42 21.68
N LEU G 203 50.73 -21.48 20.91
CA LEU G 203 49.73 -22.59 20.97
C LEU G 203 50.40 -23.92 20.59
N LEU G 204 51.20 -23.95 19.53
CA LEU G 204 51.98 -25.16 19.14
C LEU G 204 52.78 -25.64 20.35
N SER G 205 53.56 -24.76 20.99
CA SER G 205 54.44 -25.07 22.16
C SER G 205 53.60 -25.71 23.28
N ILE G 206 52.48 -25.08 23.62
CA ILE G 206 51.53 -25.56 24.66
C ILE G 206 51.04 -26.96 24.30
N CYS G 207 50.67 -27.20 23.05
CA CYS G 207 50.13 -28.49 22.57
C CYS G 207 51.25 -29.55 22.46
N GLN G 208 52.53 -29.14 22.46
CA GLN G 208 53.68 -30.07 22.50
C GLN G 208 53.99 -30.48 23.96
N TRP G 209 53.18 -30.05 24.93
CA TRP G 209 53.39 -30.36 26.38
C TRP G 209 53.14 -31.84 26.63
N ARG G 210 51.93 -32.31 26.34
CA ARG G 210 51.52 -33.74 26.37
C ARG G 210 50.89 -34.08 25.03
N PRO G 211 51.70 -34.16 23.95
CA PRO G 211 51.17 -34.24 22.59
C PRO G 211 50.29 -35.48 22.41
N GLN G 212 50.65 -36.61 23.04
CA GLN G 212 49.96 -37.92 22.83
C GLN G 212 48.57 -37.88 23.47
N ALA G 213 48.45 -37.28 24.65
CA ALA G 213 47.16 -37.08 25.36
C ALA G 213 46.26 -36.18 24.51
N LEU G 214 46.83 -35.11 23.94
CA LEU G 214 46.07 -34.13 23.12
C LEU G 214 45.53 -34.82 21.86
N LEU G 215 46.37 -35.59 21.15
CA LEU G 215 45.96 -36.29 19.91
C LEU G 215 44.79 -37.23 20.19
N ARG G 216 44.87 -37.98 21.29
CA ARG G 216 43.81 -38.91 21.76
C ARG G 216 42.51 -38.12 21.97
N TRP G 217 42.60 -37.00 22.68
CA TRP G 217 41.44 -36.15 23.00
C TRP G 217 40.85 -35.58 21.70
N VAL G 218 41.70 -35.12 20.78
CA VAL G 218 41.30 -34.49 19.50
C VAL G 218 40.63 -35.53 18.58
N ASP G 219 41.17 -36.74 18.51
CA ASP G 219 40.64 -37.83 17.65
C ASP G 219 39.20 -38.19 18.07
N ALA G 220 38.83 -37.92 19.33
CA ALA G 220 37.56 -38.36 19.95
C ALA G 220 36.55 -37.21 20.04
N HIS G 221 36.99 -35.94 20.02
CA HIS G 221 36.14 -34.79 20.43
C HIS G 221 36.09 -33.70 19.34
N ALA G 222 36.81 -33.87 18.23
CA ALA G 222 36.84 -32.88 17.12
C ALA G 222 35.47 -32.88 16.43
N ARG G 223 34.90 -31.68 16.24
CA ARG G 223 33.56 -31.49 15.62
C ARG G 223 33.77 -30.95 14.20
N PRO G 224 32.85 -31.29 13.26
CA PRO G 224 32.89 -30.68 11.92
C PRO G 224 32.83 -29.16 12.03
N PHE G 225 33.59 -28.45 11.19
CA PHE G 225 33.60 -26.96 11.13
C PHE G 225 32.25 -26.46 10.62
N GLY G 226 31.53 -27.31 9.88
CA GLY G 226 30.15 -27.06 9.41
C GLY G 226 29.18 -26.82 10.56
N THR G 227 29.39 -27.44 11.73
CA THR G 227 28.52 -27.31 12.93
C THR G 227 28.74 -25.98 13.63
N ILE G 228 29.81 -25.24 13.32
CA ILE G 228 30.06 -23.89 13.92
C ILE G 228 29.18 -22.86 13.21
N ARG G 229 28.22 -22.29 13.94
CA ARG G 229 27.36 -21.17 13.49
C ARG G 229 28.22 -19.91 13.35
N PRO G 230 28.01 -19.09 12.29
CA PRO G 230 28.72 -17.81 12.15
C PRO G 230 28.46 -16.83 13.30
N MET G 231 29.44 -15.98 13.60
CA MET G 231 29.39 -15.01 14.72
C MET G 231 28.22 -14.07 14.52
N TYR G 232 27.91 -13.74 13.26
CA TYR G 232 26.82 -12.81 12.86
C TYR G 232 26.50 -13.01 11.37
N GLY H 1 52.61 -1.15 -33.34
CA GLY H 1 51.82 -1.90 -32.32
C GLY H 1 51.61 -1.06 -31.07
N SER H 2 50.68 -1.46 -30.21
CA SER H 2 50.52 -0.88 -28.85
C SER H 2 51.64 -1.45 -27.97
N GLN H 3 52.46 -0.57 -27.39
CA GLN H 3 53.62 -0.91 -26.52
C GLN H 3 53.11 -1.35 -25.14
N ALA H 4 53.90 -2.15 -24.42
CA ALA H 4 53.67 -2.47 -22.99
C ALA H 4 53.70 -1.17 -22.18
N LEU H 5 52.76 -1.01 -21.25
CA LEU H 5 52.85 0.01 -20.16
C LEU H 5 54.09 -0.33 -19.34
N PRO H 6 55.01 0.63 -19.07
CA PRO H 6 56.11 0.38 -18.15
C PRO H 6 55.55 0.06 -16.78
N PRO H 7 56.12 -0.91 -16.04
CA PRO H 7 55.55 -1.33 -14.76
C PRO H 7 55.50 -0.13 -13.80
N GLY H 8 56.52 0.74 -13.83
CA GLY H 8 56.74 1.76 -12.79
C GLY H 8 57.37 1.13 -11.54
N PRO H 9 57.33 1.81 -10.38
CA PRO H 9 57.94 1.29 -9.16
C PRO H 9 57.32 -0.05 -8.74
N MET H 10 58.16 -1.02 -8.35
CA MET H 10 57.69 -2.30 -7.76
C MET H 10 56.89 -1.96 -6.51
N GLN H 11 55.69 -2.55 -6.36
CA GLN H 11 54.76 -2.26 -5.24
C GLN H 11 54.89 -3.34 -4.14
N THR H 12 55.22 -4.58 -4.52
CA THR H 12 55.50 -5.69 -3.56
C THR H 12 56.87 -6.31 -3.85
N LEU H 13 57.73 -6.39 -2.84
CA LEU H 13 58.97 -7.20 -2.86
C LEU H 13 58.65 -8.53 -2.19
N ILE H 14 58.69 -9.62 -2.94
CA ILE H 14 58.47 -10.98 -2.38
C ILE H 14 59.85 -11.62 -2.16
N PHE H 15 60.32 -11.59 -0.93
CA PHE H 15 61.57 -12.29 -0.53
C PHE H 15 61.30 -13.78 -0.65
N PHE H 16 62.19 -14.49 -1.33
CA PHE H 16 61.90 -15.83 -1.89
C PHE H 16 63.14 -16.72 -1.74
N ASP H 17 62.94 -17.91 -1.23
CA ASP H 17 63.95 -18.99 -1.25
C ASP H 17 63.26 -20.35 -1.38
N MET H 18 63.92 -21.24 -2.12
CA MET H 18 63.61 -22.68 -2.14
C MET H 18 64.90 -23.43 -1.77
N GLU H 19 64.72 -24.60 -1.18
CA GLU H 19 65.77 -25.63 -0.98
C GLU H 19 65.41 -26.80 -1.91
N ALA H 20 66.39 -27.62 -2.25
CA ALA H 20 66.27 -28.66 -3.28
C ALA H 20 66.98 -29.95 -2.83
N THR H 21 66.85 -31.00 -3.64
CA THR H 21 67.43 -32.34 -3.40
C THR H 21 68.95 -32.31 -3.59
N GLY H 22 69.48 -31.29 -4.24
CA GLY H 22 70.90 -31.22 -4.59
C GLY H 22 71.18 -30.06 -5.52
N LEU H 23 72.32 -30.10 -6.20
CA LEU H 23 72.86 -28.94 -6.95
C LEU H 23 72.34 -29.02 -8.36
N PRO H 24 72.42 -27.91 -9.14
CA PRO H 24 71.80 -27.86 -10.47
C PRO H 24 72.17 -29.00 -11.44
N PHE H 25 73.41 -29.50 -11.42
CA PHE H 25 73.89 -30.58 -12.33
C PHE H 25 73.05 -31.85 -12.11
N SER H 26 72.60 -32.09 -10.87
CA SER H 26 71.81 -33.30 -10.48
C SER H 26 70.37 -33.24 -11.02
N GLN H 27 70.00 -32.14 -11.70
CA GLN H 27 68.59 -31.86 -12.09
C GLN H 27 67.73 -31.96 -10.82
N PRO H 28 67.95 -31.06 -9.84
CA PRO H 28 67.32 -31.20 -8.53
C PRO H 28 65.82 -30.86 -8.55
N LYS H 29 65.10 -31.29 -7.50
CA LYS H 29 63.65 -31.01 -7.30
C LYS H 29 63.47 -30.24 -5.98
N VAL H 30 62.42 -29.41 -5.91
CA VAL H 30 62.13 -28.55 -4.72
C VAL H 30 61.77 -29.44 -3.54
N THR H 31 62.34 -29.17 -2.37
CA THR H 31 61.92 -29.79 -1.08
C THR H 31 61.18 -28.75 -0.20
N GLU H 32 61.43 -27.46 -0.40
CA GLU H 32 60.94 -26.40 0.53
C GLU H 32 60.91 -25.06 -0.20
N LEU H 33 59.93 -24.22 0.13
CA LEU H 33 59.81 -22.87 -0.47
C LEU H 33 59.20 -21.94 0.57
N CYS H 34 59.66 -20.71 0.57
CA CYS H 34 59.14 -19.62 1.42
C CYS H 34 59.01 -18.36 0.57
N LEU H 35 57.84 -17.74 0.62
CA LEU H 35 57.58 -16.39 0.06
C LEU H 35 57.25 -15.46 1.23
N LEU H 36 57.89 -14.29 1.26
CA LEU H 36 57.57 -13.24 2.26
C LEU H 36 57.35 -11.92 1.51
N ALA H 37 56.09 -11.51 1.45
CA ALA H 37 55.60 -10.36 0.68
C ALA H 37 55.59 -9.14 1.60
N VAL H 38 56.41 -8.17 1.24
CA VAL H 38 56.57 -6.87 1.93
C VAL H 38 56.13 -5.78 0.95
N HIS H 39 55.21 -4.92 1.37
CA HIS H 39 54.83 -3.70 0.62
C HIS H 39 56.00 -2.73 0.59
N ARG H 40 56.08 -1.98 -0.51
CA ARG H 40 57.11 -0.94 -0.79
C ARG H 40 57.31 -0.01 0.41
N CYS H 41 56.24 0.41 1.09
CA CYS H 41 56.30 1.44 2.15
C CYS H 41 57.07 0.89 3.38
N ALA H 42 57.13 -0.42 3.58
CA ALA H 42 57.85 -1.05 4.71
C ALA H 42 59.35 -0.78 4.59
N LEU H 43 59.84 -0.61 3.35
CA LEU H 43 61.27 -0.27 3.06
C LEU H 43 61.42 1.24 2.85
N GLU H 44 60.43 1.87 2.20
CA GLU H 44 60.51 3.30 1.80
C GLU H 44 60.28 4.18 3.04
N SER H 45 59.57 3.66 4.06
CA SER H 45 59.09 4.43 5.25
C SER H 45 58.99 3.53 6.48
N PRO H 46 60.12 2.94 6.95
CA PRO H 46 60.10 1.93 8.02
C PRO H 46 59.03 2.15 9.11
N PRO H 53 67.61 1.62 19.17
CA PRO H 53 67.56 0.64 18.07
C PRO H 53 68.18 -0.71 18.45
N PRO H 54 67.66 -1.85 17.92
CA PRO H 54 68.31 -3.15 18.09
C PRO H 54 69.47 -3.34 17.10
N THR H 55 70.30 -4.37 17.31
CA THR H 55 71.41 -4.77 16.39
C THR H 55 70.79 -5.14 15.04
N VAL H 56 69.84 -6.08 15.04
CA VAL H 56 69.09 -6.56 13.83
C VAL H 56 67.76 -5.84 13.77
N PRO H 57 67.41 -5.13 12.68
CA PRO H 57 66.11 -4.46 12.60
C PRO H 57 64.98 -5.49 12.67
N PRO H 58 63.86 -5.18 13.33
CA PRO H 58 62.71 -6.09 13.35
C PRO H 58 62.08 -6.23 11.95
N PRO H 59 61.42 -7.36 11.66
CA PRO H 59 60.64 -7.49 10.42
C PRO H 59 59.47 -6.52 10.47
N PRO H 60 58.99 -5.98 9.32
CA PRO H 60 57.80 -5.14 9.32
C PRO H 60 56.63 -5.89 9.98
N ARG H 61 55.77 -5.17 10.71
CA ARG H 61 54.59 -5.76 11.38
C ARG H 61 53.67 -6.40 10.32
N VAL H 62 53.48 -5.71 9.21
CA VAL H 62 52.53 -6.10 8.14
C VAL H 62 53.30 -6.84 7.04
N VAL H 63 53.17 -8.16 7.00
CA VAL H 63 53.80 -9.03 5.97
C VAL H 63 52.85 -10.19 5.72
N ASP H 64 52.93 -10.74 4.52
CA ASP H 64 52.29 -12.02 4.17
C ASP H 64 53.42 -13.04 4.04
N LYS H 65 53.23 -14.24 4.56
CA LYS H 65 54.29 -15.28 4.56
C LYS H 65 53.66 -16.61 4.17
N LEU H 66 54.31 -17.35 3.26
CA LEU H 66 53.93 -18.74 2.90
C LEU H 66 55.19 -19.61 2.92
N SER H 67 55.21 -20.66 3.74
CA SER H 67 56.31 -21.65 3.85
C SER H 67 55.71 -23.03 3.64
N LEU H 68 56.18 -23.78 2.65
CA LEU H 68 55.63 -25.12 2.30
C LEU H 68 56.79 -26.10 2.11
N CYS H 69 56.63 -27.31 2.59
CA CYS H 69 57.53 -28.46 2.27
C CYS H 69 56.91 -29.25 1.11
N VAL H 70 57.77 -29.81 0.26
CA VAL H 70 57.39 -30.44 -1.03
C VAL H 70 58.03 -31.83 -1.09
N ALA H 71 57.25 -32.86 -1.43
CA ALA H 71 57.75 -34.21 -1.78
C ALA H 71 58.48 -34.11 -3.13
N PRO H 72 59.81 -34.33 -3.17
CA PRO H 72 60.58 -34.08 -4.39
C PRO H 72 60.49 -35.19 -5.45
N GLY H 73 60.15 -36.41 -5.04
CA GLY H 73 59.97 -37.56 -5.96
C GLY H 73 61.29 -38.21 -6.33
N LYS H 74 62.36 -37.89 -5.61
CA LYS H 74 63.71 -38.50 -5.76
C LYS H 74 64.48 -38.28 -4.46
N ALA H 75 65.55 -39.04 -4.24
CA ALA H 75 66.42 -38.96 -3.04
C ALA H 75 67.10 -37.59 -3.01
N CYS H 76 67.25 -37.02 -1.83
CA CYS H 76 68.17 -35.88 -1.57
C CYS H 76 69.61 -36.40 -1.51
N SER H 77 70.58 -35.62 -2.00
CA SER H 77 72.03 -35.88 -1.79
C SER H 77 72.32 -35.77 -0.29
N PRO H 78 73.33 -36.51 0.24
CA PRO H 78 73.61 -36.48 1.66
C PRO H 78 73.96 -35.05 2.14
N ALA H 79 74.71 -34.28 1.35
CA ALA H 79 75.08 -32.89 1.71
C ALA H 79 73.80 -32.06 1.89
N ALA H 80 72.89 -32.14 0.91
CA ALA H 80 71.66 -31.32 0.82
C ALA H 80 70.80 -31.61 2.05
N SER H 81 70.66 -32.90 2.37
CA SER H 81 69.97 -33.44 3.57
C SER H 81 70.56 -32.84 4.84
N GLU H 82 71.88 -32.89 5.00
CA GLU H 82 72.59 -32.45 6.23
C GLU H 82 72.48 -30.92 6.37
N ILE H 83 72.58 -30.21 5.26
CA ILE H 83 72.55 -28.71 5.18
C ILE H 83 71.15 -28.23 5.61
N THR H 84 70.11 -28.83 5.04
CA THR H 84 68.70 -28.36 5.12
C THR H 84 67.94 -29.03 6.27
N GLY H 85 68.41 -30.17 6.76
CA GLY H 85 67.69 -30.99 7.76
C GLY H 85 66.43 -31.63 7.17
N LEU H 86 66.34 -31.74 5.84
CA LEU H 86 65.22 -32.41 5.14
C LEU H 86 65.76 -33.66 4.43
N SER H 87 64.91 -34.67 4.31
CA SER H 87 65.18 -35.92 3.53
C SER H 87 63.87 -36.38 2.89
N THR H 88 63.95 -37.05 1.74
CA THR H 88 62.77 -37.52 0.99
C THR H 88 61.91 -38.42 1.90
N ALA H 89 62.56 -39.30 2.67
CA ALA H 89 61.91 -40.26 3.60
C ALA H 89 61.11 -39.52 4.68
N VAL H 90 61.70 -38.51 5.33
CA VAL H 90 61.04 -37.72 6.42
C VAL H 90 59.87 -36.94 5.80
N LEU H 91 60.05 -36.34 4.63
CA LEU H 91 58.98 -35.60 3.92
C LEU H 91 57.81 -36.55 3.62
N ALA H 92 58.07 -37.80 3.20
CA ALA H 92 57.03 -38.84 2.98
C ALA H 92 56.32 -39.17 4.29
N ALA H 93 57.05 -39.31 5.39
CA ALA H 93 56.52 -39.61 6.74
C ALA H 93 55.59 -38.48 7.20
N HIS H 94 55.78 -37.27 6.69
CA HIS H 94 54.97 -36.07 7.02
C HIS H 94 53.86 -35.88 5.99
N GLY H 95 53.66 -36.86 5.09
CA GLY H 95 52.60 -36.87 4.08
C GLY H 95 52.66 -35.68 3.14
N ARG H 96 53.85 -35.19 2.77
CA ARG H 96 54.01 -34.03 1.85
C ARG H 96 53.61 -34.46 0.43
N GLN H 97 52.95 -33.58 -0.32
CA GLN H 97 52.57 -33.83 -1.74
C GLN H 97 53.64 -33.22 -2.65
N CYS H 98 53.77 -33.73 -3.87
CA CYS H 98 54.74 -33.23 -4.87
C CYS H 98 54.31 -31.82 -5.32
N PHE H 99 55.20 -31.14 -6.04
CA PHE H 99 54.89 -29.93 -6.83
C PHE H 99 53.81 -30.27 -7.86
N ASP H 100 52.55 -29.88 -7.58
CA ASP H 100 51.36 -30.22 -8.41
C ASP H 100 50.66 -28.91 -8.82
N ASP H 101 49.56 -29.03 -9.58
CA ASP H 101 48.74 -27.88 -10.04
C ASP H 101 48.29 -27.05 -8.84
N ASN H 102 47.78 -27.73 -7.80
CA ASN H 102 47.25 -27.07 -6.57
C ASN H 102 48.36 -26.19 -5.95
N LEU H 103 49.61 -26.64 -5.92
CA LEU H 103 50.72 -25.80 -5.38
C LEU H 103 50.92 -24.56 -6.28
N ALA H 104 50.86 -24.72 -7.61
CA ALA H 104 51.00 -23.59 -8.55
C ALA H 104 49.85 -22.61 -8.29
N ASN H 105 48.63 -23.12 -8.12
CA ASN H 105 47.42 -22.31 -7.82
C ASN H 105 47.63 -21.56 -6.51
N LEU H 106 48.07 -22.27 -5.46
CA LEU H 106 48.33 -21.70 -4.11
C LEU H 106 49.27 -20.49 -4.24
N LEU H 107 50.40 -20.62 -4.95
CA LEU H 107 51.41 -19.54 -5.12
C LEU H 107 50.77 -18.35 -5.82
N LEU H 108 50.00 -18.55 -6.90
CA LEU H 108 49.33 -17.44 -7.64
C LEU H 108 48.25 -16.78 -6.75
N ALA H 109 47.50 -17.55 -5.95
CA ALA H 109 46.47 -17.01 -5.03
C ALA H 109 47.15 -16.09 -4.00
N PHE H 110 48.34 -16.47 -3.55
CA PHE H 110 49.17 -15.70 -2.58
C PHE H 110 49.68 -14.41 -3.24
N LEU H 111 50.28 -14.52 -4.43
CA LEU H 111 50.81 -13.32 -5.15
C LEU H 111 49.66 -12.36 -5.45
N ARG H 112 48.45 -12.87 -5.68
CA ARG H 112 47.30 -12.02 -6.06
C ARG H 112 46.77 -11.23 -4.85
N ARG H 113 47.16 -11.58 -3.61
CA ARG H 113 46.84 -10.77 -2.40
C ARG H 113 47.73 -9.52 -2.36
N GLN H 114 48.76 -9.44 -3.20
CA GLN H 114 49.76 -8.36 -3.16
C GLN H 114 49.49 -7.41 -4.33
N PRO H 115 49.68 -6.08 -4.15
CA PRO H 115 49.64 -5.14 -5.26
C PRO H 115 50.82 -5.27 -6.23
N GLN H 116 50.52 -5.23 -7.52
CA GLN H 116 51.50 -5.32 -8.63
C GLN H 116 52.05 -3.94 -8.90
N PRO H 117 53.23 -3.80 -9.55
CA PRO H 117 54.07 -4.94 -9.94
C PRO H 117 54.67 -5.74 -8.78
N TRP H 118 54.73 -7.07 -8.94
CA TRP H 118 55.41 -8.03 -8.02
C TRP H 118 56.87 -8.15 -8.42
N CYS H 119 57.79 -8.10 -7.45
CA CYS H 119 59.21 -8.41 -7.68
C CYS H 119 59.70 -9.48 -6.70
N LEU H 120 59.97 -10.67 -7.20
CA LEU H 120 60.67 -11.75 -6.46
C LEU H 120 62.12 -11.31 -6.20
N VAL H 121 62.57 -11.41 -4.96
CA VAL H 121 63.97 -11.13 -4.54
C VAL H 121 64.52 -12.40 -3.89
N ALA H 122 65.54 -13.00 -4.50
CA ALA H 122 66.15 -14.27 -4.07
C ALA H 122 67.67 -14.17 -4.12
N HIS H 123 68.32 -14.63 -3.07
CA HIS H 123 69.80 -14.68 -2.98
C HIS H 123 70.28 -15.87 -3.80
N ASN H 124 71.06 -15.61 -4.86
CA ASN H 124 71.50 -16.61 -5.86
C ASN H 124 70.29 -17.11 -6.66
N GLY H 125 69.27 -16.26 -6.84
CA GLY H 125 68.05 -16.61 -7.57
C GLY H 125 68.34 -17.04 -9.00
N ASP H 126 69.26 -16.34 -9.68
CA ASP H 126 69.58 -16.58 -11.12
C ASP H 126 70.14 -18.00 -11.34
N ARG H 127 70.96 -18.51 -10.42
CA ARG H 127 71.63 -19.85 -10.54
C ARG H 127 70.72 -20.94 -9.96
N TYR H 128 69.93 -20.62 -8.93
CA TYR H 128 69.22 -21.62 -8.09
C TYR H 128 67.70 -21.45 -8.23
N ASP H 129 67.11 -20.52 -7.48
CA ASP H 129 65.67 -20.56 -7.14
C ASP H 129 64.84 -20.18 -8.38
N PHE H 130 65.26 -19.18 -9.15
CA PHE H 130 64.50 -18.74 -10.34
C PHE H 130 64.41 -19.89 -11.35
N PRO H 131 65.54 -20.42 -11.88
CA PRO H 131 65.47 -21.47 -12.90
C PRO H 131 64.84 -22.78 -12.39
N LEU H 132 65.03 -23.15 -11.12
CA LEU H 132 64.35 -24.34 -10.57
C LEU H 132 62.84 -24.14 -10.58
N LEU H 133 62.35 -22.97 -10.15
CA LEU H 133 60.89 -22.67 -10.13
C LEU H 133 60.33 -22.79 -11.56
N GLN H 134 60.98 -22.18 -12.55
CA GLN H 134 60.55 -22.24 -13.98
C GLN H 134 60.54 -23.70 -14.47
N ALA H 135 61.52 -24.52 -14.03
CA ALA H 135 61.62 -25.96 -14.35
C ALA H 135 60.41 -26.71 -13.78
N GLU H 136 60.06 -26.47 -12.51
CA GLU H 136 58.93 -27.15 -11.83
C GLU H 136 57.63 -26.77 -12.54
N LEU H 137 57.47 -25.49 -12.87
CA LEU H 137 56.29 -24.96 -13.60
C LEU H 137 56.23 -25.61 -14.99
N ALA H 138 57.37 -25.65 -15.71
CA ALA H 138 57.47 -26.23 -17.08
C ALA H 138 57.00 -27.69 -17.06
N MET H 139 57.40 -28.47 -16.05
CA MET H 139 57.12 -29.92 -15.95
C MET H 139 55.62 -30.19 -15.68
N LEU H 140 54.87 -29.15 -15.27
CA LEU H 140 53.39 -29.23 -15.06
C LEU H 140 52.64 -28.75 -16.32
N GLY H 141 53.37 -28.17 -17.28
CA GLY H 141 52.81 -27.51 -18.47
C GLY H 141 52.35 -26.09 -18.16
N LEU H 142 52.85 -25.47 -17.09
CA LEU H 142 52.37 -24.16 -16.60
C LEU H 142 53.47 -23.10 -16.75
N THR H 143 54.11 -23.02 -17.94
CA THR H 143 55.31 -22.18 -18.21
C THR H 143 54.98 -20.69 -18.10
N SER H 144 53.72 -20.30 -18.23
CA SER H 144 53.25 -18.90 -18.25
C SER H 144 52.83 -18.42 -16.85
N ALA H 145 52.87 -19.29 -15.84
CA ALA H 145 52.23 -19.04 -14.53
C ALA H 145 52.66 -17.69 -13.95
N LEU H 146 53.93 -17.30 -14.08
CA LEU H 146 54.52 -16.12 -13.41
C LEU H 146 55.11 -15.12 -14.42
N ASP H 147 54.68 -15.13 -15.69
CA ASP H 147 55.25 -14.20 -16.71
C ASP H 147 54.87 -12.74 -16.40
N GLY H 148 53.86 -12.54 -15.54
CA GLY H 148 53.44 -11.21 -15.05
C GLY H 148 54.34 -10.69 -13.94
N ALA H 149 55.12 -11.56 -13.30
CA ALA H 149 56.01 -11.22 -12.16
C ALA H 149 57.32 -10.65 -12.68
N PHE H 150 58.01 -9.88 -11.85
CA PHE H 150 59.40 -9.43 -12.07
C PHE H 150 60.30 -10.17 -11.08
N CYS H 151 61.62 -10.12 -11.27
CA CYS H 151 62.60 -10.72 -10.34
C CYS H 151 63.94 -9.99 -10.34
N VAL H 152 64.71 -10.26 -9.29
CA VAL H 152 65.99 -9.61 -8.93
C VAL H 152 66.75 -10.61 -8.08
N ASP H 153 68.03 -10.82 -8.38
CA ASP H 153 68.98 -11.63 -7.59
C ASP H 153 69.65 -10.68 -6.60
N SER H 154 69.45 -10.89 -5.29
CA SER H 154 69.98 -9.98 -4.25
C SER H 154 71.52 -10.03 -4.21
N ILE H 155 72.16 -11.09 -4.68
CA ILE H 155 73.65 -11.14 -4.79
C ILE H 155 74.11 -9.98 -5.68
N THR H 156 73.50 -9.81 -6.86
CA THR H 156 73.78 -8.72 -7.83
C THR H 156 73.54 -7.37 -7.16
N ALA H 157 72.43 -7.24 -6.42
CA ALA H 157 71.94 -5.98 -5.81
C ALA H 157 72.87 -5.53 -4.69
N LEU H 158 73.42 -6.47 -3.92
CA LEU H 158 74.24 -6.18 -2.72
C LEU H 158 75.70 -5.88 -3.13
N LYS H 159 76.17 -6.46 -4.24
CA LYS H 159 77.51 -6.18 -4.82
C LYS H 159 77.55 -4.77 -5.40
N ALA H 160 76.47 -4.33 -6.06
CA ALA H 160 76.33 -3.00 -6.70
C ALA H 160 76.15 -1.91 -5.63
N LEU H 161 75.85 -2.30 -4.39
CA LEU H 161 75.77 -1.36 -3.23
C LEU H 161 76.97 -1.60 -2.30
N GLU H 162 78.03 -2.25 -2.79
CA GLU H 162 79.26 -2.60 -2.02
C GLU H 162 80.50 -2.41 -2.91
N ARG H 173 88.42 -12.97 -1.95
CA ARG H 173 88.62 -13.31 -0.51
C ARG H 173 87.26 -13.56 0.16
N LYS H 174 86.31 -12.64 -0.04
CA LYS H 174 85.00 -12.58 0.69
C LYS H 174 83.98 -13.53 0.03
N SER H 175 83.35 -14.39 0.83
CA SER H 175 82.11 -15.13 0.47
C SER H 175 80.92 -14.15 0.47
N TYR H 176 80.21 -14.06 -0.65
CA TYR H 176 78.95 -13.27 -0.79
C TYR H 176 77.75 -14.19 -0.53
N SER H 177 77.96 -15.30 0.19
CA SER H 177 76.88 -16.18 0.70
C SER H 177 75.99 -15.36 1.65
N LEU H 178 74.74 -15.79 1.80
CA LEU H 178 73.72 -15.14 2.66
C LEU H 178 74.19 -15.09 4.13
N GLY H 179 74.71 -16.21 4.65
CA GLY H 179 75.27 -16.29 6.01
C GLY H 179 76.41 -15.31 6.22
N SER H 180 77.34 -15.24 5.26
CA SER H 180 78.57 -14.42 5.34
C SER H 180 78.19 -12.94 5.42
N ILE H 181 77.29 -12.49 4.53
CA ILE H 181 76.82 -11.08 4.46
C ILE H 181 76.17 -10.71 5.79
N TYR H 182 75.27 -11.57 6.29
CA TYR H 182 74.50 -11.35 7.54
C TYR H 182 75.49 -11.20 8.70
N THR H 183 76.36 -12.19 8.90
CA THR H 183 77.38 -12.24 9.99
C THR H 183 78.20 -10.93 9.97
N ARG H 184 78.52 -10.43 8.78
CA ARG H 184 79.35 -9.23 8.55
C ARG H 184 78.60 -7.98 9.04
N LEU H 185 77.29 -7.91 8.82
CA LEU H 185 76.44 -6.71 9.12
C LEU H 185 75.99 -6.74 10.58
N TYR H 186 75.66 -7.92 11.11
CA TYR H 186 74.92 -8.07 12.41
C TYR H 186 75.72 -8.90 13.43
N GLY H 187 76.86 -9.48 13.03
CA GLY H 187 77.87 -10.05 13.95
C GLY H 187 77.41 -11.35 14.60
N GLN H 188 76.67 -12.20 13.87
CA GLN H 188 76.31 -13.59 14.26
C GLN H 188 75.61 -14.28 13.07
N SER H 189 75.83 -15.57 12.88
CA SER H 189 75.18 -16.39 11.84
C SER H 189 73.67 -16.25 12.00
N PRO H 190 72.89 -16.16 10.90
CA PRO H 190 71.44 -15.96 11.02
C PRO H 190 70.77 -17.21 11.60
N PRO H 191 69.63 -17.06 12.30
CA PRO H 191 68.89 -18.21 12.81
C PRO H 191 68.33 -19.09 11.68
N ASP H 192 68.26 -20.41 11.92
CA ASP H 192 67.62 -21.40 11.02
C ASP H 192 68.23 -21.29 9.62
N SER H 193 69.57 -21.32 9.51
CA SER H 193 70.31 -21.25 8.22
C SER H 193 69.95 -22.46 7.35
N HIS H 194 69.98 -22.30 6.02
CA HIS H 194 69.73 -23.38 5.03
C HIS H 194 68.35 -24.00 5.28
N THR H 195 67.38 -23.20 5.74
CA THR H 195 65.95 -23.49 5.60
C THR H 195 65.34 -22.35 4.79
N ALA H 196 64.33 -22.65 3.97
CA ALA H 196 63.67 -21.65 3.10
C ALA H 196 63.28 -20.43 3.94
N GLU H 197 62.67 -20.63 5.11
CA GLU H 197 62.10 -19.52 5.91
C GLU H 197 63.24 -18.74 6.57
N GLY H 198 64.22 -19.45 7.16
CA GLY H 198 65.40 -18.82 7.78
C GLY H 198 66.14 -17.94 6.80
N ASP H 199 66.33 -18.41 5.57
CA ASP H 199 67.09 -17.70 4.52
C ASP H 199 66.30 -16.45 4.09
N VAL H 200 64.98 -16.54 3.94
CA VAL H 200 64.14 -15.37 3.55
C VAL H 200 64.17 -14.32 4.67
N LEU H 201 64.06 -14.75 5.94
CA LEU H 201 64.05 -13.81 7.09
C LEU H 201 65.42 -13.13 7.19
N ALA H 202 66.52 -13.84 6.93
CA ALA H 202 67.89 -13.28 6.88
C ALA H 202 68.04 -12.31 5.70
N LEU H 203 67.51 -12.64 4.54
CA LEU H 203 67.59 -11.72 3.37
C LEU H 203 66.84 -10.43 3.68
N LEU H 204 65.65 -10.54 4.26
CA LEU H 204 64.83 -9.36 4.66
C LEU H 204 65.67 -8.47 5.59
N SER H 205 66.30 -9.06 6.60
CA SER H 205 67.12 -8.32 7.59
C SER H 205 68.26 -7.59 6.87
N ILE H 206 68.92 -8.26 5.91
CA ILE H 206 70.01 -7.62 5.10
C ILE H 206 69.41 -6.46 4.31
N CYS H 207 68.27 -6.68 3.66
CA CYS H 207 67.64 -5.71 2.72
C CYS H 207 67.09 -4.50 3.51
N GLN H 208 66.84 -4.64 4.81
CA GLN H 208 66.38 -3.55 5.70
C GLN H 208 67.56 -2.67 6.15
N TRP H 209 68.80 -3.00 5.79
CA TRP H 209 70.02 -2.27 6.23
C TRP H 209 70.05 -0.88 5.58
N ARG H 210 70.13 -0.84 4.25
CA ARG H 210 70.02 0.38 3.41
C ARG H 210 68.79 0.23 2.50
N PRO H 211 67.57 0.31 3.08
CA PRO H 211 66.35 -0.10 2.37
C PRO H 211 66.06 0.78 1.16
N GLN H 212 66.15 2.11 1.34
CA GLN H 212 65.91 3.13 0.29
C GLN H 212 66.78 2.80 -0.91
N ALA H 213 68.07 2.48 -0.68
CA ALA H 213 69.09 2.22 -1.72
C ALA H 213 68.72 0.95 -2.49
N LEU H 214 68.36 -0.12 -1.77
CA LEU H 214 67.95 -1.41 -2.38
C LEU H 214 66.70 -1.21 -3.24
N LEU H 215 65.70 -0.48 -2.74
CA LEU H 215 64.42 -0.23 -3.46
C LEU H 215 64.73 0.42 -4.82
N ARG H 216 65.54 1.47 -4.82
CA ARG H 216 65.89 2.24 -6.06
C ARG H 216 66.65 1.32 -7.02
N TRP H 217 67.50 0.41 -6.53
CA TRP H 217 68.23 -0.56 -7.39
C TRP H 217 67.23 -1.52 -8.04
N VAL H 218 66.24 -1.99 -7.27
CA VAL H 218 65.24 -3.01 -7.70
C VAL H 218 64.35 -2.41 -8.80
N ASP H 219 63.87 -1.18 -8.62
CA ASP H 219 62.99 -0.46 -9.58
C ASP H 219 63.68 -0.40 -10.94
N ALA H 220 65.00 -0.13 -10.93
CA ALA H 220 65.83 0.05 -12.13
C ALA H 220 66.08 -1.29 -12.83
N HIS H 221 66.47 -2.32 -12.07
CA HIS H 221 67.10 -3.57 -12.59
C HIS H 221 66.12 -4.74 -12.64
N ALA H 222 64.90 -4.59 -12.11
CA ALA H 222 63.87 -5.65 -12.09
C ALA H 222 63.62 -6.16 -13.51
N ARG H 223 63.64 -7.47 -13.71
CA ARG H 223 63.51 -8.14 -15.04
C ARG H 223 62.23 -8.96 -15.05
N PRO H 224 61.50 -9.01 -16.18
CA PRO H 224 60.36 -9.92 -16.32
C PRO H 224 60.79 -11.36 -16.10
N PHE H 225 59.98 -12.15 -15.40
CA PHE H 225 60.33 -13.52 -14.95
C PHE H 225 60.44 -14.48 -16.15
N GLY H 226 59.79 -14.14 -17.28
CA GLY H 226 59.98 -14.84 -18.59
C GLY H 226 61.41 -14.79 -19.09
N THR H 227 62.21 -13.82 -18.62
CA THR H 227 63.67 -13.71 -18.89
C THR H 227 64.42 -14.96 -18.37
N ILE H 228 63.85 -15.66 -17.38
CA ILE H 228 64.49 -16.83 -16.70
C ILE H 228 64.09 -18.12 -17.44
N ARG H 229 65.10 -18.83 -17.97
CA ARG H 229 64.95 -20.15 -18.64
C ARG H 229 64.89 -21.24 -17.56
N PRO H 230 64.03 -22.28 -17.71
CA PRO H 230 63.97 -23.38 -16.74
C PRO H 230 65.29 -24.16 -16.66
N MET H 231 65.71 -24.53 -15.45
CA MET H 231 67.04 -25.13 -15.15
C MET H 231 67.31 -26.31 -16.11
N TYR H 232 66.29 -27.14 -16.35
CA TYR H 232 66.32 -28.30 -17.27
C TYR H 232 64.92 -28.51 -17.85
C8 A1ACJ I . -34.93 3.06 -20.37
C5 A1ACJ I . -32.35 4.21 -22.07
C6 A1ACJ I . -33.57 4.50 -22.86
N1 A1ACJ I . -30.98 9.30 -16.73
C2 A1ACJ I . -32.60 8.82 -18.18
N2 A1ACJ I . -32.05 5.08 -21.11
N3 A1ACJ I . -31.63 3.07 -22.31
C4 A1ACJ I . -30.97 4.79 -20.31
O5 A1ACJ I . -29.74 1.79 -21.82
C15 A1ACJ I . -30.47 2.76 -21.56
C14 A1ACJ I . -30.18 3.70 -20.50
O4 A1ACJ I . -29.07 3.45 -19.87
C A1ACJ I . -30.68 5.81 -19.27
N A1ACJ I . -31.68 6.71 -19.09
C1 A1ACJ I . -31.70 7.81 -18.22
C3 A1ACJ I . -30.72 8.16 -17.29
O1 A1ACJ I . -32.19 9.73 -17.30
O A1ACJ I . -29.59 5.92 -18.71
C16 A1ACJ I . -32.05 2.10 -23.33
C13 A1ACJ I . -33.48 4.73 -24.24
C12 A1ACJ I . -34.63 4.98 -24.98
C11 A1ACJ I . -35.87 5.04 -24.36
C10 A1ACJ I . -35.95 4.82 -22.99
BR A1ACJ I . -37.63 4.92 -22.12
C7 A1ACJ I . -34.81 4.55 -22.24
O2 A1ACJ I . -34.93 4.39 -20.87
C9 A1ACJ I . -34.84 3.14 -18.86
O3 A1ACJ I . -33.54 3.62 -18.42
C1 GOL J . -41.29 7.41 -21.17
O1 GOL J . -40.21 6.49 -21.19
C2 GOL J . -41.25 8.23 -19.91
O2 GOL J . -40.31 9.26 -20.14
C3 GOL J . -42.59 8.79 -19.48
O3 GOL J . -42.83 8.53 -18.10
MG MG K . -28.40 1.48 -20.25
MG MG L . -27.99 4.70 -18.58
UNK UNX M . -30.56 10.70 -26.18
UNK UNX N . -5.49 1.02 -29.81
C8 A1ACJ O . -7.10 -21.16 -4.52
C5 A1ACJ O . -9.83 -22.81 -3.51
C6 A1ACJ O . -8.72 -23.78 -3.64
N1 A1ACJ O . -9.79 -18.88 2.96
C2 A1ACJ O . -8.42 -20.25 1.87
N2 A1ACJ O . -9.88 -22.11 -2.39
N3 A1ACJ O . -10.75 -22.69 -4.53
C4 A1ACJ O . -10.90 -21.21 -2.25
O5 A1ACJ O . -12.64 -21.68 -5.35
C15 A1ACJ O . -11.82 -21.80 -4.43
C14 A1ACJ O . -11.86 -21.04 -3.18
O4 A1ACJ O . -12.90 -20.22 -3.09
C A1ACJ O . -10.87 -20.43 -0.95
N A1ACJ O . -9.74 -20.60 -0.20
C1 A1ACJ O . -9.47 -20.05 1.07
C3 A1ACJ O . -10.30 -19.19 1.79
O1 A1ACJ O . -8.57 -19.56 3.00
O A1ACJ O . -11.79 -19.71 -0.60
C16 A1ACJ O . -10.64 -23.48 -5.77
C13 A1ACJ O . -9.03 -25.14 -3.71
C12 A1ACJ O . -8.00 -26.07 -3.78
C11 A1ACJ O . -6.68 -25.67 -3.77
C10 A1ACJ O . -6.38 -24.32 -3.68
BR A1ACJ O . -4.57 -23.77 -3.63
C7 A1ACJ O . -7.39 -23.36 -3.60
O2 A1ACJ O . -7.06 -22.03 -3.40
C9 A1ACJ O . -6.96 -19.75 -4.01
O3 A1ACJ O . -8.12 -19.31 -3.31
MG MG P . -13.61 -19.23 -1.44
MG MG Q . -13.90 -20.09 -4.94
UNK UNX R . -37.82 -26.88 -3.81
C8 A1ACJ S . 39.04 5.92 -23.24
C5 A1ACJ S . 36.78 5.61 -25.58
C6 A1ACJ S . 38.12 5.66 -26.22
N1 A1ACJ S . 35.07 -1.19 -23.03
C2 A1ACJ S . 36.80 -0.08 -23.90
N2 A1ACJ S . 36.36 4.44 -25.18
N3 A1ACJ S . 36.07 6.78 -25.43
C4 A1ACJ S . 35.14 4.39 -24.53
O5 A1ACJ S . 34.16 7.82 -24.69
C15 A1ACJ S . 34.80 6.77 -24.81
C14 A1ACJ S . 34.35 5.48 -24.34
O4 A1ACJ S . 33.10 5.46 -23.80
C A1ACJ S . 34.77 3.05 -24.03
N A1ACJ S . 35.80 2.16 -24.08
C1 A1ACJ S . 35.80 0.81 -23.72
C3 A1ACJ S . 34.76 0.06 -23.16
O1 A1ACJ S . 36.38 -1.29 -23.51
O A1ACJ S . 33.65 2.74 -23.68
C16 A1ACJ S . 36.59 8.07 -25.88
C13 A1ACJ S . 38.25 6.05 -27.55
C12 A1ACJ S . 39.49 6.07 -28.16
C11 A1ACJ S . 40.63 5.71 -27.45
C10 A1ACJ S . 40.50 5.32 -26.13
BR A1ACJ S . 42.06 4.81 -25.16
C7 A1ACJ S . 39.27 5.30 -25.50
O2 A1ACJ S . 39.16 4.87 -24.20
C9 A1ACJ S . 38.85 5.25 -21.91
O3 A1ACJ S . 37.57 4.66 -21.82
MG MG T . 32.49 7.44 -23.49
MG MG U . 31.94 3.81 -23.31
O1 PG4 V . 47.15 -0.07 -21.96
C1 PG4 V . 45.86 -0.31 -22.50
C2 PG4 V . 45.82 -0.12 -23.99
O2 PG4 V . 44.64 0.60 -24.36
C3 PG4 V . 44.81 1.37 -25.54
C4 PG4 V . 45.22 2.78 -25.20
O3 PG4 V . 45.95 3.35 -26.29
C5 PG4 V . 45.12 3.80 -27.35
C6 PG4 V . 45.76 4.95 -28.06
O4 PG4 V . 44.78 5.89 -28.48
C7 PG4 V . 45.29 7.21 -28.59
C8 PG4 V . 44.18 8.21 -28.46
O5 PG4 V . 44.66 9.50 -28.07
C1 PEG W . 35.95 -0.44 -31.71
O1 PEG W . 36.02 0.99 -31.78
C2 PEG W . 37.28 -1.10 -31.43
O2 PEG W . 37.13 -2.52 -31.32
C3 PEG W . 37.97 -3.09 -30.31
C4 PEG W . 39.42 -3.08 -30.73
O4 PEG W . 40.31 -3.52 -29.70
C8 A1ACJ X . 8.68 23.21 -3.72
C5 A1ACJ X . 11.22 24.22 -1.92
C6 A1ACJ X . 10.14 25.25 -1.80
N1 A1ACJ X . 10.37 18.26 2.62
C2 A1ACJ X . 9.12 19.96 1.91
N2 A1ACJ X . 11.10 23.16 -1.17
N3 A1ACJ X . 12.26 24.45 -2.78
C4 A1ACJ X . 12.11 22.22 -1.22
O5 A1ACJ X . 14.28 23.76 -3.58
C15 A1ACJ X . 13.33 23.54 -2.85
C14 A1ACJ X . 13.21 22.37 -2.00
O4 A1ACJ X . 14.25 21.54 -2.02
C A1ACJ X . 11.93 21.05 -0.31
N A1ACJ X . 10.68 20.97 0.27
C1 A1ACJ X . 10.25 20.00 1.19
C3 A1ACJ X . 10.99 18.91 1.67
O1 A1ACJ X . 9.15 18.93 2.77
O A1ACJ X . 12.82 20.25 -0.08
C16 A1ACJ X . 12.29 25.59 -3.70
C13 A1ACJ X . 10.42 26.54 -1.35
C12 A1ACJ X . 9.40 27.47 -1.19
C11 A1ACJ X . 8.10 27.12 -1.49
C10 A1ACJ X . 7.81 25.84 -1.94
BR A1ACJ X . 6.04 25.34 -2.35
C7 A1ACJ X . 8.82 24.90 -2.07
O2 A1ACJ X . 8.48 23.59 -2.35
C9 A1ACJ X . 8.50 21.71 -3.80
O3 A1ACJ X . 9.57 21.01 -3.18
MG MG Y . 15.47 22.06 -3.70
MG MG Z . 14.75 20.02 -0.72
C8 A1ACJ AA . -44.99 -0.31 23.75
C5 A1ACJ AA . -44.91 1.66 26.31
C6 A1ACJ AA . -44.56 0.32 26.81
N1 A1ACJ AA . -39.04 5.25 23.35
C2 A1ACJ AA . -39.55 3.25 24.17
N2 A1ACJ AA . -43.96 2.36 25.75
N3 A1ACJ AA . -46.22 2.11 26.42
C4 A1ACJ AA . -44.26 3.58 25.24
O5 A1ACJ AA . -47.77 3.75 25.94
C15 A1ACJ AA . -46.59 3.36 25.91
C14 A1ACJ AA . -45.51 4.12 25.29
O4 A1ACJ AA . -45.82 5.38 24.91
C A1ACJ AA . -43.10 4.32 24.69
N A1ACJ AA . -41.96 3.57 24.55
C1 A1ACJ AA . -40.69 3.95 24.10
C3 A1ACJ AA . -40.31 5.20 23.59
O1 A1ACJ AA . -38.53 3.99 23.73
O A1ACJ AA . -43.14 5.51 24.45
C16 A1ACJ AA . -47.28 1.23 26.94
C13 A1ACJ AA . -44.69 0.02 28.18
C12 A1ACJ AA . -44.41 -1.25 28.65
C11 A1ACJ AA . -43.97 -2.24 27.79
C10 A1ACJ AA . -43.80 -1.93 26.44
BR A1ACJ AA . -43.01 -3.20 25.29
C7 A1ACJ AA . -44.10 -0.67 25.95
O2 A1ACJ AA . -43.85 -0.38 24.60
C9 A1ACJ AA . -44.54 0.25 22.41
O3 A1ACJ AA . -44.31 1.67 22.45
MG MG BA . -47.94 5.52 24.80
MG MG CA . -44.51 7.02 24.49
O1 PG4 DA . -35.09 -7.24 21.99
C1 PG4 DA . -36.40 -6.67 21.72
C2 PG4 DA . -37.26 -6.58 22.94
O2 PG4 DA . -37.72 -5.23 23.15
C3 PG4 DA . -38.31 -5.06 24.43
C4 PG4 DA . -39.78 -4.80 24.31
O3 PG4 DA . -40.56 -5.88 24.81
C5 PG4 DA . -40.20 -6.30 26.13
C6 PG4 DA . -41.27 -7.19 26.70
O4 PG4 DA . -41.72 -6.64 27.94
C7 PG4 DA . -43.04 -7.02 28.34
C8 PG4 DA . -43.70 -5.85 29.00
O5 PG4 DA . -45.10 -5.83 28.81
C8 A1ACJ EA . -70.71 26.27 8.88
C5 A1ACJ EA . -71.35 23.67 6.85
C6 A1ACJ EA . -72.56 24.49 6.97
N1 A1ACJ EA . -66.27 26.26 1.91
C2 A1ACJ EA . -68.10 27.03 2.92
N2 A1ACJ EA . -70.44 24.07 6.00
N3 A1ACJ EA . -71.22 22.51 7.60
C4 A1ACJ EA . -69.29 23.31 5.85
O5 A1ACJ EA . -69.97 20.70 8.15
C15 A1ACJ EA . -70.10 21.70 7.48
C14 A1ACJ EA . -69.09 22.16 6.53
O4 A1ACJ EA . -67.99 21.39 6.47
C A1ACJ EA . -68.29 23.87 4.87
N A1ACJ EA . -68.57 25.13 4.42
C1 A1ACJ EA . -67.81 25.84 3.48
C3 A1ACJ EA . -66.65 25.41 2.83
O1 A1ACJ EA . -67.21 27.31 1.97
O A1ACJ EA . -67.29 23.27 4.54
C16 A1ACJ EA . -72.24 22.12 8.59
C13 A1ACJ EA . -73.78 23.95 6.58
C12 A1ACJ EA . -74.93 24.74 6.57
C11 A1ACJ EA . -74.86 26.06 6.99
C10 A1ACJ EA . -73.66 26.59 7.38
BR A1ACJ EA . -73.54 28.41 7.95
C7 A1ACJ EA . -72.51 25.83 7.37
O2 A1ACJ EA . -71.29 26.45 7.59
C9 A1ACJ EA . -69.27 26.71 8.75
O3 A1ACJ EA . -68.49 25.78 8.00
MG MG FA . -68.02 19.97 8.02
MG MG GA . -66.48 21.49 5.07
UNK UNX HA . -68.01 -3.23 -0.73
C8 A1ACJ IA . 42.45 -8.05 19.82
C5 A1ACJ IA . 42.09 -11.07 21.32
C6 A1ACJ IA . 41.63 -10.04 22.26
N1 A1ACJ IA . 36.91 -13.00 16.23
C2 A1ACJ IA . 37.15 -11.57 17.91
N2 A1ACJ IA . 41.21 -11.51 20.44
N3 A1ACJ IA . 43.39 -11.51 21.38
C4 A1ACJ IA . 41.63 -12.45 19.54
O5 A1ACJ IA . 45.00 -12.96 20.63
C15 A1ACJ IA . 43.86 -12.49 20.52
C14 A1ACJ IA . 42.90 -12.96 19.55
O4 A1ACJ IA . 43.33 -13.89 18.74
C A1ACJ IA . 40.59 -12.88 18.55
N A1ACJ IA . 39.44 -12.13 18.61
C1 A1ACJ IA . 38.29 -12.26 17.82
C3 A1ACJ IA . 38.09 -13.13 16.75
O1 A1ACJ IA . 36.29 -11.99 16.97
O A1ACJ IA . 40.71 -13.83 17.80
C16 A1ACJ IA . 44.37 -10.91 22.30
C13 A1ACJ IA . 41.61 -10.28 23.63
C12 A1ACJ IA . 41.19 -9.29 24.50
C11 A1ACJ IA . 40.75 -8.08 24.02
C10 A1ACJ IA . 40.77 -7.84 22.66
BR A1ACJ IA . 40.11 -6.19 21.99
C7 A1ACJ IA . 41.22 -8.80 21.77
O2 A1ACJ IA . 41.23 -8.54 20.39
C9 A1ACJ IA . 42.23 -8.03 18.32
O3 A1ACJ IA . 42.01 -9.34 17.80
MG MG JA . 42.27 -15.19 17.60
MG MG KA . 45.44 -14.07 18.93
UNK UNX LA . 59.88 -32.25 11.46
C8 A1ACJ MA . 71.18 -27.52 -0.23
C5 A1ACJ MA . 71.93 -24.33 -0.95
C6 A1ACJ MA . 73.17 -25.14 -0.98
N1 A1ACJ MA . 67.82 -24.75 -7.23
C2 A1ACJ MA . 69.50 -25.87 -6.27
N2 A1ACJ MA . 71.17 -24.32 -2.03
N3 A1ACJ MA . 71.62 -23.61 0.20
C4 A1ACJ MA . 70.00 -23.58 -2.00
O5 A1ACJ MA . 70.24 -22.15 1.27
C15 A1ACJ MA . 70.48 -22.80 0.27
C14 A1ACJ MA . 69.64 -22.83 -0.93
O4 A1ACJ MA . 68.56 -22.04 -0.87
C A1ACJ MA . 69.18 -23.68 -3.25
N A1ACJ MA . 69.64 -24.63 -4.13
C1 A1ACJ MA . 69.10 -24.93 -5.40
C3 A1ACJ MA . 68.04 -24.28 -6.04
O1 A1ACJ MA . 68.76 -25.79 -7.38
O A1ACJ MA . 68.15 -23.05 -3.46
C16 A1ACJ MA . 72.42 -23.74 1.42
C13 A1ACJ MA . 74.41 -24.51 -0.84
C12 A1ACJ MA . 75.58 -25.26 -0.90
C11 A1ACJ MA . 75.53 -26.64 -1.05
C10 A1ACJ MA . 74.29 -27.26 -1.17
BR A1ACJ MA . 74.18 -29.14 -1.36
C7 A1ACJ MA . 73.13 -26.53 -1.17
O2 A1ACJ MA . 71.94 -27.19 -1.42
C9 A1ACJ MA . 69.78 -27.90 -0.67
O3 A1ACJ MA . 69.04 -26.77 -1.14
MG MG NA . 67.39 -21.43 -2.45
MG MG OA . 68.35 -21.28 1.06
#